data_6A8T
#
_entry.id   6A8T
#
_cell.length_a   59.840
_cell.length_b   156.320
_cell.length_c   73.150
_cell.angle_alpha   90.00
_cell.angle_beta   98.88
_cell.angle_gamma   90.00
#
_symmetry.space_group_name_H-M   'P 1 21 1'
#
loop_
_entity.id
_entity.type
_entity.pdbx_description
1 polymer 'Bile salt hydrolase'
2 water water
#
_entity_poly.entity_id   1
_entity_poly.type   'polypeptide(L)'
_entity_poly.pdbx_seq_one_letter_code
;CTAITYVSKDHYFGRNFDYEISYNEVVTITPRNYKFSFREVGNLDHHFAIIGIAAGIADYPLYYDAINEKGLGMAGLNFS
GYADYKKIEEGKENVSPFEFIPWVLGQCSTVDEAKKLLKNLNLVNINFSDELPLSPLHWLLADKEQSIVVESTKEGLRVF
DNPVGVLTNNPTFDYQLFNLNNYRVLSTRTPKNNFSDQIELDIYSRGMGGIGLPGDLSSVSRFVKATFTKLNSVSRSSEY
ESISQFFHILSSVEQQKGLCDVGDEKYAYTIYSSCCNLEKGIYYYRTYDNSQITAVDMNKENLEKDSLIVYPMVETQQIN
YANHHHHHH
;
_entity_poly.pdbx_strand_id   A,B,C,D
#
# COMPACT_ATOMS: atom_id res chain seq x y z
N CYS A 1 16.75 5.22 -13.84
CA CYS A 1 17.61 6.33 -13.36
C CYS A 1 16.82 7.20 -12.38
N THR A 2 17.58 7.82 -11.50
CA THR A 2 17.08 8.85 -10.63
C THR A 2 18.08 10.00 -10.60
N ALA A 3 17.60 11.23 -10.80
CA ALA A 3 18.45 12.42 -10.72
C ALA A 3 17.87 13.39 -9.70
N ILE A 4 18.76 14.07 -8.97
CA ILE A 4 18.37 14.93 -7.85
C ILE A 4 19.31 16.14 -7.78
N THR A 5 18.80 17.22 -7.20
CA THR A 5 19.62 18.28 -6.62
C THR A 5 19.41 18.29 -5.11
N TYR A 6 20.43 18.74 -4.40
CA TYR A 6 20.41 18.81 -2.94
C TYR A 6 21.23 20.03 -2.51
N VAL A 7 20.76 20.75 -1.50
CA VAL A 7 21.55 21.85 -0.96
C VAL A 7 21.88 21.55 0.51
N SER A 8 23.15 21.74 0.84
CA SER A 8 23.68 21.75 2.20
C SER A 8 24.15 23.18 2.49
N LYS A 9 25.43 23.51 2.31
CA LYS A 9 25.79 24.89 1.94
C LYS A 9 25.90 24.96 0.41
N ASP A 10 26.73 24.14 -0.15
CA ASP A 10 26.84 24.12 -1.59
C ASP A 10 25.62 23.44 -2.19
N HIS A 11 25.57 23.46 -3.51
CA HIS A 11 24.51 22.89 -4.28
C HIS A 11 25.04 21.70 -5.08
N TYR A 12 24.33 20.58 -5.00
CA TYR A 12 24.83 19.36 -5.55
C TYR A 12 23.83 18.84 -6.59
N PHE A 13 24.36 18.17 -7.58
CA PHE A 13 23.60 17.64 -8.68
C PHE A 13 24.17 16.28 -9.04
N GLY A 14 23.31 15.30 -9.30
CA GLY A 14 23.85 14.00 -9.68
C GLY A 14 22.76 13.00 -9.93
N ARG A 15 23.16 11.78 -10.28
CA ARG A 15 22.18 10.78 -10.69
C ARG A 15 22.68 9.37 -10.42
N ASN A 16 21.72 8.47 -10.26
CA ASN A 16 21.91 7.05 -10.47
C ASN A 16 21.74 6.74 -11.96
N PHE A 17 22.68 5.98 -12.52
CA PHE A 17 22.62 5.48 -13.89
C PHE A 17 22.26 3.99 -13.85
N ASP A 18 21.02 3.69 -14.24
CA ASP A 18 20.38 2.41 -14.03
C ASP A 18 20.10 1.76 -15.38
N TYR A 19 20.81 0.67 -15.67
CA TYR A 19 20.68 -0.01 -16.96
C TYR A 19 21.28 -1.42 -16.83
N GLU A 20 21.00 -2.30 -17.79
CA GLU A 20 21.35 -3.72 -17.62
C GLU A 20 22.71 -4.05 -18.23
N ILE A 21 23.33 -3.15 -18.97
CA ILE A 21 24.67 -3.42 -19.51
C ILE A 21 25.50 -2.13 -19.45
N SER A 22 26.69 -2.26 -18.87
CA SER A 22 27.68 -1.19 -18.87
C SER A 22 28.44 -1.20 -20.20
N TYR A 23 28.59 -0.03 -20.81
CA TYR A 23 29.45 0.05 -21.97
C TYR A 23 30.80 0.64 -21.55
N ASN A 24 31.09 1.86 -21.98
CA ASN A 24 32.40 2.40 -21.72
C ASN A 24 32.21 3.76 -21.05
N GLU A 25 31.55 3.77 -19.89
CA GLU A 25 31.24 5.03 -19.24
C GLU A 25 32.56 5.63 -18.77
N VAL A 26 32.79 6.91 -19.05
CA VAL A 26 34.04 7.55 -18.70
C VAL A 26 33.73 8.98 -18.25
N VAL A 27 34.53 9.51 -17.32
CA VAL A 27 34.46 10.88 -16.94
C VAL A 27 35.17 11.68 -18.04
N THR A 28 34.46 12.67 -18.57
CA THR A 28 34.96 13.45 -19.69
C THR A 28 34.83 14.93 -19.35
N ILE A 29 35.96 15.65 -19.32
CA ILE A 29 35.97 17.12 -19.30
C ILE A 29 36.08 17.64 -20.74
N THR A 30 35.12 18.48 -21.12
CA THR A 30 35.14 19.27 -22.35
C THR A 30 35.62 20.69 -22.03
N PRO A 31 36.82 21.03 -22.48
CA PRO A 31 37.34 22.36 -22.21
C PRO A 31 36.71 23.40 -23.14
N ARG A 32 37.01 24.67 -22.86
CA ARG A 32 36.31 25.82 -23.41
C ARG A 32 36.47 25.91 -24.93
N ASN A 33 37.61 25.42 -25.46
CA ASN A 33 37.93 25.59 -26.90
C ASN A 33 37.77 24.26 -27.64
N TYR A 34 37.10 23.30 -27.03
CA TYR A 34 36.71 22.16 -27.80
C TYR A 34 35.50 22.58 -28.63
N LYS A 35 35.68 22.68 -29.94
CA LYS A 35 34.64 23.24 -30.78
C LYS A 35 33.45 22.29 -30.78
N PHE A 36 32.28 22.85 -30.55
CA PHE A 36 31.00 22.15 -30.69
C PHE A 36 30.35 22.48 -32.03
N SER A 37 30.32 21.50 -32.92
CA SER A 37 29.62 21.62 -34.19
C SER A 37 28.21 21.02 -34.05
N PHE A 38 27.20 21.79 -34.40
CA PHE A 38 25.83 21.32 -34.31
C PHE A 38 25.29 21.13 -35.73
N ARG A 39 24.56 20.02 -35.94
CA ARG A 39 24.12 19.64 -37.31
C ARG A 39 23.24 20.74 -37.92
N GLU A 40 22.45 21.46 -37.11
CA GLU A 40 21.37 22.35 -37.65
C GLU A 40 21.32 23.70 -36.93
N VAL A 41 22.28 24.02 -36.07
CA VAL A 41 22.34 25.33 -35.43
C VAL A 41 23.79 25.81 -35.48
N GLY A 42 23.97 27.03 -35.01
CA GLY A 42 25.25 27.73 -35.04
C GLY A 42 26.23 27.17 -34.03
N ASN A 43 27.46 26.99 -34.49
CA ASN A 43 28.54 26.32 -33.77
C ASN A 43 29.02 27.18 -32.59
N LEU A 44 29.62 26.52 -31.60
CA LEU A 44 30.25 27.18 -30.46
C LEU A 44 31.73 26.78 -30.42
N ASP A 45 32.61 27.64 -30.95
CA ASP A 45 34.08 27.38 -30.93
C ASP A 45 34.64 27.64 -29.54
N HIS A 46 33.99 28.52 -28.80
CA HIS A 46 34.37 28.83 -27.43
C HIS A 46 33.09 28.79 -26.60
N HIS A 47 33.16 28.14 -25.43
CA HIS A 47 31.96 27.87 -24.63
C HIS A 47 32.39 27.54 -23.20
N PHE A 48 31.43 27.24 -22.34
CA PHE A 48 31.80 26.90 -20.97
C PHE A 48 32.36 25.47 -20.95
N ALA A 49 33.32 25.28 -20.06
CA ALA A 49 33.89 23.99 -19.81
C ALA A 49 32.88 23.13 -19.08
N ILE A 50 32.94 21.84 -19.37
CA ILE A 50 31.97 20.88 -18.86
C ILE A 50 32.71 19.66 -18.29
N ILE A 51 32.13 19.05 -17.27
CA ILE A 51 32.61 17.76 -16.74
C ILE A 51 31.39 16.90 -16.50
N GLY A 52 31.48 15.64 -16.88
CA GLY A 52 30.39 14.70 -16.70
C GLY A 52 30.82 13.32 -17.11
N ILE A 53 29.88 12.37 -17.13
CA ILE A 53 30.20 11.03 -17.57
C ILE A 53 29.54 10.82 -18.93
N ALA A 54 30.30 10.21 -19.85
CA ALA A 54 29.89 10.05 -21.24
C ALA A 54 30.17 8.61 -21.72
N ALA A 55 29.79 8.33 -22.96
CA ALA A 55 29.80 6.96 -23.48
C ALA A 55 31.17 6.55 -24.03
N GLY A 56 32.23 7.33 -23.86
CA GLY A 56 33.55 6.90 -24.28
C GLY A 56 33.58 6.60 -25.78
N ILE A 57 33.57 7.67 -26.58
CA ILE A 57 33.55 7.64 -28.07
C ILE A 57 34.40 8.82 -28.57
N ALA A 58 35.40 8.54 -29.39
CA ALA A 58 36.48 9.51 -29.67
C ALA A 58 35.90 10.86 -30.13
N ASP A 59 34.97 10.81 -31.07
CA ASP A 59 34.66 11.97 -31.90
C ASP A 59 33.78 13.06 -31.31
N TYR A 60 33.14 12.77 -30.16
CA TYR A 60 32.15 13.66 -29.54
C TYR A 60 31.91 13.21 -28.10
N PRO A 61 31.74 14.16 -27.14
CA PRO A 61 31.38 13.81 -25.74
C PRO A 61 29.88 13.51 -25.60
N LEU A 62 29.52 12.23 -25.75
CA LEU A 62 28.12 11.81 -25.64
C LEU A 62 27.70 11.69 -24.16
N TYR A 63 27.34 12.80 -23.52
CA TYR A 63 27.16 12.85 -22.06
C TYR A 63 25.86 12.15 -21.62
N TYR A 64 25.88 11.44 -20.48
CA TYR A 64 24.64 11.01 -19.80
C TYR A 64 24.21 12.10 -18.82
N ASP A 65 25.18 12.85 -18.30
CA ASP A 65 24.92 13.94 -17.41
C ASP A 65 26.22 14.69 -17.26
N ALA A 66 26.11 15.94 -16.79
CA ALA A 66 27.28 16.78 -16.64
C ALA A 66 26.90 18.06 -15.91
N ILE A 67 27.95 18.78 -15.52
CA ILE A 67 27.85 20.14 -14.99
C ILE A 67 28.87 21.01 -15.72
N ASN A 68 28.63 22.33 -15.73
CA ASN A 68 29.56 23.26 -16.37
C ASN A 68 30.29 24.04 -15.29
N GLU A 69 31.24 24.87 -15.73
CA GLU A 69 32.10 25.64 -14.81
C GLU A 69 31.28 26.73 -14.10
N LYS A 70 30.06 26.99 -14.56
CA LYS A 70 29.23 28.07 -14.00
C LYS A 70 28.21 27.51 -12.99
N GLY A 71 28.21 26.20 -12.77
CA GLY A 71 27.32 25.63 -11.75
C GLY A 71 25.94 25.31 -12.29
N LEU A 72 25.85 25.01 -13.58
CA LEU A 72 24.65 24.49 -14.18
C LEU A 72 24.86 22.99 -14.45
N GLY A 73 23.88 22.18 -14.04
CA GLY A 73 23.92 20.75 -14.20
C GLY A 73 22.78 20.26 -15.07
N MET A 74 23.00 19.17 -15.81
CA MET A 74 21.95 18.63 -16.67
C MET A 74 22.13 17.12 -16.79
N ALA A 75 21.02 16.38 -16.86
CA ALA A 75 21.08 14.92 -17.04
C ALA A 75 19.91 14.44 -17.91
N GLY A 76 20.23 13.52 -18.83
CA GLY A 76 19.27 12.71 -19.56
C GLY A 76 18.94 11.44 -18.78
N LEU A 77 17.65 11.20 -18.59
CA LEU A 77 17.14 9.97 -17.99
C LEU A 77 16.18 9.32 -19.00
N ASN A 78 16.14 8.00 -18.97
CA ASN A 78 15.31 7.19 -19.84
C ASN A 78 13.83 7.62 -19.73
N PHE A 79 13.16 7.56 -20.89
CA PHE A 79 11.78 8.05 -21.07
C PHE A 79 11.12 7.28 -22.22
N SER A 80 11.28 5.96 -22.18
CA SER A 80 10.95 5.08 -23.29
C SER A 80 9.45 5.07 -23.55
N GLY A 81 9.07 5.32 -24.80
CA GLY A 81 7.66 5.33 -25.16
C GLY A 81 7.05 6.71 -25.03
N TYR A 82 7.61 7.56 -24.19
CA TYR A 82 7.03 8.89 -23.97
C TYR A 82 7.78 9.93 -24.80
N ALA A 83 9.09 9.80 -24.91
CA ALA A 83 9.90 10.73 -25.67
C ALA A 83 9.42 10.77 -27.14
N ASP A 84 9.35 11.98 -27.68
CA ASP A 84 9.11 12.15 -29.09
C ASP A 84 9.94 13.31 -29.64
N TYR A 85 10.78 12.98 -30.63
CA TYR A 85 11.65 13.94 -31.27
C TYR A 85 11.06 14.28 -32.64
N LYS A 86 11.34 15.47 -33.15
CA LYS A 86 10.50 16.13 -34.15
C LYS A 86 11.25 16.26 -35.49
N LYS A 87 10.47 16.54 -36.53
CA LYS A 87 11.06 16.97 -37.83
C LYS A 87 11.71 18.34 -37.63
N ILE A 88 12.73 18.65 -38.43
CA ILE A 88 13.27 20.03 -38.45
C ILE A 88 12.10 21.01 -38.58
N GLU A 89 12.05 22.04 -37.73
CA GLU A 89 10.99 23.06 -37.82
C GLU A 89 11.63 24.43 -38.02
N GLU A 90 11.22 25.12 -39.09
CA GLU A 90 11.83 26.38 -39.53
C GLU A 90 11.52 27.48 -38.51
N GLY A 91 12.55 28.27 -38.21
CA GLY A 91 12.42 29.36 -37.25
C GLY A 91 12.71 28.94 -35.83
N LYS A 92 12.93 27.65 -35.61
CA LYS A 92 13.31 27.10 -34.29
C LYS A 92 14.82 26.87 -34.26
N GLU A 93 15.36 26.74 -33.05
CA GLU A 93 16.70 26.19 -32.90
C GLU A 93 16.58 24.66 -32.86
N ASN A 94 16.87 24.05 -34.00
CA ASN A 94 16.75 22.62 -34.20
C ASN A 94 17.99 21.90 -33.63
N VAL A 95 17.81 21.17 -32.52
CA VAL A 95 18.94 20.57 -31.77
C VAL A 95 18.66 19.09 -31.48
N SER A 96 19.60 18.22 -31.80
CA SER A 96 19.39 16.79 -31.54
C SER A 96 19.52 16.50 -30.04
N PRO A 97 18.81 15.49 -29.55
CA PRO A 97 19.03 15.03 -28.17
C PRO A 97 20.50 14.78 -27.79
N PHE A 98 21.31 14.23 -28.69
CA PHE A 98 22.70 13.89 -28.38
C PHE A 98 23.53 15.17 -28.21
N GLU A 99 23.11 16.27 -28.86
CA GLU A 99 23.77 17.56 -28.78
C GLU A 99 23.20 18.41 -27.64
N PHE A 100 22.14 17.97 -26.96
CA PHE A 100 21.34 18.87 -26.13
C PHE A 100 22.13 19.30 -24.88
N ILE A 101 22.91 18.40 -24.30
CA ILE A 101 23.64 18.76 -23.07
C ILE A 101 24.74 19.77 -23.41
N PRO A 102 25.53 19.50 -24.46
CA PRO A 102 26.52 20.49 -24.85
C PRO A 102 25.86 21.82 -25.28
N TRP A 103 24.69 21.76 -25.89
CA TRP A 103 24.05 22.97 -26.35
C TRP A 103 23.68 23.86 -25.16
N VAL A 104 23.08 23.30 -24.11
CA VAL A 104 22.63 24.13 -22.98
C VAL A 104 23.84 24.49 -22.12
N LEU A 105 24.58 23.49 -21.67
CA LEU A 105 25.66 23.74 -20.69
C LEU A 105 26.76 24.61 -21.32
N GLY A 106 26.96 24.46 -22.62
CA GLY A 106 28.00 25.23 -23.33
C GLY A 106 27.77 26.74 -23.25
N GLN A 107 26.51 27.19 -23.25
CA GLN A 107 26.23 28.65 -23.31
C GLN A 107 25.34 29.15 -22.17
N CYS A 108 24.94 28.29 -21.23
CA CYS A 108 24.07 28.76 -20.14
C CYS A 108 24.81 28.67 -18.80
N SER A 109 24.72 29.78 -18.07
CA SER A 109 25.34 29.90 -16.74
CA SER A 109 25.33 29.93 -16.74
C SER A 109 24.30 29.67 -15.64
N THR A 110 23.01 29.83 -15.96
CA THR A 110 21.90 29.64 -14.99
C THR A 110 20.72 28.91 -15.65
N VAL A 111 19.85 28.35 -14.82
CA VAL A 111 18.61 27.76 -15.29
C VAL A 111 17.75 28.83 -16.00
N ASP A 112 17.73 30.04 -15.50
CA ASP A 112 16.97 31.12 -16.15
C ASP A 112 17.44 31.37 -17.55
N GLU A 113 18.75 31.32 -17.76
CA GLU A 113 19.32 31.43 -19.11
C GLU A 113 18.90 30.23 -19.94
N ALA A 114 18.83 29.05 -19.33
CA ALA A 114 18.35 27.85 -20.05
C ALA A 114 16.88 27.98 -20.43
N LYS A 115 16.06 28.56 -19.54
CA LYS A 115 14.62 28.76 -19.81
C LYS A 115 14.44 29.61 -21.07
N LYS A 116 15.19 30.71 -21.17
CA LYS A 116 15.07 31.60 -22.31
CA LYS A 116 15.10 31.62 -22.31
C LYS A 116 15.56 30.87 -23.57
N LEU A 117 16.70 30.21 -23.47
CA LEU A 117 17.19 29.44 -24.61
C LEU A 117 16.13 28.42 -25.06
N LEU A 118 15.48 27.72 -24.13
CA LEU A 118 14.59 26.60 -24.48
C LEU A 118 13.29 27.07 -25.16
N LYS A 119 12.94 28.35 -25.07
CA LYS A 119 11.73 28.89 -25.72
C LYS A 119 11.77 28.54 -27.22
N ASN A 120 12.96 28.56 -27.82
CA ASN A 120 13.09 28.45 -29.25
C ASN A 120 13.50 27.02 -29.67
N LEU A 121 13.52 26.08 -28.72
CA LEU A 121 14.06 24.76 -28.98
C LEU A 121 13.06 23.92 -29.75
N ASN A 122 13.58 23.14 -30.70
CA ASN A 122 12.89 21.98 -31.27
C ASN A 122 13.89 20.82 -31.27
N LEU A 123 13.59 19.77 -30.49
CA LEU A 123 14.51 18.61 -30.40
C LEU A 123 14.26 17.67 -31.58
N VAL A 124 15.26 17.48 -32.43
CA VAL A 124 15.06 16.88 -33.76
C VAL A 124 15.64 15.45 -33.80
N ASN A 125 15.07 14.63 -34.66
CA ASN A 125 15.26 13.18 -34.63
C ASN A 125 16.47 12.78 -35.47
N ILE A 126 17.62 13.37 -35.19
CA ILE A 126 18.88 13.11 -35.90
C ILE A 126 19.81 12.33 -34.97
N ASN A 127 20.17 11.11 -35.36
CA ASN A 127 21.16 10.28 -34.64
C ASN A 127 22.55 10.91 -34.73
N PHE A 128 23.40 10.58 -33.76
CA PHE A 128 24.82 10.86 -33.88
C PHE A 128 25.40 10.08 -35.08
N SER A 129 24.94 8.86 -35.32
CA SER A 129 25.44 8.06 -36.43
C SER A 129 24.52 6.86 -36.65
N ASP A 130 24.76 6.12 -37.73
CA ASP A 130 23.91 4.97 -38.07
C ASP A 130 24.11 3.85 -37.06
N GLU A 131 25.28 3.78 -36.46
CA GLU A 131 25.53 2.72 -35.51
C GLU A 131 25.02 3.14 -34.12
N LEU A 132 24.65 4.40 -33.94
CA LEU A 132 24.47 4.96 -32.60
C LEU A 132 23.19 5.82 -32.53
N PRO A 133 22.01 5.18 -32.58
CA PRO A 133 20.75 5.91 -32.73
C PRO A 133 20.31 6.55 -31.42
N LEU A 134 19.39 7.50 -31.50
CA LEU A 134 18.98 8.26 -30.33
C LEU A 134 18.27 7.34 -29.31
N SER A 135 18.46 7.69 -28.05
CA SER A 135 17.72 7.11 -26.95
C SER A 135 16.52 8.00 -26.64
N PRO A 136 15.42 7.40 -26.19
CA PRO A 136 14.29 8.19 -25.68
C PRO A 136 14.61 8.71 -24.26
N LEU A 137 14.61 10.03 -24.11
CA LEU A 137 15.05 10.67 -22.85
C LEU A 137 14.13 11.84 -22.47
N HIS A 138 14.25 12.27 -21.20
CA HIS A 138 13.88 13.63 -20.74
C HIS A 138 14.95 14.16 -19.78
N TRP A 139 14.85 15.42 -19.38
CA TRP A 139 15.99 16.06 -18.77
C TRP A 139 15.61 16.82 -17.50
N LEU A 140 16.53 16.74 -16.53
CA LEU A 140 16.57 17.60 -15.36
C LEU A 140 17.77 18.54 -15.53
N LEU A 141 17.51 19.83 -15.39
CA LEU A 141 18.52 20.89 -15.36
C LEU A 141 18.45 21.51 -13.98
N ALA A 142 19.57 21.96 -13.44
CA ALA A 142 19.53 22.61 -12.13
C ALA A 142 20.75 23.51 -11.89
N ASP A 143 20.51 24.56 -11.12
CA ASP A 143 21.56 25.46 -10.65
C ASP A 143 21.25 25.68 -9.17
N LYS A 144 22.02 26.55 -8.53
CA LYS A 144 21.84 26.85 -7.12
C LYS A 144 20.49 27.52 -6.83
N GLU A 145 19.72 27.94 -7.82
CA GLU A 145 18.45 28.68 -7.56
C GLU A 145 17.24 27.76 -7.72
N GLN A 146 17.27 26.78 -8.61
CA GLN A 146 16.04 26.06 -8.99
C GLN A 146 16.41 24.87 -9.88
N SER A 147 15.41 24.04 -10.17
CA SER A 147 15.56 23.06 -11.25
C SER A 147 14.32 23.07 -12.13
N ILE A 148 14.50 22.60 -13.33
CA ILE A 148 13.41 22.47 -14.29
C ILE A 148 13.53 21.07 -14.88
N VAL A 149 12.47 20.66 -15.56
CA VAL A 149 12.39 19.41 -16.26
C VAL A 149 11.98 19.71 -17.71
N VAL A 150 12.64 19.07 -18.67
CA VAL A 150 12.31 19.24 -20.08
C VAL A 150 11.80 17.91 -20.65
N GLU A 151 10.59 17.94 -21.18
CA GLU A 151 9.98 16.75 -21.80
C GLU A 151 9.46 17.10 -23.20
N SER A 152 10.05 16.46 -24.22
CA SER A 152 9.51 16.48 -25.56
C SER A 152 8.74 15.18 -25.78
N THR A 153 7.41 15.33 -25.82
CA THR A 153 6.42 14.25 -26.06
C THR A 153 5.62 14.53 -27.33
N LYS A 154 4.77 13.57 -27.70
CA LYS A 154 4.01 13.68 -28.96
C LYS A 154 3.17 14.97 -28.95
N GLU A 155 2.60 15.35 -27.81
CA GLU A 155 1.82 16.60 -27.75
C GLU A 155 2.75 17.81 -27.92
N GLY A 156 4.02 17.72 -27.49
CA GLY A 156 5.03 18.75 -27.79
C GLY A 156 6.08 18.90 -26.70
N LEU A 157 6.68 20.07 -26.64
CA LEU A 157 7.81 20.35 -25.76
C LEU A 157 7.31 21.12 -24.53
N ARG A 158 7.45 20.57 -23.32
CA ARG A 158 7.09 21.34 -22.11
C ARG A 158 8.36 21.61 -21.26
N VAL A 159 8.42 22.77 -20.61
CA VAL A 159 9.45 23.04 -19.61
C VAL A 159 8.77 23.25 -18.26
N PHE A 160 8.99 22.32 -17.31
CA PHE A 160 8.35 22.41 -15.99
C PHE A 160 9.33 22.92 -14.95
N ASP A 161 8.85 23.81 -14.08
CA ASP A 161 9.55 24.11 -12.86
C ASP A 161 9.43 22.82 -11.99
N ASN A 162 10.55 22.44 -11.36
CA ASN A 162 10.62 21.24 -10.56
C ASN A 162 10.75 21.61 -9.08
N PRO A 163 9.64 21.67 -8.33
CA PRO A 163 9.72 22.21 -6.96
C PRO A 163 10.37 21.26 -5.94
N VAL A 164 10.59 19.99 -6.32
CA VAL A 164 11.18 18.96 -5.43
C VAL A 164 12.62 18.60 -5.87
N GLY A 165 13.07 19.05 -7.05
CA GLY A 165 14.42 18.75 -7.52
C GLY A 165 14.70 17.26 -7.69
N VAL A 166 13.76 16.51 -8.27
CA VAL A 166 13.91 15.05 -8.48
C VAL A 166 13.32 14.69 -9.85
N LEU A 167 13.90 13.68 -10.52
CA LEU A 167 13.37 13.12 -11.76
C LEU A 167 13.74 11.65 -11.85
N THR A 168 12.81 10.82 -12.31
CA THR A 168 13.09 9.44 -12.65
C THR A 168 12.69 9.20 -14.11
N ASN A 169 11.88 8.17 -14.35
CA ASN A 169 11.60 7.76 -15.71
C ASN A 169 10.16 8.14 -16.05
N ASN A 170 9.39 7.26 -16.70
CA ASN A 170 8.01 7.57 -17.07
C ASN A 170 7.15 7.68 -15.80
N PRO A 171 5.99 8.35 -15.88
CA PRO A 171 5.36 9.05 -17.00
C PRO A 171 5.78 10.54 -16.99
N THR A 172 4.90 11.44 -17.43
CA THR A 172 5.22 12.86 -17.60
C THR A 172 5.31 13.52 -16.22
N PHE A 173 6.07 14.60 -16.15
CA PHE A 173 6.48 15.14 -14.88
C PHE A 173 5.26 15.67 -14.11
N ASP A 174 4.27 16.18 -14.84
CA ASP A 174 3.01 16.59 -14.22
C ASP A 174 2.35 15.46 -13.43
N TYR A 175 2.32 14.22 -13.97
CA TYR A 175 1.73 13.09 -13.22
C TYR A 175 2.54 12.84 -11.93
N GLN A 176 3.85 12.76 -12.11
CA GLN A 176 4.82 12.51 -11.02
C GLN A 176 4.60 13.50 -9.88
N LEU A 177 4.54 14.79 -10.20
CA LEU A 177 4.26 15.83 -9.19
C LEU A 177 2.92 15.56 -8.53
N PHE A 178 1.88 15.34 -9.34
CA PHE A 178 0.55 15.15 -8.80
C PHE A 178 0.55 14.01 -7.78
N ASN A 179 1.20 12.90 -8.12
CA ASN A 179 1.13 11.64 -7.33
C ASN A 179 1.65 11.88 -5.90
N LEU A 180 2.61 12.79 -5.72
CA LEU A 180 3.11 13.16 -4.39
C LEU A 180 1.96 13.54 -3.45
N ASN A 181 0.89 14.11 -4.00
CA ASN A 181 -0.27 14.55 -3.24
C ASN A 181 -0.80 13.43 -2.33
N ASN A 182 -0.60 12.19 -2.80
CA ASN A 182 -1.13 11.01 -2.15
C ASN A 182 -0.32 10.63 -0.92
N TYR A 183 0.84 11.21 -0.78
CA TYR A 183 1.84 10.91 0.28
C TYR A 183 1.91 12.03 1.33
N ARG A 184 0.93 12.93 1.35
CA ARG A 184 0.92 14.07 2.29
C ARG A 184 1.08 13.60 3.76
N VAL A 185 0.47 12.50 4.15
CA VAL A 185 0.53 12.02 5.56
C VAL A 185 1.91 11.49 5.96
N LEU A 186 2.85 11.06 5.06
CA LEU A 186 4.14 10.51 5.49
C LEU A 186 4.87 11.53 6.38
N SER A 187 5.61 10.99 7.35
CA SER A 187 6.25 11.83 8.37
C SER A 187 7.57 11.18 8.82
N THR A 188 8.47 12.00 9.33
CA THR A 188 9.71 11.54 9.94
C THR A 188 9.47 11.18 11.41
N ARG A 189 8.30 11.56 11.95
CA ARG A 189 7.97 11.40 13.35
C ARG A 189 6.86 10.37 13.53
N THR A 190 6.77 9.84 14.74
CA THR A 190 5.80 8.81 15.06
C THR A 190 4.40 9.39 14.93
N PRO A 191 3.52 8.75 14.15
CA PRO A 191 2.18 9.31 14.06
C PRO A 191 1.39 9.08 15.36
N LYS A 192 0.44 9.97 15.58
CA LYS A 192 -0.56 9.79 16.59
C LYS A 192 -1.51 8.67 16.18
N ASN A 193 -2.16 8.10 17.19
CA ASN A 193 -3.22 7.13 16.92
C ASN A 193 -4.49 7.91 16.51
N ASN A 194 -4.64 8.15 15.21
CA ASN A 194 -5.85 8.76 14.66
C ASN A 194 -6.87 7.67 14.35
N PHE A 195 -6.46 6.41 14.23
CA PHE A 195 -7.32 5.30 13.81
C PHE A 195 -8.58 5.21 14.70
N SER A 196 -8.40 5.11 16.01
CA SER A 196 -9.51 5.21 16.97
C SER A 196 -8.98 5.60 18.36
N ASP A 197 -9.66 6.52 19.02
CA ASP A 197 -9.38 6.84 20.41
C ASP A 197 -9.99 5.79 21.36
N GLN A 198 -10.80 4.87 20.84
CA GLN A 198 -11.38 3.82 21.64
C GLN A 198 -10.38 2.66 21.86
N ILE A 199 -9.30 2.54 21.10
CA ILE A 199 -8.34 1.42 21.35
C ILE A 199 -6.91 1.97 21.47
N GLU A 200 -6.05 1.25 22.18
CA GLU A 200 -4.65 1.62 22.25
C GLU A 200 -3.87 0.81 21.20
N LEU A 201 -3.16 1.51 20.32
CA LEU A 201 -2.27 0.86 19.36
C LEU A 201 -0.83 1.11 19.78
N ASP A 202 0.01 0.09 19.74
CA ASP A 202 1.35 0.21 20.31
C ASP A 202 2.36 0.65 19.25
N ILE A 203 3.20 1.60 19.64
CA ILE A 203 4.30 2.01 18.82
C ILE A 203 5.42 0.98 19.00
N TYR A 204 5.38 -0.08 18.19
CA TYR A 204 6.23 -1.24 18.42
C TYR A 204 7.56 -1.06 17.67
N SER A 205 7.63 -0.07 16.83
CA SER A 205 8.83 0.21 16.01
C SER A 205 9.06 1.71 15.88
N ARG A 206 10.30 2.01 15.51
CA ARG A 206 10.77 3.38 15.18
C ARG A 206 10.61 3.53 13.66
N GLY A 207 10.40 4.74 13.18
CA GLY A 207 10.18 4.99 11.74
C GLY A 207 8.76 4.64 11.27
N MET A 208 7.76 4.61 12.12
CA MET A 208 6.38 4.23 11.67
C MET A 208 5.73 5.39 10.94
N GLY A 209 6.30 6.58 11.04
CA GLY A 209 5.74 7.72 10.32
C GLY A 209 5.87 7.58 8.82
N GLY A 210 6.87 6.84 8.33
CA GLY A 210 7.06 6.62 6.89
C GLY A 210 6.21 5.49 6.29
N ILE A 211 5.44 4.75 7.09
CA ILE A 211 4.71 3.58 6.56
C ILE A 211 3.80 4.05 5.41
N GLY A 212 3.87 3.30 4.30
CA GLY A 212 3.17 3.67 3.07
C GLY A 212 4.11 4.20 1.99
N LEU A 213 5.39 4.36 2.31
CA LEU A 213 6.41 4.80 1.35
C LEU A 213 6.80 3.63 0.46
N PRO A 214 6.67 3.78 -0.87
CA PRO A 214 6.92 2.58 -1.64
C PRO A 214 8.43 2.26 -1.69
N GLY A 215 8.77 0.99 -1.62
CA GLY A 215 10.17 0.60 -1.67
C GLY A 215 10.52 -0.16 -2.94
N ASP A 216 9.65 -0.24 -3.96
CA ASP A 216 10.01 -1.00 -5.18
C ASP A 216 10.87 -0.17 -6.15
N LEU A 217 11.38 -0.81 -7.23
CA LEU A 217 12.36 -0.19 -8.14
C LEU A 217 11.68 0.48 -9.34
N SER A 218 10.35 0.50 -9.39
CA SER A 218 9.63 1.16 -10.50
C SER A 218 9.85 2.67 -10.47
N SER A 219 9.48 3.34 -11.58
CA SER A 219 9.80 4.74 -11.83
C SER A 219 9.07 5.68 -10.87
N VAL A 220 7.80 5.45 -10.67
CA VAL A 220 6.99 6.35 -9.85
C VAL A 220 7.38 6.19 -8.36
N SER A 221 7.50 4.94 -7.90
CA SER A 221 7.86 4.64 -6.50
C SER A 221 9.21 5.27 -6.15
N ARG A 222 10.17 5.14 -7.08
CA ARG A 222 11.53 5.69 -6.87
C ARG A 222 11.44 7.21 -6.80
N PHE A 223 10.57 7.80 -7.61
CA PHE A 223 10.34 9.23 -7.54
C PHE A 223 9.84 9.63 -6.15
N VAL A 224 8.83 8.93 -5.64
CA VAL A 224 8.27 9.26 -4.30
C VAL A 224 9.32 9.11 -3.20
N LYS A 225 10.05 8.00 -3.18
CA LYS A 225 11.01 7.73 -2.09
C LYS A 225 12.24 8.63 -2.25
N ALA A 226 12.63 9.01 -3.46
CA ALA A 226 13.80 9.88 -3.54
C ALA A 226 13.39 11.24 -2.98
N THR A 227 12.16 11.62 -3.31
CA THR A 227 11.69 12.93 -2.96
C THR A 227 11.62 13.03 -1.43
N PHE A 228 10.92 12.09 -0.85
CA PHE A 228 10.77 12.05 0.61
C PHE A 228 12.14 12.02 1.29
N THR A 229 13.08 11.26 0.70
CA THR A 229 14.39 11.06 1.33
C THR A 229 15.20 12.37 1.25
N LYS A 230 15.20 12.96 0.06
CA LYS A 230 15.88 14.22 -0.23
C LYS A 230 15.29 15.35 0.63
N LEU A 231 13.97 15.54 0.63
CA LEU A 231 13.38 16.73 1.29
C LEU A 231 13.55 16.66 2.82
N ASN A 232 13.65 15.45 3.39
CA ASN A 232 13.71 15.31 4.83
C ASN A 232 15.14 15.05 5.31
N SER A 233 16.08 14.94 4.36
CA SER A 233 17.51 14.73 4.65
C SER A 233 18.06 15.86 5.53
N VAL A 234 19.02 15.53 6.39
CA VAL A 234 19.79 16.56 7.11
C VAL A 234 21.29 16.28 6.92
N SER A 235 22.11 17.34 6.90
CA SER A 235 23.59 17.22 6.84
C SER A 235 24.27 18.52 7.25
N ARG A 236 25.49 18.34 7.74
CA ARG A 236 26.39 19.46 8.07
C ARG A 236 26.80 20.12 6.76
N SER A 237 27.31 21.33 6.82
CA SER A 237 27.68 22.08 5.65
C SER A 237 29.03 21.60 5.12
N SER A 238 29.81 20.95 5.96
CA SER A 238 31.11 20.42 5.54
C SER A 238 30.91 19.54 4.29
N GLU A 239 31.86 19.59 3.37
CA GLU A 239 31.76 18.88 2.08
C GLU A 239 31.56 17.37 2.28
N TYR A 240 32.34 16.77 3.18
CA TYR A 240 32.35 15.30 3.27
C TYR A 240 30.99 14.84 3.79
N GLU A 241 30.46 15.60 4.73
CA GLU A 241 29.19 15.30 5.33
C GLU A 241 28.10 15.47 4.26
N SER A 242 28.22 16.53 3.48
CA SER A 242 27.20 16.84 2.49
C SER A 242 27.17 15.76 1.40
N ILE A 243 28.32 15.38 0.85
CA ILE A 243 28.27 14.37 -0.25
C ILE A 243 27.93 13.01 0.35
N SER A 244 28.31 12.79 1.61
CA SER A 244 27.89 11.57 2.23
C SER A 244 26.35 11.47 2.18
N GLN A 245 25.67 12.51 2.69
CA GLN A 245 24.20 12.51 2.70
C GLN A 245 23.65 12.35 1.28
N PHE A 246 24.24 13.02 0.31
CA PHE A 246 23.75 12.96 -1.08
C PHE A 246 23.79 11.51 -1.58
N PHE A 247 24.88 10.83 -1.34
CA PHE A 247 25.05 9.46 -1.81
C PHE A 247 24.12 8.48 -1.07
N HIS A 248 23.77 8.80 0.16
CA HIS A 248 22.74 8.02 0.89
C HIS A 248 21.37 8.22 0.20
N ILE A 249 21.09 9.45 -0.25
CA ILE A 249 19.81 9.70 -0.97
C ILE A 249 19.77 8.79 -2.20
N LEU A 250 20.83 8.80 -2.98
CA LEU A 250 20.86 7.99 -4.20
C LEU A 250 20.82 6.49 -3.86
N SER A 251 21.50 6.12 -2.79
CA SER A 251 21.42 4.76 -2.33
C SER A 251 19.97 4.33 -2.04
N SER A 252 19.14 5.24 -1.51
CA SER A 252 17.78 4.92 -1.10
C SER A 252 16.95 4.40 -2.27
N VAL A 253 17.34 4.66 -3.52
CA VAL A 253 16.51 4.23 -4.68
C VAL A 253 17.35 3.49 -5.74
N GLU A 254 18.53 2.99 -5.38
CA GLU A 254 19.39 2.30 -6.38
C GLU A 254 18.80 0.92 -6.70
N GLN A 255 19.27 0.34 -7.80
CA GLN A 255 18.75 -0.94 -8.25
C GLN A 255 19.83 -2.01 -8.06
N GLN A 256 19.48 -3.02 -7.26
CA GLN A 256 20.39 -4.09 -6.92
C GLN A 256 20.21 -5.18 -7.97
N LYS A 257 21.33 -5.71 -8.44
CA LYS A 257 21.32 -6.77 -9.44
C LYS A 257 20.54 -7.98 -8.95
N GLY A 258 19.63 -8.45 -9.79
CA GLY A 258 18.77 -9.59 -9.47
C GLY A 258 17.33 -9.16 -9.19
N LEU A 259 17.13 -7.89 -8.85
CA LEU A 259 15.82 -7.45 -8.41
C LEU A 259 14.99 -6.85 -9.55
N CYS A 260 15.62 -6.40 -10.62
CA CYS A 260 14.86 -5.86 -11.77
C CYS A 260 15.26 -6.61 -13.05
N ASP A 261 14.51 -7.65 -13.33
CA ASP A 261 14.67 -8.45 -14.54
C ASP A 261 13.91 -7.78 -15.69
N VAL A 262 14.62 -7.36 -16.74
CA VAL A 262 13.99 -6.58 -17.82
C VAL A 262 13.65 -7.50 -19.01
N GLY A 263 13.80 -8.82 -18.80
CA GLY A 263 13.61 -9.79 -19.85
C GLY A 263 14.71 -10.84 -19.81
N ASP A 264 14.26 -12.10 -19.71
CA ASP A 264 15.06 -13.32 -19.45
C ASP A 264 16.40 -13.13 -18.74
N GLU A 265 16.26 -12.78 -17.46
CA GLU A 265 17.36 -12.66 -16.48
C GLU A 265 18.45 -11.67 -16.94
N LYS A 266 18.10 -10.61 -17.66
CA LYS A 266 19.00 -9.47 -17.85
C LYS A 266 18.61 -8.42 -16.80
N TYR A 267 19.55 -8.06 -15.92
CA TYR A 267 19.20 -7.31 -14.72
C TYR A 267 19.64 -5.85 -14.83
N ALA A 268 18.70 -4.94 -14.61
CA ALA A 268 19.01 -3.51 -14.53
C ALA A 268 19.58 -3.23 -13.13
N TYR A 269 20.69 -2.47 -13.06
CA TYR A 269 21.33 -2.08 -11.78
C TYR A 269 21.89 -0.66 -11.88
N THR A 270 22.20 -0.10 -10.72
CA THR A 270 22.77 1.22 -10.63
C THR A 270 24.27 1.13 -10.92
N ILE A 271 24.63 1.23 -12.21
CA ILE A 271 26.01 1.08 -12.72
C ILE A 271 26.93 2.11 -12.05
N TYR A 272 26.51 3.36 -11.99
CA TYR A 272 27.21 4.38 -11.22
C TYR A 272 26.18 5.30 -10.57
N SER A 273 26.61 5.99 -9.52
CA SER A 273 25.89 7.06 -8.85
C SER A 273 26.83 8.26 -8.77
N SER A 274 26.39 9.42 -9.24
CA SER A 274 27.24 10.59 -9.24
C SER A 274 26.70 11.63 -8.26
N CYS A 275 27.63 12.45 -7.82
CA CYS A 275 27.32 13.66 -7.05
C CYS A 275 28.28 14.76 -7.50
N CYS A 276 27.73 15.89 -7.93
CA CYS A 276 28.53 16.99 -8.45
C CYS A 276 28.34 18.22 -7.57
N ASN A 277 29.43 18.80 -7.08
CA ASN A 277 29.35 20.09 -6.37
C ASN A 277 29.37 21.21 -7.42
N LEU A 278 28.25 21.91 -7.58
CA LEU A 278 28.08 22.93 -8.65
C LEU A 278 29.03 24.12 -8.46
N GLU A 279 29.21 24.53 -7.21
CA GLU A 279 30.11 25.63 -6.86
C GLU A 279 31.57 25.24 -7.13
N LYS A 280 32.02 24.05 -6.72
CA LYS A 280 33.44 23.69 -6.81
C LYS A 280 33.77 22.94 -8.10
N GLY A 281 32.81 22.66 -8.97
CA GLY A 281 33.08 21.94 -10.23
C GLY A 281 33.76 20.61 -10.00
N ILE A 282 33.28 19.85 -9.00
CA ILE A 282 33.85 18.51 -8.70
C ILE A 282 32.80 17.46 -9.01
N TYR A 283 33.20 16.46 -9.80
CA TYR A 283 32.37 15.29 -10.16
C TYR A 283 32.83 14.09 -9.33
N TYR A 284 32.03 13.74 -8.32
CA TYR A 284 32.27 12.59 -7.44
C TYR A 284 31.39 11.44 -7.91
N TYR A 285 31.89 10.22 -7.80
CA TYR A 285 31.06 9.04 -8.14
C TYR A 285 31.43 7.81 -7.30
N ARG A 286 30.43 6.95 -7.14
CA ARG A 286 30.59 5.56 -6.77
C ARG A 286 30.12 4.68 -7.93
N THR A 287 30.58 3.44 -7.98
CA THR A 287 30.12 2.49 -9.01
C THR A 287 29.52 1.29 -8.29
N TYR A 288 28.79 0.44 -9.02
CA TYR A 288 28.16 -0.72 -8.36
C TYR A 288 29.20 -1.54 -7.57
N ASP A 289 30.39 -1.77 -8.13
CA ASP A 289 31.42 -2.58 -7.45
C ASP A 289 32.59 -1.76 -6.89
N ASN A 290 32.37 -0.46 -6.73
CA ASN A 290 33.33 0.34 -5.94
C ASN A 290 32.53 1.34 -5.09
N SER A 291 32.56 1.12 -3.79
CA SER A 291 31.85 1.90 -2.78
C SER A 291 32.63 3.14 -2.35
N GLN A 292 33.95 3.16 -2.51
CA GLN A 292 34.70 4.36 -2.24
C GLN A 292 34.28 5.44 -3.23
N ILE A 293 34.15 6.65 -2.72
CA ILE A 293 33.82 7.83 -3.50
C ILE A 293 35.09 8.31 -4.22
N THR A 294 35.00 8.46 -5.56
CA THR A 294 36.07 9.03 -6.40
C THR A 294 35.71 10.46 -6.88
N ALA A 295 36.65 11.40 -6.74
CA ALA A 295 36.51 12.82 -7.14
C ALA A 295 37.35 13.17 -8.38
N VAL A 296 36.70 13.77 -9.36
CA VAL A 296 37.38 14.38 -10.50
C VAL A 296 36.97 15.86 -10.52
N ASP A 297 37.96 16.74 -10.42
CA ASP A 297 37.77 18.16 -10.19
C ASP A 297 38.12 18.83 -11.50
N MET A 298 37.15 19.47 -12.13
CA MET A 298 37.37 20.00 -13.50
C MET A 298 38.44 21.11 -13.44
N ASN A 299 38.57 21.78 -12.32
CA ASN A 299 39.47 22.91 -12.17
C ASN A 299 40.93 22.47 -12.12
N LYS A 300 41.25 21.19 -11.96
CA LYS A 300 42.64 20.76 -12.03
C LYS A 300 43.04 20.50 -13.49
N GLU A 301 42.10 20.56 -14.45
CA GLU A 301 42.49 20.40 -15.86
C GLU A 301 42.82 21.78 -16.45
N ASN A 302 43.44 21.80 -17.62
CA ASN A 302 43.62 23.07 -18.35
C ASN A 302 42.35 23.31 -19.17
N LEU A 303 41.48 24.21 -18.71
CA LEU A 303 40.17 24.28 -19.34
C LEU A 303 40.21 25.17 -20.60
N GLU A 304 41.40 25.67 -20.97
CA GLU A 304 41.58 26.42 -22.24
C GLU A 304 41.96 25.47 -23.40
N LYS A 305 42.18 24.21 -23.10
CA LYS A 305 42.51 23.24 -24.13
C LYS A 305 41.35 23.13 -25.13
N ASP A 306 41.59 22.36 -26.20
CA ASP A 306 40.55 22.06 -27.19
C ASP A 306 40.40 20.56 -27.55
N SER A 307 40.92 19.69 -26.70
CA SER A 307 40.72 18.24 -26.80
C SER A 307 39.98 17.72 -25.56
N LEU A 308 39.23 16.64 -25.77
CA LEU A 308 38.58 15.97 -24.67
C LEU A 308 39.64 15.41 -23.70
N ILE A 309 39.38 15.56 -22.40
CA ILE A 309 40.16 14.94 -21.32
C ILE A 309 39.31 13.83 -20.71
N VAL A 310 39.75 12.58 -20.86
CA VAL A 310 38.96 11.39 -20.54
C VAL A 310 39.64 10.59 -19.41
N TYR A 311 38.88 10.19 -18.40
CA TYR A 311 39.37 9.38 -17.31
C TYR A 311 38.60 8.07 -17.28
N PRO A 312 39.30 6.94 -17.16
CA PRO A 312 38.60 5.69 -16.92
C PRO A 312 37.94 5.78 -15.54
N MET A 313 36.82 5.10 -15.35
CA MET A 313 36.15 5.04 -14.06
C MET A 313 36.79 3.97 -13.15
N VAL A 314 36.99 4.28 -11.88
CA VAL A 314 37.51 3.31 -10.92
C VAL A 314 36.33 2.42 -10.48
N GLU A 315 36.32 1.18 -10.99
CA GLU A 315 35.14 0.32 -11.06
C GLU A 315 35.22 -0.90 -10.12
N THR A 316 36.36 -1.13 -9.44
CA THR A 316 36.50 -2.30 -8.55
C THR A 316 36.70 -1.78 -7.15
N GLN A 317 36.43 -2.59 -6.14
CA GLN A 317 36.46 -2.11 -4.75
C GLN A 317 37.87 -1.60 -4.37
N GLN A 318 37.91 -0.38 -3.87
CA GLN A 318 39.13 0.22 -3.35
C GLN A 318 39.01 0.16 -1.83
N ILE A 319 39.59 -0.88 -1.26
CA ILE A 319 39.40 -1.27 0.13
C ILE A 319 40.62 -0.89 0.95
N ASN A 320 40.35 -0.38 2.15
CA ASN A 320 41.36 -0.06 3.14
C ASN A 320 41.61 -1.29 4.02
N TYR A 321 42.69 -2.00 3.76
CA TYR A 321 43.11 -3.10 4.63
C TYR A 321 43.83 -2.50 5.84
N ALA A 322 43.10 -2.32 6.94
CA ALA A 322 43.61 -1.51 8.02
C ALA A 322 44.48 -2.32 9.01
N ASN A 323 44.70 -3.64 8.88
CA ASN A 323 45.48 -4.33 9.95
C ASN A 323 46.45 -5.39 9.38
N CYS B 1 18.01 -1.80 13.24
CA CYS B 1 19.07 -2.75 12.83
C CYS B 1 18.49 -3.82 11.89
N THR B 2 19.32 -4.31 11.00
CA THR B 2 19.00 -5.40 10.08
C THR B 2 20.23 -6.31 9.99
N ALA B 3 20.08 -7.59 10.28
CA ALA B 3 21.20 -8.53 10.08
C ALA B 3 20.83 -9.48 8.93
N ILE B 4 21.81 -9.85 8.13
CA ILE B 4 21.54 -10.74 7.00
C ILE B 4 22.66 -11.77 6.88
N THR B 5 22.35 -12.86 6.17
CA THR B 5 23.34 -13.71 5.56
C THR B 5 23.15 -13.68 4.05
N TYR B 6 24.21 -14.07 3.36
CA TYR B 6 24.23 -14.04 1.90
C TYR B 6 25.32 -15.02 1.45
N VAL B 7 25.00 -15.81 0.44
CA VAL B 7 25.89 -16.78 -0.11
C VAL B 7 26.28 -16.30 -1.51
N SER B 8 27.56 -16.17 -1.76
CA SER B 8 28.03 -15.96 -3.10
C SER B 8 28.87 -17.18 -3.49
N LYS B 9 30.15 -17.15 -3.16
CA LYS B 9 30.94 -18.38 -3.12
C LYS B 9 31.30 -18.65 -1.67
N ASP B 10 31.91 -17.67 -1.04
CA ASP B 10 31.99 -17.68 0.41
C ASP B 10 30.61 -17.38 0.97
N HIS B 11 30.51 -17.39 2.29
CA HIS B 11 29.31 -17.14 3.05
C HIS B 11 29.55 -15.91 3.93
N TYR B 12 28.57 -15.02 3.98
CA TYR B 12 28.75 -13.74 4.58
C TYR B 12 27.71 -13.49 5.69
N PHE B 13 28.09 -12.70 6.69
CA PHE B 13 27.21 -12.37 7.82
C PHE B 13 27.43 -10.91 8.17
N GLY B 14 26.41 -10.17 8.56
CA GLY B 14 26.62 -8.75 8.85
C GLY B 14 25.31 -8.00 9.10
N ARG B 15 25.43 -6.69 9.34
CA ARG B 15 24.27 -5.93 9.82
C ARG B 15 24.46 -4.41 9.70
N ASN B 16 23.35 -3.72 9.57
CA ASN B 16 23.28 -2.31 9.86
C ASN B 16 23.10 -2.09 11.36
N PHE B 17 23.94 -1.26 11.97
CA PHE B 17 23.72 -0.80 13.33
C PHE B 17 23.03 0.56 13.27
N ASP B 18 21.73 0.61 13.61
CA ASP B 18 20.92 1.83 13.48
C ASP B 18 20.59 2.43 14.83
N TYR B 19 21.09 3.62 15.10
CA TYR B 19 20.83 4.25 16.37
C TYR B 19 21.06 5.77 16.27
N GLU B 20 20.64 6.47 17.30
CA GLU B 20 20.66 7.92 17.24
C GLU B 20 21.96 8.46 17.85
N ILE B 21 22.71 7.65 18.57
CA ILE B 21 23.95 8.15 19.11
C ILE B 21 24.99 7.03 19.15
N SER B 22 26.17 7.40 18.72
CA SER B 22 27.33 6.49 18.65
C SER B 22 28.12 6.60 19.94
N TYR B 23 28.51 5.51 20.59
CA TYR B 23 29.37 5.66 21.80
C TYR B 23 30.81 5.77 21.29
N ASN B 24 31.58 4.69 21.41
CA ASN B 24 32.95 4.59 20.89
C ASN B 24 33.07 3.20 20.28
N GLU B 25 32.43 2.98 19.15
CA GLU B 25 32.47 1.69 18.52
C GLU B 25 33.88 1.42 18.04
N VAL B 26 34.34 0.20 18.28
CA VAL B 26 35.67 -0.26 17.98
C VAL B 26 35.57 -1.66 17.39
N VAL B 27 36.51 -2.00 16.52
CA VAL B 27 36.63 -3.38 16.07
C VAL B 27 37.53 -4.12 17.07
N THR B 28 37.06 -5.20 17.66
CA THR B 28 37.84 -5.90 18.69
C THR B 28 38.02 -7.36 18.27
N ILE B 29 39.27 -7.81 18.30
CA ILE B 29 39.62 -9.22 18.07
C ILE B 29 39.89 -9.82 19.44
N THR B 30 39.05 -10.78 19.83
CA THR B 30 39.23 -11.46 21.09
C THR B 30 39.98 -12.76 20.79
N PRO B 31 41.24 -12.84 21.22
CA PRO B 31 42.07 -14.02 20.94
C PRO B 31 41.65 -15.19 21.86
N ARG B 32 42.29 -16.35 21.65
CA ARG B 32 41.85 -17.62 22.23
C ARG B 32 42.05 -17.64 23.75
N ASN B 33 43.14 -17.03 24.24
CA ASN B 33 43.55 -17.19 25.64
C ASN B 33 43.17 -15.94 26.43
N TYR B 34 42.43 -15.01 25.80
CA TYR B 34 41.70 -14.04 26.60
C TYR B 34 40.65 -14.82 27.39
N LYS B 35 40.79 -14.85 28.71
CA LYS B 35 39.89 -15.61 29.56
C LYS B 35 38.50 -14.96 29.55
N PHE B 36 37.47 -15.75 29.21
CA PHE B 36 36.07 -15.36 29.43
C PHE B 36 35.61 -15.86 30.80
N SER B 37 35.43 -14.91 31.71
CA SER B 37 34.76 -15.17 32.96
C SER B 37 33.24 -14.93 32.77
N PHE B 38 32.43 -15.88 33.24
CA PHE B 38 30.96 -15.78 33.22
C PHE B 38 30.43 -15.80 34.65
N ARG B 39 29.41 -15.01 34.94
CA ARG B 39 28.96 -14.80 36.31
C ARG B 39 28.40 -16.10 36.90
N GLU B 40 27.81 -16.98 36.10
CA GLU B 40 27.06 -18.10 36.65
C GLU B 40 27.33 -19.41 35.89
N VAL B 41 28.20 -19.46 34.89
CA VAL B 41 28.53 -20.75 34.27
C VAL B 41 30.06 -20.85 34.20
N GLY B 42 30.54 -22.01 33.74
CA GLY B 42 32.00 -22.29 33.67
C GLY B 42 32.75 -21.30 32.80
N ASN B 43 33.94 -20.88 33.24
CA ASN B 43 34.78 -19.95 32.48
C ASN B 43 35.43 -20.67 31.29
N LEU B 44 35.56 -19.96 30.17
CA LEU B 44 36.28 -20.48 29.00
C LEU B 44 37.65 -19.79 28.92
N ASP B 45 38.68 -20.46 29.45
CA ASP B 45 40.03 -19.92 29.47
C ASP B 45 40.69 -20.00 28.10
N HIS B 46 40.44 -21.11 27.38
CA HIS B 46 40.86 -21.31 26.00
C HIS B 46 39.62 -21.47 25.10
N HIS B 47 39.50 -20.67 24.05
CA HIS B 47 38.26 -20.63 23.26
C HIS B 47 38.57 -20.16 21.83
N PHE B 48 37.56 -20.21 20.99
CA PHE B 48 37.73 -19.82 19.60
C PHE B 48 37.94 -18.30 19.55
N ALA B 49 38.82 -17.86 18.65
CA ALA B 49 39.07 -16.43 18.38
C ALA B 49 37.81 -15.77 17.79
N ILE B 50 37.66 -14.47 18.04
CA ILE B 50 36.43 -13.73 17.72
C ILE B 50 36.81 -12.35 17.18
N ILE B 51 36.13 -11.89 16.13
CA ILE B 51 36.27 -10.51 15.67
C ILE B 51 34.87 -9.91 15.53
N GLY B 52 34.69 -8.70 16.05
CA GLY B 52 33.39 -8.06 15.98
C GLY B 52 33.49 -6.59 16.25
N ILE B 53 32.39 -5.87 16.08
CA ILE B 53 32.39 -4.50 16.58
C ILE B 53 31.75 -4.53 17.97
N ALA B 54 32.27 -3.68 18.83
CA ALA B 54 31.99 -3.72 20.27
C ALA B 54 31.90 -2.30 20.80
N ALA B 55 31.29 -2.11 21.96
CA ALA B 55 31.27 -0.79 22.61
C ALA B 55 32.59 -0.61 23.35
N GLY B 56 33.34 0.44 22.98
CA GLY B 56 34.68 0.68 23.50
C GLY B 56 34.61 1.49 24.79
N ILE B 57 33.98 0.92 25.81
CA ILE B 57 33.77 1.59 27.09
C ILE B 57 34.09 0.62 28.23
N ALA B 58 34.83 -0.45 27.95
CA ALA B 58 35.16 -1.50 28.94
C ALA B 58 36.35 -2.33 28.47
N ASP B 59 36.92 -3.10 29.42
CA ASP B 59 38.05 -4.00 29.22
C ASP B 59 37.62 -5.37 28.75
N TYR B 60 36.30 -5.59 28.81
CA TYR B 60 35.61 -6.80 28.35
C TYR B 60 34.98 -6.50 26.97
N PRO B 61 34.98 -7.47 26.04
CA PRO B 61 34.49 -7.21 24.68
C PRO B 61 32.95 -7.26 24.55
N LEU B 62 32.34 -6.09 24.51
CA LEU B 62 30.88 -5.95 24.51
C LEU B 62 30.41 -5.86 23.05
N TYR B 63 30.34 -7.02 22.44
CA TYR B 63 30.14 -7.11 21.01
C TYR B 63 28.67 -6.82 20.66
N TYR B 64 28.46 -5.96 19.68
CA TYR B 64 27.16 -5.82 19.07
C TYR B 64 26.92 -6.97 18.07
N ASP B 65 27.99 -7.34 17.39
CA ASP B 65 28.02 -8.48 16.51
C ASP B 65 29.47 -8.94 16.32
N ALA B 66 29.62 -10.18 15.85
CA ALA B 66 30.93 -10.81 15.78
C ALA B 66 30.84 -12.10 14.96
N ILE B 67 31.95 -12.51 14.39
CA ILE B 67 32.12 -13.90 13.90
C ILE B 67 33.31 -14.54 14.62
N ASN B 68 33.36 -15.86 14.63
CA ASN B 68 34.51 -16.53 15.18
C ASN B 68 35.30 -17.20 14.04
N GLU B 69 36.44 -17.76 14.44
CA GLU B 69 37.45 -18.29 13.52
C GLU B 69 36.92 -19.54 12.81
N LYS B 70 35.77 -20.06 13.24
CA LYS B 70 35.24 -21.29 12.66
C LYS B 70 34.02 -21.03 11.76
N GLY B 71 33.72 -19.76 11.44
CA GLY B 71 32.70 -19.43 10.44
C GLY B 71 31.29 -19.37 10.98
N LEU B 72 31.16 -19.02 12.27
CA LEU B 72 29.87 -18.87 12.95
C LEU B 72 29.75 -17.42 13.43
N GLY B 73 28.67 -16.76 13.00
CA GLY B 73 28.44 -15.35 13.30
C GLY B 73 27.19 -15.19 14.15
N MET B 74 27.14 -14.08 14.88
CA MET B 74 26.09 -13.83 15.81
C MET B 74 25.92 -12.32 15.97
N ALA B 75 24.67 -11.89 16.05
CA ALA B 75 24.39 -10.47 16.15
C ALA B 75 23.21 -10.25 17.08
N GLY B 76 23.32 -9.22 17.90
CA GLY B 76 22.23 -8.75 18.74
C GLY B 76 21.61 -7.49 18.14
N LEU B 77 20.28 -7.45 18.13
CA LEU B 77 19.49 -6.33 17.59
C LEU B 77 18.42 -5.88 18.60
N ASN B 78 18.08 -4.60 18.56
CA ASN B 78 17.10 -4.03 19.51
C ASN B 78 15.79 -4.86 19.42
N PHE B 79 15.20 -5.08 20.58
CA PHE B 79 13.98 -5.88 20.73
C PHE B 79 13.14 -5.27 21.85
N SER B 80 13.01 -3.95 21.78
CA SER B 80 12.50 -3.16 22.87
C SER B 80 11.05 -3.50 23.21
N GLY B 81 10.80 -3.77 24.48
CA GLY B 81 9.47 -4.11 24.94
C GLY B 81 9.17 -5.59 24.74
N TYR B 82 9.96 -6.28 23.94
CA TYR B 82 9.69 -7.67 23.67
C TYR B 82 10.68 -8.54 24.46
N ALA B 83 11.90 -8.04 24.67
CA ALA B 83 12.90 -8.88 25.33
C ALA B 83 12.50 -9.01 26.81
N ASP B 84 12.66 -10.21 27.37
CA ASP B 84 12.50 -10.42 28.78
C ASP B 84 13.59 -11.37 29.27
N TYR B 85 14.37 -10.91 30.23
CA TYR B 85 15.46 -11.70 30.82
C TYR B 85 15.07 -12.15 32.24
N LYS B 86 15.52 -13.33 32.66
CA LYS B 86 14.91 -14.11 33.76
C LYS B 86 15.73 -14.03 35.04
N LYS B 87 15.20 -14.62 36.11
CA LYS B 87 16.03 -14.89 37.30
C LYS B 87 16.91 -16.11 37.01
N ILE B 88 17.98 -16.22 37.76
CA ILE B 88 18.75 -17.46 37.82
C ILE B 88 17.79 -18.64 38.03
N GLU B 89 18.00 -19.70 37.27
CA GLU B 89 17.23 -20.92 37.38
C GLU B 89 18.18 -22.10 37.61
N GLU B 90 18.11 -22.70 38.79
CA GLU B 90 18.87 -23.91 39.08
C GLU B 90 18.56 -24.94 38.01
N GLY B 91 19.59 -25.64 37.55
CA GLY B 91 19.45 -26.67 36.53
C GLY B 91 19.72 -26.13 35.14
N LYS B 92 19.66 -24.81 34.96
CA LYS B 92 19.89 -24.19 33.64
C LYS B 92 21.28 -23.55 33.57
N GLU B 93 21.74 -23.39 32.33
CA GLU B 93 22.97 -22.67 32.06
C GLU B 93 22.62 -21.19 32.04
N ASN B 94 22.97 -20.49 33.12
CA ASN B 94 22.52 -19.14 33.37
C ASN B 94 23.56 -18.15 32.81
N VAL B 95 23.21 -17.45 31.73
CA VAL B 95 24.13 -16.61 30.94
C VAL B 95 23.52 -15.22 30.77
N SER B 96 24.30 -14.15 30.95
CA SER B 96 23.72 -12.83 30.75
C SER B 96 23.74 -12.48 29.26
N PRO B 97 22.70 -11.74 28.79
CA PRO B 97 22.70 -11.07 27.51
C PRO B 97 24.08 -10.47 27.19
N PHE B 98 24.75 -9.79 28.14
CA PHE B 98 26.06 -9.16 27.80
C PHE B 98 27.14 -10.23 27.56
N GLU B 99 26.96 -11.43 28.11
CA GLU B 99 27.94 -12.53 27.97
C GLU B 99 27.59 -13.48 26.81
N PHE B 100 26.46 -13.23 26.15
CA PHE B 100 25.83 -14.24 25.33
C PHE B 100 26.68 -14.52 24.08
N ILE B 101 27.17 -13.50 23.41
CA ILE B 101 27.95 -13.73 22.20
C ILE B 101 29.28 -14.42 22.58
N PRO B 102 30.00 -13.90 23.58
CA PRO B 102 31.19 -14.68 23.95
C PRO B 102 30.87 -16.15 24.29
N TRP B 103 29.76 -16.38 24.99
CA TRP B 103 29.36 -17.74 25.38
C TRP B 103 29.14 -18.64 24.15
N VAL B 104 28.47 -18.14 23.11
CA VAL B 104 28.18 -19.05 21.99
C VAL B 104 29.44 -19.17 21.13
N LEU B 105 29.93 -18.04 20.64
CA LEU B 105 31.01 -17.98 19.67
C LEU B 105 32.31 -18.54 20.24
N GLY B 106 32.49 -18.44 21.55
CA GLY B 106 33.64 -19.04 22.21
C GLY B 106 33.72 -20.55 22.06
N GLN B 107 32.60 -21.27 22.06
CA GLN B 107 32.68 -22.77 22.09
C GLN B 107 31.92 -23.47 20.93
N CYS B 108 31.30 -22.75 19.99
CA CYS B 108 30.56 -23.43 18.92
C CYS B 108 31.19 -23.15 17.56
N SER B 109 31.32 -24.22 16.77
CA SER B 109 31.85 -24.19 15.41
CA SER B 109 31.85 -24.14 15.42
C SER B 109 30.72 -24.03 14.40
N THR B 110 29.48 -24.34 14.81
CA THR B 110 28.38 -24.44 13.86
C THR B 110 27.06 -24.02 14.54
N VAL B 111 26.09 -23.74 13.70
CA VAL B 111 24.75 -23.40 14.18
C VAL B 111 24.17 -24.63 14.91
N ASP B 112 24.32 -25.82 14.30
CA ASP B 112 23.85 -27.09 14.92
C ASP B 112 24.46 -27.28 16.32
N GLU B 113 25.75 -26.97 16.47
CA GLU B 113 26.39 -27.01 17.79
C GLU B 113 25.73 -25.99 18.72
N ALA B 114 25.47 -24.77 18.23
CA ALA B 114 24.83 -23.71 19.03
C ALA B 114 23.42 -24.14 19.48
N LYS B 115 22.66 -24.75 18.56
CA LYS B 115 21.31 -25.24 18.88
C LYS B 115 21.32 -26.17 20.12
N LYS B 116 22.35 -27.00 20.26
CA LYS B 116 22.48 -27.91 21.43
C LYS B 116 22.82 -27.12 22.70
N LEU B 117 23.80 -26.21 22.63
CA LEU B 117 24.18 -25.37 23.77
C LEU B 117 22.99 -24.52 24.28
N LEU B 118 22.14 -24.10 23.36
CA LEU B 118 20.96 -23.27 23.67
C LEU B 118 19.88 -24.09 24.37
N LYS B 119 19.92 -25.43 24.28
CA LYS B 119 18.85 -26.29 24.84
C LYS B 119 18.62 -25.99 26.33
N ASN B 120 19.66 -25.73 27.13
CA ASN B 120 19.48 -25.52 28.58
C ASN B 120 19.79 -24.05 28.96
N LEU B 121 19.85 -23.15 27.97
CA LEU B 121 20.14 -21.74 28.22
C LEU B 121 19.01 -21.12 29.05
N ASN B 122 19.36 -20.21 29.93
CA ASN B 122 18.39 -19.31 30.58
C ASN B 122 19.06 -17.92 30.65
N LEU B 123 18.55 -16.94 29.91
CA LEU B 123 19.19 -15.63 29.80
C LEU B 123 18.78 -14.76 30.99
N VAL B 124 19.76 -14.41 31.83
CA VAL B 124 19.47 -13.91 33.16
C VAL B 124 19.77 -12.41 33.21
N ASN B 125 18.95 -11.74 33.99
CA ASN B 125 18.92 -10.30 34.06
C ASN B 125 20.10 -9.74 34.85
N ILE B 126 21.34 -9.96 34.41
CA ILE B 126 22.54 -9.47 35.14
C ILE B 126 23.25 -8.43 34.27
N ASN B 127 23.31 -7.21 34.76
CA ASN B 127 23.99 -6.12 34.11
C ASN B 127 25.49 -6.39 34.09
N PHE B 128 26.16 -5.92 33.04
CA PHE B 128 27.65 -5.92 33.04
C PHE B 128 28.15 -5.08 34.23
N SER B 129 27.58 -3.89 34.35
CA SER B 129 27.93 -2.94 35.40
C SER B 129 26.73 -2.03 35.68
N ASP B 130 26.79 -1.29 36.78
CA ASP B 130 25.72 -0.38 37.14
C ASP B 130 25.58 0.71 36.11
N GLU B 131 26.71 1.12 35.56
CA GLU B 131 26.81 2.16 34.55
C GLU B 131 26.17 1.67 33.22
N LEU B 132 26.21 0.38 32.94
CA LEU B 132 25.87 -0.12 31.62
C LEU B 132 24.80 -1.22 31.75
N PRO B 133 23.53 -0.82 31.99
CA PRO B 133 22.47 -1.82 32.18
C PRO B 133 22.17 -2.55 30.86
N LEU B 134 21.53 -3.73 30.97
CA LEU B 134 21.24 -4.63 29.82
C LEU B 134 20.31 -3.94 28.82
N SER B 135 20.64 -4.10 27.54
CA SER B 135 19.79 -3.71 26.42
C SER B 135 18.79 -4.83 26.11
N PRO B 136 17.62 -4.45 25.61
CA PRO B 136 16.67 -5.44 25.15
C PRO B 136 17.02 -5.87 23.71
N LEU B 137 17.32 -7.16 23.50
CA LEU B 137 17.84 -7.66 22.21
C LEU B 137 17.16 -8.98 21.83
N HIS B 138 17.28 -9.35 20.58
CA HIS B 138 17.14 -10.72 20.11
C HIS B 138 18.31 -10.99 19.19
N TRP B 139 18.53 -12.25 18.82
CA TRP B 139 19.79 -12.60 18.21
C TRP B 139 19.53 -13.38 16.93
N LEU B 140 20.39 -13.12 15.94
CA LEU B 140 20.53 -13.98 14.78
C LEU B 140 21.91 -14.62 14.86
N LEU B 141 21.95 -15.95 14.65
CA LEU B 141 23.18 -16.72 14.55
C LEU B 141 23.19 -17.37 13.16
N ALA B 142 24.36 -17.46 12.56
CA ALA B 142 24.41 -18.04 11.24
C ALA B 142 25.79 -18.62 10.93
N ASP B 143 25.75 -19.69 10.14
CA ASP B 143 26.97 -20.24 9.59
C ASP B 143 26.70 -20.47 8.12
N LYS B 144 27.56 -21.24 7.46
CA LYS B 144 27.42 -21.47 6.03
C LYS B 144 26.29 -22.46 5.70
N GLU B 145 25.69 -23.14 6.68
CA GLU B 145 24.59 -24.09 6.40
C GLU B 145 23.21 -23.42 6.57
N GLN B 146 23.07 -22.56 7.57
CA GLN B 146 21.75 -22.15 8.06
C GLN B 146 21.89 -20.93 8.99
N SER B 147 20.74 -20.38 9.40
CA SER B 147 20.71 -19.41 10.47
C SER B 147 19.53 -19.71 11.40
N ILE B 148 19.55 -19.10 12.59
CA ILE B 148 18.48 -19.24 13.60
C ILE B 148 18.27 -17.89 14.27
N VAL B 149 17.13 -17.74 14.93
CA VAL B 149 16.83 -16.56 15.71
C VAL B 149 16.63 -17.01 17.15
N VAL B 150 17.13 -16.24 18.12
CA VAL B 150 16.96 -16.58 19.53
C VAL B 150 16.16 -15.44 20.17
N GLU B 151 15.00 -15.75 20.70
CA GLU B 151 14.16 -14.72 21.31
C GLU B 151 13.76 -15.19 22.72
N SER B 152 14.18 -14.45 23.74
CA SER B 152 13.73 -14.65 25.09
C SER B 152 12.71 -13.55 25.43
N THR B 153 11.45 -13.93 25.61
CA THR B 153 10.33 -13.00 25.85
C THR B 153 9.60 -13.36 27.16
N LYS B 154 8.49 -12.67 27.44
CA LYS B 154 7.67 -13.06 28.58
C LYS B 154 7.31 -14.56 28.49
N GLU B 155 6.76 -15.04 27.38
CA GLU B 155 6.38 -16.45 27.28
C GLU B 155 7.58 -17.36 27.61
N GLY B 156 8.77 -17.00 27.15
CA GLY B 156 9.94 -17.82 27.42
C GLY B 156 11.02 -17.64 26.38
N LEU B 157 11.80 -18.70 26.18
CA LEU B 157 12.92 -18.68 25.28
C LEU B 157 12.55 -19.49 24.04
N ARG B 158 12.65 -18.92 22.86
CA ARG B 158 12.42 -19.72 21.65
C ARG B 158 13.64 -19.59 20.73
N VAL B 159 13.93 -20.68 20.02
CA VAL B 159 15.00 -20.77 19.06
C VAL B 159 14.36 -21.17 17.73
N PHE B 160 14.19 -20.22 16.80
CA PHE B 160 13.58 -20.50 15.49
C PHE B 160 14.65 -20.81 14.43
N ASP B 161 14.31 -21.70 13.54
CA ASP B 161 15.02 -21.79 12.27
C ASP B 161 14.68 -20.54 11.41
N ASN B 162 15.68 -19.96 10.74
CA ASN B 162 15.49 -18.75 9.89
C ASN B 162 15.60 -19.17 8.43
N PRO B 163 14.48 -19.40 7.76
CA PRO B 163 14.52 -19.80 6.35
C PRO B 163 14.94 -18.68 5.39
N VAL B 164 14.98 -17.43 5.82
CA VAL B 164 15.36 -16.32 4.94
C VAL B 164 16.71 -15.70 5.36
N GLY B 165 17.26 -16.04 6.52
CA GLY B 165 18.52 -15.41 6.94
C GLY B 165 18.45 -13.89 7.03
N VAL B 166 17.39 -13.35 7.62
CA VAL B 166 17.27 -11.92 7.89
C VAL B 166 16.66 -11.74 9.29
N LEU B 167 17.01 -10.65 9.97
CA LEU B 167 16.36 -10.28 11.18
C LEU B 167 16.40 -8.76 11.33
N THR B 168 15.30 -8.20 11.83
CA THR B 168 15.27 -6.76 12.18
C THR B 168 14.91 -6.61 13.65
N ASN B 169 13.91 -5.82 13.98
CA ASN B 169 13.62 -5.50 15.37
C ASN B 169 12.28 -6.17 15.74
N ASN B 170 11.35 -5.43 16.34
CA ASN B 170 10.08 -5.99 16.76
C ASN B 170 9.24 -6.27 15.52
N PRO B 171 8.28 -7.23 15.61
CA PRO B 171 7.91 -8.09 16.74
C PRO B 171 8.57 -9.48 16.74
N THR B 172 7.90 -10.50 17.30
CA THR B 172 8.51 -11.80 17.40
C THR B 172 8.70 -12.39 16.01
N PHE B 173 9.64 -13.31 15.91
CA PHE B 173 10.07 -13.79 14.60
C PHE B 173 8.95 -14.59 13.90
N ASP B 174 8.13 -15.34 14.66
CA ASP B 174 6.94 -15.97 14.09
C ASP B 174 6.01 -14.97 13.34
N TYR B 175 5.82 -13.75 13.85
CA TYR B 175 4.99 -12.76 13.16
C TYR B 175 5.70 -12.27 11.88
N GLN B 176 6.99 -12.03 11.98
CA GLN B 176 7.79 -11.57 10.85
C GLN B 176 7.66 -12.58 9.69
N LEU B 177 7.85 -13.87 9.96
CA LEU B 177 7.70 -14.87 8.86
C LEU B 177 6.26 -14.88 8.33
N PHE B 178 5.28 -14.85 9.22
CA PHE B 178 3.91 -14.92 8.79
C PHE B 178 3.60 -13.75 7.85
N ASN B 179 4.01 -12.54 8.21
CA ASN B 179 3.73 -11.34 7.39
C ASN B 179 4.30 -11.48 5.96
N LEU B 180 5.34 -12.29 5.75
CA LEU B 180 5.88 -12.54 4.41
C LEU B 180 4.79 -13.10 3.49
N ASN B 181 3.81 -13.85 4.05
CA ASN B 181 2.77 -14.48 3.26
C ASN B 181 1.98 -13.45 2.43
N ASN B 182 1.94 -12.23 2.93
CA ASN B 182 1.18 -11.15 2.34
C ASN B 182 1.85 -10.64 1.07
N TYR B 183 3.07 -11.11 0.78
CA TYR B 183 3.89 -10.52 -0.31
C TYR B 183 4.19 -11.57 -1.39
N ARG B 184 3.47 -12.71 -1.37
CA ARG B 184 3.76 -13.83 -2.28
C ARG B 184 3.74 -13.36 -3.74
N VAL B 185 2.95 -12.34 -4.06
CA VAL B 185 2.79 -11.93 -5.44
C VAL B 185 4.04 -11.19 -5.96
N LEU B 186 4.88 -10.59 -5.09
CA LEU B 186 5.93 -9.70 -5.60
C LEU B 186 6.91 -10.52 -6.42
N SER B 187 7.54 -9.84 -7.39
CA SER B 187 8.37 -10.50 -8.38
C SER B 187 9.46 -9.55 -8.85
N THR B 188 10.53 -10.16 -9.39
CA THR B 188 11.62 -9.49 -10.05
C THR B 188 11.26 -9.20 -11.53
N ARG B 189 10.20 -9.84 -12.05
CA ARG B 189 9.80 -9.69 -13.47
C ARG B 189 8.51 -8.89 -13.59
N THR B 190 8.27 -8.36 -14.78
CA THR B 190 7.03 -7.64 -15.11
C THR B 190 5.84 -8.58 -14.96
N PRO B 191 4.82 -8.17 -14.19
CA PRO B 191 3.65 -9.02 -14.02
C PRO B 191 2.76 -9.05 -15.26
N LYS B 192 2.02 -10.13 -15.42
CA LYS B 192 0.96 -10.12 -16.41
C LYS B 192 -0.12 -9.14 -15.93
N ASN B 193 -0.92 -8.69 -16.88
CA ASN B 193 -2.17 -7.96 -16.60
C ASN B 193 -3.23 -9.00 -16.18
N ASN B 194 -3.36 -9.19 -14.90
CA ASN B 194 -4.39 -10.05 -14.35
C ASN B 194 -5.60 -9.20 -13.95
N PHE B 195 -5.43 -7.89 -13.78
CA PHE B 195 -6.50 -6.94 -13.35
C PHE B 195 -7.77 -7.16 -14.17
N SER B 196 -7.62 -7.12 -15.48
CA SER B 196 -8.74 -7.31 -16.35
C SER B 196 -8.24 -7.53 -17.78
N ASP B 197 -8.79 -8.54 -18.42
CA ASP B 197 -8.48 -8.76 -19.82
C ASP B 197 -9.37 -7.93 -20.72
N GLN B 198 -10.26 -7.08 -20.17
CA GLN B 198 -11.11 -6.15 -20.97
C GLN B 198 -10.33 -4.90 -21.40
N ILE B 199 -9.20 -4.58 -20.75
CA ILE B 199 -8.43 -3.34 -21.03
C ILE B 199 -6.95 -3.69 -21.22
N GLU B 200 -6.25 -2.87 -21.98
CA GLU B 200 -4.82 -3.01 -22.14
C GLU B 200 -4.20 -2.10 -21.08
N LEU B 201 -3.37 -2.65 -20.22
CA LEU B 201 -2.65 -1.83 -19.25
C LEU B 201 -1.18 -1.78 -19.67
N ASP B 202 -0.60 -0.58 -19.67
CA ASP B 202 0.71 -0.34 -20.31
C ASP B 202 1.82 -0.56 -19.29
N ILE B 203 2.87 -1.28 -19.70
CA ILE B 203 4.04 -1.48 -18.86
C ILE B 203 4.91 -0.23 -19.01
N TYR B 204 4.60 0.81 -18.23
CA TYR B 204 5.23 2.12 -18.43
C TYR B 204 6.58 2.22 -17.72
N SER B 205 6.91 1.20 -16.95
CA SER B 205 8.15 1.22 -16.17
C SER B 205 8.73 -0.20 -16.11
N ARG B 206 10.05 -0.25 -15.98
CA ARG B 206 10.69 -1.46 -15.50
C ARG B 206 10.43 -1.61 -14.00
N GLY B 207 10.58 -2.84 -13.50
CA GLY B 207 10.58 -3.10 -12.07
C GLY B 207 9.18 -3.10 -11.47
N MET B 208 8.13 -3.23 -12.30
CA MET B 208 6.75 -3.21 -11.76
C MET B 208 6.46 -4.51 -11.00
N GLY B 209 7.27 -5.54 -11.21
CA GLY B 209 7.17 -6.79 -10.45
C GLY B 209 7.05 -6.55 -8.95
N GLY B 210 7.78 -5.56 -8.46
CA GLY B 210 7.96 -5.34 -7.01
C GLY B 210 6.97 -4.37 -6.39
N ILE B 211 6.09 -3.75 -7.18
CA ILE B 211 5.15 -2.75 -6.58
C ILE B 211 4.41 -3.43 -5.41
N GLY B 212 4.32 -2.74 -4.28
CA GLY B 212 3.79 -3.32 -3.06
C GLY B 212 4.86 -3.47 -1.99
N LEU B 213 6.12 -3.59 -2.41
CA LEU B 213 7.22 -3.76 -1.49
C LEU B 213 7.31 -2.49 -0.63
N PRO B 214 7.36 -2.62 0.70
CA PRO B 214 7.36 -1.37 1.49
C PRO B 214 8.73 -0.70 1.60
N GLY B 215 8.75 0.64 1.62
CA GLY B 215 10.01 1.40 1.54
C GLY B 215 10.30 2.21 2.79
N ASP B 216 9.48 2.08 3.83
CA ASP B 216 9.71 2.90 5.02
C ASP B 216 10.79 2.25 5.92
N LEU B 217 11.13 2.94 7.02
CA LEU B 217 12.25 2.47 7.84
CA LEU B 217 12.26 2.53 7.87
C LEU B 217 11.77 1.71 9.07
N SER B 218 10.47 1.40 9.17
CA SER B 218 9.97 0.60 10.30
C SER B 218 10.57 -0.82 10.29
N SER B 219 10.56 -1.51 11.43
CA SER B 219 11.16 -2.87 11.60
C SER B 219 10.54 -3.91 10.66
N VAL B 220 9.20 -3.93 10.54
CA VAL B 220 8.56 -4.94 9.67
C VAL B 220 8.86 -4.64 8.20
N SER B 221 8.75 -3.36 7.82
CA SER B 221 8.97 -2.98 6.43
C SER B 221 10.40 -3.34 6.02
N ARG B 222 11.35 -3.07 6.90
CA ARG B 222 12.75 -3.32 6.58
C ARG B 222 13.00 -4.83 6.46
N PHE B 223 12.23 -5.64 7.21
CA PHE B 223 12.44 -7.07 7.21
C PHE B 223 11.99 -7.62 5.86
N VAL B 224 10.87 -7.09 5.37
CA VAL B 224 10.29 -7.59 4.13
C VAL B 224 11.18 -7.16 2.96
N LYS B 225 11.63 -5.93 2.97
CA LYS B 225 12.44 -5.41 1.86
C LYS B 225 13.82 -6.07 1.87
N ALA B 226 14.41 -6.20 3.06
CA ALA B 226 15.70 -6.82 3.15
C ALA B 226 15.58 -8.27 2.66
N THR B 227 14.51 -8.97 3.04
CA THR B 227 14.34 -10.39 2.71
C THR B 227 14.17 -10.55 1.19
N PHE B 228 13.35 -9.70 0.60
CA PHE B 228 13.12 -9.75 -0.84
C PHE B 228 14.41 -9.48 -1.61
N THR B 229 15.17 -8.49 -1.15
CA THR B 229 16.44 -8.02 -1.78
C THR B 229 17.54 -9.08 -1.63
N LYS B 230 17.59 -9.76 -0.51
CA LYS B 230 18.66 -10.77 -0.26
C LYS B 230 18.32 -12.04 -1.05
N LEU B 231 17.08 -12.51 -0.94
CA LEU B 231 16.70 -13.77 -1.55
C LEU B 231 16.88 -13.69 -3.08
N ASN B 232 16.69 -12.50 -3.65
CA ASN B 232 16.68 -12.33 -5.07
C ASN B 232 18.00 -11.73 -5.59
N SER B 233 18.98 -11.50 -4.72
CA SER B 233 20.29 -11.02 -5.19
C SER B 233 21.02 -12.11 -5.98
N VAL B 234 21.76 -11.70 -7.00
CA VAL B 234 22.61 -12.63 -7.71
C VAL B 234 23.82 -12.91 -6.83
N SER B 235 24.47 -14.03 -7.12
CA SER B 235 25.81 -14.28 -6.60
C SER B 235 26.83 -13.65 -7.55
N ARG B 236 28.09 -13.54 -7.13
CA ARG B 236 29.06 -12.81 -7.94
C ARG B 236 30.32 -13.66 -8.08
N SER B 237 31.26 -13.18 -8.89
CA SER B 237 32.43 -13.94 -9.32
C SER B 237 33.57 -13.82 -8.31
N SER B 238 33.74 -12.68 -7.65
CA SER B 238 34.90 -12.50 -6.77
C SER B 238 34.47 -12.00 -5.39
N GLU B 239 35.45 -12.00 -4.50
CA GLU B 239 35.29 -11.50 -3.14
C GLU B 239 34.77 -10.06 -3.18
N TYR B 240 35.37 -9.28 -4.07
CA TYR B 240 35.13 -7.84 -4.13
C TYR B 240 33.74 -7.58 -4.72
N GLU B 241 33.34 -8.34 -5.72
CA GLU B 241 32.00 -8.20 -6.28
C GLU B 241 30.95 -8.66 -5.25
N SER B 242 31.26 -9.70 -4.48
CA SER B 242 30.33 -10.30 -3.56
C SER B 242 30.02 -9.37 -2.39
N ILE B 243 31.05 -8.78 -1.81
CA ILE B 243 30.81 -7.90 -0.67
C ILE B 243 30.18 -6.61 -1.21
N SER B 244 30.39 -6.32 -2.49
CA SER B 244 29.66 -5.24 -3.13
C SER B 244 28.16 -5.53 -3.02
N GLN B 245 27.75 -6.69 -3.56
CA GLN B 245 26.35 -7.13 -3.53
C GLN B 245 25.84 -7.10 -2.08
N PHE B 246 26.61 -7.64 -1.15
CA PHE B 246 26.18 -7.67 0.24
C PHE B 246 25.87 -6.26 0.74
N PHE B 247 26.77 -5.29 0.48
CA PHE B 247 26.59 -3.95 1.03
C PHE B 247 25.41 -3.27 0.33
N HIS B 248 25.12 -3.68 -0.92
CA HIS B 248 23.94 -3.21 -1.65
C HIS B 248 22.66 -3.71 -0.93
N ILE B 249 22.69 -4.95 -0.45
CA ILE B 249 21.56 -5.47 0.31
C ILE B 249 21.36 -4.62 1.57
N LEU B 250 22.44 -4.31 2.29
CA LEU B 250 22.28 -3.57 3.55
C LEU B 250 21.85 -2.13 3.26
N SER B 251 22.33 -1.56 2.16
CA SER B 251 21.94 -0.18 1.76
C SER B 251 20.43 -0.09 1.51
N SER B 252 19.85 -1.20 1.10
CA SER B 252 18.44 -1.22 0.71
C SER B 252 17.53 -0.87 1.90
N VAL B 253 17.98 -1.12 3.13
CA VAL B 253 17.16 -0.91 4.30
C VAL B 253 17.89 -0.01 5.30
N GLU B 254 18.89 0.73 4.86
CA GLU B 254 19.62 1.61 5.75
C GLU B 254 18.70 2.79 6.13
N GLN B 255 19.09 3.47 7.20
CA GLN B 255 18.37 4.61 7.76
C GLN B 255 19.20 5.87 7.54
N GLN B 256 18.67 6.76 6.69
CA GLN B 256 19.35 7.98 6.36
C GLN B 256 18.98 9.01 7.43
N LYS B 257 19.96 9.84 7.76
CA LYS B 257 19.79 10.87 8.79
C LYS B 257 18.69 11.86 8.38
N GLY B 258 17.78 12.14 9.31
CA GLY B 258 16.68 13.06 9.09
C GLY B 258 15.35 12.34 8.87
N LEU B 259 15.41 11.08 8.45
CA LEU B 259 14.21 10.36 8.05
C LEU B 259 13.54 9.67 9.23
N CYS B 260 14.31 9.30 10.26
CA CYS B 260 13.75 8.60 11.44
C CYS B 260 14.00 9.41 12.71
N ASP B 261 13.08 10.34 12.98
CA ASP B 261 13.06 11.13 14.21
C ASP B 261 12.54 10.24 15.31
N VAL B 262 13.32 10.07 16.39
CA VAL B 262 12.89 9.21 17.52
C VAL B 262 12.44 10.07 18.70
N GLY B 263 12.55 11.39 18.63
CA GLY B 263 12.37 12.22 19.82
C GLY B 263 12.26 13.69 19.49
N ASP B 264 13.13 14.49 20.09
CA ASP B 264 13.07 15.92 19.87
C ASP B 264 14.01 16.27 18.68
N GLU B 265 13.63 15.87 17.46
CA GLU B 265 14.51 15.96 16.26
C GLU B 265 15.86 15.26 16.55
N LYS B 266 15.76 14.05 17.06
CA LYS B 266 16.91 13.19 17.35
C LYS B 266 16.86 12.03 16.34
N TYR B 267 17.94 11.82 15.57
CA TYR B 267 17.82 11.05 14.34
C TYR B 267 18.52 9.69 14.43
N ALA B 268 17.73 8.62 14.29
CA ALA B 268 18.29 7.25 14.21
C ALA B 268 18.81 7.02 12.79
N TYR B 269 20.07 6.59 12.65
CA TYR B 269 20.67 6.35 11.32
C TYR B 269 21.64 5.16 11.38
N THR B 270 22.01 4.67 10.20
CA THR B 270 22.89 3.53 10.10
C THR B 270 24.33 3.97 10.37
N ILE B 271 24.76 3.76 11.63
CA ILE B 271 26.05 4.28 12.08
C ILE B 271 27.15 3.46 11.42
N TYR B 272 26.90 2.17 11.23
CA TYR B 272 27.84 1.37 10.51
C TYR B 272 27.11 0.24 9.84
N SER B 273 27.75 -0.32 8.83
CA SER B 273 27.27 -1.48 8.14
C SER B 273 28.45 -2.44 8.03
N SER B 274 28.20 -3.67 8.42
CA SER B 274 29.22 -4.69 8.51
C SER B 274 28.94 -5.83 7.53
N CYS B 275 30.01 -6.40 7.00
CA CYS B 275 29.94 -7.59 6.17
C CYS B 275 31.13 -8.51 6.53
N CYS B 276 30.86 -9.73 7.01
CA CYS B 276 31.88 -10.62 7.49
C CYS B 276 31.94 -11.86 6.61
N ASN B 277 33.14 -12.17 6.12
CA ASN B 277 33.41 -13.40 5.35
C ASN B 277 33.75 -14.52 6.33
N LEU B 278 32.84 -15.49 6.45
CA LEU B 278 32.92 -16.51 7.51
C LEU B 278 34.10 -17.46 7.27
N GLU B 279 34.42 -17.76 6.01
CA GLU B 279 35.56 -18.61 5.65
C GLU B 279 36.87 -17.87 5.99
N LYS B 280 36.97 -16.56 5.75
CA LYS B 280 38.31 -15.89 5.81
C LYS B 280 38.50 -15.12 7.12
N GLY B 281 37.46 -14.99 7.92
CA GLY B 281 37.58 -14.31 9.22
C GLY B 281 37.84 -12.82 9.06
N ILE B 282 37.34 -12.26 7.96
CA ILE B 282 37.52 -10.83 7.68
C ILE B 282 36.24 -10.08 8.05
N TYR B 283 36.45 -8.98 8.77
CA TYR B 283 35.38 -8.10 9.17
C TYR B 283 35.48 -6.82 8.31
N TYR B 284 34.63 -6.71 7.27
CA TYR B 284 34.60 -5.48 6.48
C TYR B 284 33.56 -4.51 7.09
N TYR B 285 33.78 -3.21 6.93
CA TYR B 285 32.74 -2.28 7.43
C TYR B 285 32.74 -0.97 6.64
N ARG B 286 31.59 -0.31 6.65
CA ARG B 286 31.42 1.12 6.27
C ARG B 286 30.77 1.84 7.45
N THR B 287 30.95 3.17 7.53
CA THR B 287 30.24 4.03 8.50
C THR B 287 29.41 5.06 7.74
N TYR B 288 28.58 5.80 8.45
CA TYR B 288 27.71 6.75 7.77
C TYR B 288 28.53 7.73 6.93
N ASP B 289 29.66 8.18 7.49
CA ASP B 289 30.43 9.16 6.77
C ASP B 289 31.78 8.66 6.34
N ASN B 290 31.88 7.36 6.11
CA ASN B 290 32.98 6.82 5.31
C ASN B 290 32.45 5.68 4.45
N SER B 291 32.24 5.99 3.18
CA SER B 291 31.68 5.08 2.20
C SER B 291 32.71 4.02 1.75
N GLN B 292 34.02 4.26 1.90
CA GLN B 292 35.03 3.25 1.57
C GLN B 292 34.89 2.03 2.48
N ILE B 293 35.10 0.84 1.93
CA ILE B 293 35.04 -0.33 2.78
C ILE B 293 36.39 -0.53 3.47
N THR B 294 36.35 -0.75 4.78
CA THR B 294 37.55 -1.12 5.53
C THR B 294 37.47 -2.62 5.91
N ALA B 295 38.61 -3.30 5.83
CA ALA B 295 38.77 -4.74 6.14
C ALA B 295 39.74 -4.94 7.30
N VAL B 296 39.29 -5.69 8.30
CA VAL B 296 40.10 -6.08 9.46
C VAL B 296 40.15 -7.60 9.49
N ASP B 297 41.34 -8.17 9.31
CA ASP B 297 41.47 -9.61 9.19
C ASP B 297 41.97 -10.20 10.50
N MET B 298 41.07 -10.92 11.14
CA MET B 298 41.32 -11.55 12.45
C MET B 298 42.54 -12.48 12.33
N ASN B 299 42.75 -13.10 11.17
CA ASN B 299 43.87 -14.05 10.96
C ASN B 299 45.22 -13.33 10.79
N LYS B 300 45.24 -12.01 10.62
CA LYS B 300 46.48 -11.24 10.62
C LYS B 300 46.91 -10.94 12.07
N GLU B 301 46.10 -11.25 13.07
CA GLU B 301 46.52 -11.02 14.44
C GLU B 301 47.13 -12.31 14.99
N ASN B 302 47.82 -12.19 16.12
CA ASN B 302 48.29 -13.39 16.82
C ASN B 302 47.16 -13.88 17.72
N LEU B 303 46.51 -14.95 17.31
CA LEU B 303 45.28 -15.35 17.98
C LEU B 303 45.58 -16.16 19.24
N GLU B 304 46.86 -16.36 19.58
CA GLU B 304 47.18 -17.05 20.83
C GLU B 304 47.42 -16.04 21.98
N LYS B 305 47.30 -14.74 21.73
CA LYS B 305 47.47 -13.75 22.80
C LYS B 305 46.39 -13.91 23.87
N ASP B 306 46.56 -13.18 24.96
CA ASP B 306 45.58 -13.17 26.05
C ASP B 306 44.93 -11.83 26.28
N SER B 307 45.21 -10.86 25.42
CA SER B 307 44.62 -9.52 25.58
C SER B 307 43.86 -9.10 24.31
N LEU B 308 42.75 -8.37 24.50
CA LEU B 308 41.97 -7.83 23.38
C LEU B 308 42.87 -7.02 22.45
N ILE B 309 42.62 -7.13 21.14
CA ILE B 309 43.23 -6.25 20.12
C ILE B 309 42.11 -5.33 19.59
N VAL B 310 42.25 -4.03 19.86
CA VAL B 310 41.20 -3.02 19.69
C VAL B 310 41.65 -1.94 18.69
N TYR B 311 40.92 -1.81 17.57
CA TYR B 311 41.19 -0.79 16.55
C TYR B 311 40.06 0.24 16.57
N PRO B 312 40.40 1.53 16.57
CA PRO B 312 39.37 2.53 16.37
C PRO B 312 38.74 2.34 14.98
N MET B 313 37.54 2.86 14.78
CA MET B 313 36.93 2.76 13.44
C MET B 313 37.36 3.96 12.59
N VAL B 314 37.65 3.72 11.31
CA VAL B 314 37.91 4.78 10.29
C VAL B 314 36.57 5.47 10.00
N GLU B 315 36.45 6.71 10.48
CA GLU B 315 35.16 7.41 10.57
C GLU B 315 35.03 8.58 9.58
N THR B 316 36.10 9.15 9.05
CA THR B 316 35.98 10.29 8.11
C THR B 316 36.07 9.78 6.66
N GLN B 317 35.39 10.49 5.78
CA GLN B 317 35.29 10.16 4.35
C GLN B 317 36.70 9.92 3.78
N GLN B 318 36.89 8.80 3.09
CA GLN B 318 38.18 8.46 2.44
C GLN B 318 37.98 8.51 0.92
N ILE B 319 38.37 9.63 0.31
CA ILE B 319 38.08 9.96 -1.05
C ILE B 319 39.30 9.73 -1.94
N ASN B 320 39.06 9.10 -3.06
CA ASN B 320 40.05 8.88 -4.12
C ASN B 320 40.05 10.09 -5.06
N TYR B 321 41.02 11.01 -4.89
CA TYR B 321 41.16 12.16 -5.75
C TYR B 321 41.95 11.70 -6.98
N ALA B 322 41.30 11.56 -8.12
CA ALA B 322 41.85 10.77 -9.21
C ALA B 322 42.44 11.66 -10.31
N ASN B 323 42.48 12.99 -10.15
CA ASN B 323 43.03 13.84 -11.23
C ASN B 323 43.86 15.00 -10.64
N CYS C 1 -18.63 10.82 -5.32
CA CYS C 1 -19.51 10.21 -6.32
C CYS C 1 -18.72 9.20 -7.14
N THR C 2 -19.42 8.14 -7.55
CA THR C 2 -18.94 7.14 -8.45
C THR C 2 -20.08 6.82 -9.42
N ALA C 3 -19.77 6.82 -10.71
CA ALA C 3 -20.76 6.50 -11.73
C ALA C 3 -20.21 5.35 -12.56
N ILE C 4 -21.06 4.44 -12.98
CA ILE C 4 -20.60 3.24 -13.65
C ILE C 4 -21.61 2.88 -14.75
N THR C 5 -21.14 2.16 -15.73
CA THR C 5 -21.99 1.37 -16.56
C THR C 5 -21.75 -0.08 -16.25
N TYR C 6 -22.68 -0.93 -16.68
CA TYR C 6 -22.54 -2.36 -16.51
C TYR C 6 -23.46 -3.05 -17.52
N VAL C 7 -23.00 -4.16 -18.05
CA VAL C 7 -23.79 -4.90 -19.02
C VAL C 7 -24.01 -6.32 -18.49
N SER C 8 -25.24 -6.79 -18.71
CA SER C 8 -25.75 -8.09 -18.33
C SER C 8 -27.10 -8.30 -19.03
N LYS C 9 -27.02 -8.78 -20.27
CA LYS C 9 -28.11 -8.72 -21.27
C LYS C 9 -28.52 -7.26 -21.50
N ASP C 10 -29.37 -6.68 -20.63
CA ASP C 10 -29.65 -5.24 -20.67
C ASP C 10 -28.41 -4.43 -20.26
N HIS C 11 -28.49 -3.11 -20.41
CA HIS C 11 -27.35 -2.19 -20.16
C HIS C 11 -27.77 -1.19 -19.08
N TYR C 12 -26.92 -1.00 -18.08
CA TYR C 12 -27.32 -0.28 -16.87
C TYR C 12 -26.39 0.93 -16.65
N PHE C 13 -26.96 2.01 -16.09
CA PHE C 13 -26.22 3.23 -15.83
C PHE C 13 -26.61 3.76 -14.45
N GLY C 14 -25.67 4.29 -13.69
CA GLY C 14 -25.99 4.57 -12.31
C GLY C 14 -24.85 5.22 -11.53
N ARG C 15 -25.16 5.71 -10.35
CA ARG C 15 -24.15 6.42 -9.58
C ARG C 15 -24.47 6.37 -8.09
N ASN C 16 -23.43 6.45 -7.30
CA ASN C 16 -23.51 6.88 -5.91
C ASN C 16 -23.46 8.41 -5.91
N PHE C 17 -24.33 9.06 -5.14
CA PHE C 17 -24.21 10.48 -4.95
C PHE C 17 -23.66 10.70 -3.53
N ASP C 18 -22.45 11.24 -3.40
CA ASP C 18 -21.81 11.36 -2.09
C ASP C 18 -21.65 12.80 -1.71
N TYR C 19 -22.32 13.23 -0.66
CA TYR C 19 -22.21 14.59 -0.22
C TYR C 19 -22.55 14.63 1.26
N GLU C 20 -22.34 15.76 1.93
CA GLU C 20 -22.57 15.85 3.38
C GLU C 20 -23.88 16.59 3.68
N ILE C 21 -24.62 16.98 2.65
CA ILE C 21 -25.93 17.56 2.86
C ILE C 21 -26.86 17.24 1.68
N SER C 22 -28.14 17.21 2.05
CA SER C 22 -29.22 16.81 1.17
C SER C 22 -29.93 18.05 0.61
N TYR C 23 -30.25 18.05 -0.69
CA TYR C 23 -31.03 19.14 -1.29
C TYR C 23 -32.38 18.60 -1.77
N ASN C 24 -33.04 17.83 -0.91
CA ASN C 24 -34.43 17.40 -1.08
C ASN C 24 -34.56 16.65 -2.40
N GLU C 25 -33.76 15.61 -2.54
CA GLU C 25 -33.65 14.81 -3.76
C GLU C 25 -34.98 14.11 -4.06
N VAL C 26 -35.45 14.25 -5.29
CA VAL C 26 -36.68 13.58 -5.77
C VAL C 26 -36.38 12.89 -7.10
N VAL C 27 -37.10 11.82 -7.41
CA VAL C 27 -37.10 11.27 -8.77
C VAL C 27 -38.04 12.15 -9.60
N THR C 28 -37.56 12.70 -10.72
CA THR C 28 -38.36 13.58 -11.59
C THR C 28 -38.33 13.06 -13.02
N ILE C 29 -39.54 12.95 -13.57
CA ILE C 29 -39.74 12.63 -14.95
C ILE C 29 -40.04 13.93 -15.71
N THR C 30 -39.25 14.20 -16.74
CA THR C 30 -39.51 15.31 -17.63
C THR C 30 -40.08 14.73 -18.93
N PRO C 31 -41.37 15.00 -19.20
CA PRO C 31 -42.05 14.46 -20.35
C PRO C 31 -41.65 15.23 -21.61
N ARG C 32 -41.95 14.67 -22.78
CA ARG C 32 -41.51 15.19 -24.11
C ARG C 32 -41.95 16.62 -24.41
N ASN C 33 -43.02 17.13 -23.82
CA ASN C 33 -43.48 18.48 -24.17
C ASN C 33 -43.28 19.47 -23.01
N TYR C 34 -42.55 19.10 -21.97
CA TYR C 34 -42.10 20.10 -20.99
C TYR C 34 -41.04 20.96 -21.67
N LYS C 35 -41.31 22.27 -21.78
CA LYS C 35 -40.50 23.15 -22.61
C LYS C 35 -39.15 23.42 -21.91
N PHE C 36 -38.05 23.18 -22.61
CA PHE C 36 -36.74 23.64 -22.13
C PHE C 36 -36.33 24.93 -22.86
N SER C 37 -36.22 25.96 -22.06
CA SER C 37 -35.71 27.21 -22.51
C SER C 37 -34.20 27.25 -22.19
N PHE C 38 -33.37 27.59 -23.18
CA PHE C 38 -31.94 27.70 -22.93
C PHE C 38 -31.51 29.16 -23.08
N ARG C 39 -30.61 29.61 -22.21
CA ARG C 39 -30.18 31.03 -22.22
C ARG C 39 -29.50 31.40 -23.55
N GLU C 40 -28.64 30.55 -24.11
CA GLU C 40 -27.84 31.00 -25.26
C GLU C 40 -27.99 30.06 -26.46
N VAL C 41 -28.88 29.10 -26.41
CA VAL C 41 -29.07 28.27 -27.58
C VAL C 41 -30.57 28.04 -27.76
N GLY C 42 -30.89 27.29 -28.80
CA GLY C 42 -32.27 27.13 -29.24
C GLY C 42 -33.06 26.26 -28.29
N ASN C 43 -34.31 26.64 -28.09
CA ASN C 43 -35.16 25.97 -27.15
C ASN C 43 -35.55 24.59 -27.67
N LEU C 44 -35.86 23.68 -26.75
CA LEU C 44 -36.43 22.38 -27.05
C LEU C 44 -37.86 22.33 -26.49
N ASP C 45 -38.84 22.75 -27.28
CA ASP C 45 -40.26 22.63 -26.93
C ASP C 45 -40.72 21.17 -26.95
N HIS C 46 -40.22 20.38 -27.88
CA HIS C 46 -40.47 18.98 -27.96
C HIS C 46 -39.13 18.24 -27.90
N HIS C 47 -39.02 17.18 -27.12
CA HIS C 47 -37.75 16.49 -26.93
C HIS C 47 -38.00 15.09 -26.35
N PHE C 48 -36.92 14.33 -26.15
CA PHE C 48 -37.05 12.98 -25.55
C PHE C 48 -37.39 13.11 -24.06
N ALA C 49 -38.21 12.18 -23.58
CA ALA C 49 -38.58 12.06 -22.16
C ALA C 49 -37.33 11.70 -21.34
N ILE C 50 -37.23 12.24 -20.13
CA ILE C 50 -36.08 11.98 -19.25
C ILE C 50 -36.56 11.55 -17.87
N ILE C 51 -35.77 10.68 -17.22
CA ILE C 51 -35.99 10.35 -15.79
C ILE C 51 -34.66 10.34 -15.05
N GLY C 52 -34.67 10.88 -13.86
CA GLY C 52 -33.47 10.95 -13.08
C GLY C 52 -33.78 11.48 -11.69
N ILE C 53 -32.74 11.73 -10.91
CA ILE C 53 -32.92 12.33 -9.60
C ILE C 53 -32.42 13.78 -9.67
N ALA C 54 -33.14 14.66 -9.02
CA ALA C 54 -32.89 16.05 -9.09
C ALA C 54 -33.01 16.64 -7.69
N ALA C 55 -32.36 17.78 -7.50
CA ALA C 55 -32.50 18.57 -6.29
C ALA C 55 -33.87 19.24 -6.33
N GLY C 56 -34.73 18.91 -5.36
CA GLY C 56 -36.07 19.45 -5.34
C GLY C 56 -36.09 20.83 -4.70
N ILE C 57 -35.34 21.75 -5.29
CA ILE C 57 -35.13 23.12 -4.75
C ILE C 57 -35.59 24.17 -5.79
N ALA C 58 -36.14 23.73 -6.92
CA ALA C 58 -36.73 24.65 -7.89
C ALA C 58 -37.77 23.89 -8.72
N ASP C 59 -38.57 24.62 -9.48
CA ASP C 59 -39.55 23.96 -10.34
C ASP C 59 -38.95 23.46 -11.65
N TYR C 60 -37.71 23.87 -11.97
CA TYR C 60 -36.91 23.34 -13.09
C TYR C 60 -36.22 22.04 -12.63
N PRO C 61 -36.11 21.05 -13.53
CA PRO C 61 -35.47 19.77 -13.18
C PRO C 61 -33.93 19.88 -13.09
N LEU C 62 -33.43 20.13 -11.88
CA LEU C 62 -31.98 20.21 -11.62
C LEU C 62 -31.41 18.80 -11.38
N TYR C 63 -31.25 18.07 -12.46
CA TYR C 63 -30.83 16.68 -12.42
C TYR C 63 -29.37 16.55 -11.96
N TYR C 64 -29.13 15.64 -11.03
CA TYR C 64 -27.79 15.19 -10.70
C TYR C 64 -27.34 14.15 -11.74
N ASP C 65 -28.29 13.31 -12.15
CA ASP C 65 -28.12 12.33 -13.21
C ASP C 65 -29.49 11.89 -13.76
N ALA C 66 -29.47 11.22 -14.91
CA ALA C 66 -30.69 10.90 -15.57
C ALA C 66 -30.40 10.00 -16.78
N ILE C 67 -31.47 9.38 -17.26
CA ILE C 67 -31.46 8.70 -18.53
C ILE C 67 -32.69 9.18 -19.32
N ASN C 68 -32.61 9.03 -20.65
CA ASN C 68 -33.72 9.38 -21.50
C ASN C 68 -34.36 8.09 -22.02
N GLU C 69 -35.48 8.26 -22.71
CA GLU C 69 -36.29 7.14 -23.18
C GLU C 69 -35.57 6.42 -24.34
N LYS C 70 -34.45 6.94 -24.80
CA LYS C 70 -33.78 6.34 -25.97
C LYS C 70 -32.58 5.50 -25.53
N GLY C 71 -32.32 5.40 -24.24
CA GLY C 71 -31.23 4.57 -23.71
C GLY C 71 -29.93 5.34 -23.52
N LEU C 72 -29.98 6.67 -23.37
CA LEU C 72 -28.75 7.45 -23.17
C LEU C 72 -28.77 8.03 -21.75
N GLY C 73 -27.67 7.81 -21.04
CA GLY C 73 -27.56 8.23 -19.64
C GLY C 73 -26.47 9.28 -19.46
N MET C 74 -26.67 10.16 -18.51
CA MET C 74 -25.68 11.18 -18.24
C MET C 74 -25.73 11.50 -16.74
N ALA C 75 -24.55 11.70 -16.16
CA ALA C 75 -24.47 11.99 -14.72
C ALA C 75 -23.45 13.09 -14.46
N GLY C 76 -23.75 13.98 -13.52
CA GLY C 76 -22.82 15.03 -13.07
C GLY C 76 -22.19 14.67 -11.73
N LEU C 77 -20.85 14.67 -11.68
CA LEU C 77 -20.07 14.27 -10.52
C LEU C 77 -19.13 15.41 -10.13
N ASN C 78 -18.92 15.56 -8.84
CA ASN C 78 -18.13 16.63 -8.29
C ASN C 78 -16.71 16.62 -8.87
N PHE C 79 -16.20 17.81 -9.17
CA PHE C 79 -14.94 17.99 -9.90
C PHE C 79 -14.32 19.31 -9.42
N SER C 80 -14.34 19.48 -8.10
CA SER C 80 -14.10 20.74 -7.40
C SER C 80 -12.64 21.16 -7.54
N GLY C 81 -12.42 22.36 -8.07
CA GLY C 81 -11.09 22.91 -8.32
C GLY C 81 -10.56 22.52 -9.69
N TYR C 82 -11.13 21.49 -10.27
CA TYR C 82 -10.75 21.04 -11.60
C TYR C 82 -11.70 21.65 -12.64
N ALA C 83 -12.99 21.76 -12.33
CA ALA C 83 -13.91 22.26 -13.33
C ALA C 83 -13.64 23.74 -13.57
N ASP C 84 -13.80 24.17 -14.82
CA ASP C 84 -13.72 25.59 -15.16
C ASP C 84 -14.71 25.90 -16.29
N TYR C 85 -15.62 26.84 -16.00
CA TYR C 85 -16.63 27.27 -16.93
C TYR C 85 -16.23 28.62 -17.53
N LYS C 86 -16.68 28.91 -18.75
CA LYS C 86 -16.10 29.93 -19.61
C LYS C 86 -17.07 31.11 -19.79
N LYS C 87 -16.57 32.16 -20.40
CA LYS C 87 -17.40 33.21 -20.96
C LYS C 87 -17.96 32.75 -22.30
N ILE C 88 -19.08 33.37 -22.61
CA ILE C 88 -19.81 33.10 -23.84
C ILE C 88 -18.85 33.33 -25.02
N GLU C 89 -18.78 32.40 -25.96
CA GLU C 89 -17.86 32.48 -27.09
C GLU C 89 -18.68 32.45 -28.39
N GLU C 90 -18.46 33.48 -29.20
CA GLU C 90 -19.16 33.63 -30.45
C GLU C 90 -18.83 32.44 -31.34
N GLY C 91 -19.84 31.84 -31.93
CA GLY C 91 -19.63 30.73 -32.84
C GLY C 91 -19.55 29.39 -32.11
N LYS C 92 -19.76 29.40 -30.79
CA LYS C 92 -19.91 28.14 -30.04
C LYS C 92 -21.40 27.90 -29.75
N GLU C 93 -21.68 26.71 -29.24
CA GLU C 93 -22.96 26.48 -28.60
C GLU C 93 -22.78 26.64 -27.08
N ASN C 94 -23.28 27.75 -26.56
CA ASN C 94 -23.00 28.23 -25.20
C ASN C 94 -24.06 27.69 -24.23
N VAL C 95 -23.67 26.71 -23.40
CA VAL C 95 -24.61 25.98 -22.55
C VAL C 95 -24.12 26.05 -21.11
N SER C 96 -24.97 26.45 -20.17
CA SER C 96 -24.63 26.44 -18.74
C SER C 96 -24.62 24.99 -18.23
N PRO C 97 -23.76 24.69 -17.25
CA PRO C 97 -23.72 23.31 -16.77
C PRO C 97 -25.05 22.85 -16.16
N PHE C 98 -25.88 23.77 -15.67
CA PHE C 98 -27.22 23.42 -15.14
C PHE C 98 -28.14 22.99 -16.29
N GLU C 99 -27.84 23.46 -17.51
CA GLU C 99 -28.66 23.19 -18.70
C GLU C 99 -28.22 21.89 -19.36
N PHE C 100 -27.03 21.37 -19.00
CA PHE C 100 -26.26 20.48 -19.86
C PHE C 100 -26.95 19.11 -20.02
N ILE C 101 -27.53 18.58 -18.95
CA ILE C 101 -28.17 17.28 -19.03
C ILE C 101 -29.45 17.43 -19.88
N PRO C 102 -30.29 18.41 -19.60
CA PRO C 102 -31.42 18.61 -20.54
C PRO C 102 -31.00 18.87 -21.99
N TRP C 103 -29.89 19.59 -22.20
CA TRP C 103 -29.42 19.92 -23.55
C TRP C 103 -29.08 18.63 -24.29
N VAL C 104 -28.36 17.72 -23.63
CA VAL C 104 -27.86 16.51 -24.31
C VAL C 104 -29.02 15.51 -24.38
N LEU C 105 -29.58 15.16 -23.22
CA LEU C 105 -30.57 14.06 -23.17
C LEU C 105 -31.86 14.47 -23.89
N GLY C 106 -32.16 15.76 -23.90
CA GLY C 106 -33.30 16.25 -24.66
C GLY C 106 -33.25 15.77 -26.10
N GLN C 107 -32.07 15.73 -26.71
CA GLN C 107 -31.98 15.62 -28.18
C GLN C 107 -30.98 14.54 -28.65
N CYS C 108 -30.31 13.74 -27.82
CA CYS C 108 -29.49 12.63 -28.38
C CYS C 108 -30.02 11.25 -27.96
N SER C 109 -29.96 10.31 -28.89
CA SER C 109 -30.44 8.96 -28.67
CA SER C 109 -30.44 8.95 -28.71
C SER C 109 -29.27 8.02 -28.39
N THR C 110 -28.05 8.51 -28.70
CA THR C 110 -26.84 7.69 -28.61
C THR C 110 -25.63 8.54 -28.18
N VAL C 111 -24.56 7.84 -27.83
CA VAL C 111 -23.37 8.51 -27.35
C VAL C 111 -22.69 9.19 -28.54
N ASP C 112 -22.73 8.55 -29.70
CA ASP C 112 -22.22 9.16 -30.95
C ASP C 112 -22.91 10.48 -31.31
N GLU C 113 -24.22 10.56 -31.15
CA GLU C 113 -24.90 11.84 -31.37
C GLU C 113 -24.45 12.85 -30.30
N ALA C 114 -24.25 12.39 -29.07
CA ALA C 114 -23.72 13.28 -28.06
C ALA C 114 -22.34 13.80 -28.52
N LYS C 115 -21.48 12.92 -29.03
CA LYS C 115 -20.11 13.33 -29.47
C LYS C 115 -20.22 14.46 -30.51
N LYS C 116 -21.08 14.26 -31.52
CA LYS C 116 -21.30 15.27 -32.56
C LYS C 116 -21.86 16.55 -31.92
N LEU C 117 -22.87 16.46 -31.07
CA LEU C 117 -23.43 17.66 -30.42
C LEU C 117 -22.38 18.39 -29.57
N LEU C 118 -21.49 17.64 -28.93
CA LEU C 118 -20.47 18.20 -28.04
C LEU C 118 -19.36 18.93 -28.83
N LYS C 119 -19.18 18.69 -30.12
CA LYS C 119 -17.96 19.21 -30.82
C LYS C 119 -17.90 20.73 -30.73
N ASN C 120 -19.03 21.42 -30.68
CA ASN C 120 -18.99 22.85 -30.63
C ASN C 120 -19.47 23.40 -29.26
N LEU C 121 -19.41 22.59 -28.22
CA LEU C 121 -19.93 22.99 -26.94
C LEU C 121 -18.96 23.97 -26.26
N ASN C 122 -19.49 24.96 -25.58
CA ASN C 122 -18.75 25.81 -24.62
C ASN C 122 -19.59 25.85 -23.34
N LEU C 123 -19.11 25.24 -22.25
CA LEU C 123 -19.87 25.26 -20.98
C LEU C 123 -19.66 26.62 -20.29
N VAL C 124 -20.71 27.42 -20.14
CA VAL C 124 -20.50 28.81 -19.74
C VAL C 124 -20.87 29.02 -18.29
N ASN C 125 -20.14 29.93 -17.67
CA ASN C 125 -20.25 30.21 -16.26
C ASN C 125 -21.49 31.05 -15.97
N ILE C 126 -22.68 30.50 -16.18
CA ILE C 126 -23.93 31.21 -15.93
C ILE C 126 -24.82 30.41 -14.95
N ASN C 127 -25.15 31.04 -13.83
CA ASN C 127 -25.91 30.40 -12.76
C ASN C 127 -27.39 30.19 -13.15
N PHE C 128 -27.97 29.12 -12.64
CA PHE C 128 -29.41 28.93 -12.72
C PHE C 128 -30.09 30.21 -12.21
N SER C 129 -29.68 30.65 -11.04
CA SER C 129 -30.16 31.88 -10.43
C SER C 129 -29.05 32.48 -9.56
N ASP C 130 -29.32 33.66 -9.01
CA ASP C 130 -28.44 34.29 -8.02
C ASP C 130 -28.40 33.44 -6.77
N GLU C 131 -29.48 32.71 -6.53
CA GLU C 131 -29.74 31.97 -5.28
C GLU C 131 -29.08 30.58 -5.32
N LEU C 132 -28.82 30.06 -6.52
CA LEU C 132 -28.25 28.75 -6.74
C LEU C 132 -27.06 28.84 -7.72
N PRO C 133 -25.84 29.08 -7.20
CA PRO C 133 -24.65 29.13 -8.06
C PRO C 133 -24.22 27.76 -8.61
N LEU C 134 -23.54 27.75 -9.75
CA LEU C 134 -23.16 26.48 -10.41
C LEU C 134 -22.31 25.63 -9.48
N SER C 135 -22.29 24.32 -9.74
CA SER C 135 -21.44 23.38 -9.03
C SER C 135 -20.30 22.97 -9.95
N PRO C 136 -19.11 22.76 -9.40
CA PRO C 136 -18.00 22.31 -10.24
C PRO C 136 -18.11 20.80 -10.50
N LEU C 137 -18.31 20.44 -11.78
CA LEU C 137 -18.69 19.09 -12.17
C LEU C 137 -17.87 18.62 -13.39
N HIS C 138 -17.77 17.29 -13.50
CA HIS C 138 -17.49 16.62 -14.77
C HIS C 138 -18.57 15.55 -15.00
N TRP C 139 -18.61 14.99 -16.23
CA TRP C 139 -19.76 14.15 -16.60
C TRP C 139 -19.33 12.80 -17.18
N LEU C 140 -20.16 11.80 -16.89
CA LEU C 140 -20.15 10.51 -17.56
C LEU C 140 -21.43 10.39 -18.39
N LEU C 141 -21.30 9.98 -19.66
CA LEU C 141 -22.43 9.71 -20.54
C LEU C 141 -22.30 8.28 -21.03
N ALA C 142 -23.41 7.55 -21.16
CA ALA C 142 -23.30 6.17 -21.58
C ALA C 142 -24.58 5.72 -22.30
N ASP C 143 -24.40 4.78 -23.21
CA ASP C 143 -25.50 4.12 -23.91
C ASP C 143 -25.14 2.64 -23.96
N LYS C 144 -25.83 1.83 -24.75
CA LYS C 144 -25.51 0.38 -24.73
C LYS C 144 -24.20 0.05 -25.47
N GLU C 145 -23.60 1.01 -26.17
CA GLU C 145 -22.40 0.72 -26.97
C GLU C 145 -21.12 1.09 -26.20
N GLN C 146 -21.13 2.21 -25.48
CA GLN C 146 -19.87 2.89 -25.05
C GLN C 146 -20.19 3.94 -23.97
N SER C 147 -19.17 4.50 -23.33
CA SER C 147 -19.36 5.65 -22.44
C SER C 147 -18.24 6.67 -22.69
N ILE C 148 -18.47 7.91 -22.26
CA ILE C 148 -17.52 9.01 -22.45
C ILE C 148 -17.52 9.89 -21.21
N VAL C 149 -16.41 10.60 -21.07
CA VAL C 149 -16.21 11.56 -20.01
C VAL C 149 -16.03 12.94 -20.64
N VAL C 150 -16.70 13.92 -20.03
CA VAL C 150 -16.62 15.27 -20.48
C VAL C 150 -16.04 16.12 -19.35
N GLU C 151 -14.92 16.78 -19.64
CA GLU C 151 -14.25 17.56 -18.65
C GLU C 151 -13.89 18.92 -19.26
N SER C 152 -14.57 19.95 -18.78
CA SER C 152 -14.18 21.34 -19.00
C SER C 152 -13.30 21.81 -17.85
N THR C 153 -12.02 22.01 -18.15
CA THR C 153 -11.00 22.41 -17.19
C THR C 153 -10.39 23.74 -17.65
N LYS C 154 -9.49 24.31 -16.84
CA LYS C 154 -8.89 25.59 -17.16
C LYS C 154 -8.29 25.54 -18.57
N GLU C 155 -7.72 24.39 -18.92
CA GLU C 155 -7.02 24.24 -20.18
C GLU C 155 -8.01 23.98 -21.33
N GLY C 156 -9.23 23.56 -21.07
CA GLY C 156 -10.20 23.53 -22.14
C GLY C 156 -11.21 22.43 -21.94
N LEU C 157 -11.85 22.04 -23.05
CA LEU C 157 -12.92 21.05 -23.06
C LEU C 157 -12.40 19.77 -23.71
N ARG C 158 -12.44 18.63 -23.01
CA ARG C 158 -12.03 17.35 -23.60
C ARG C 158 -13.14 16.32 -23.43
N VAL C 159 -13.23 15.43 -24.43
CA VAL C 159 -14.16 14.33 -24.48
C VAL C 159 -13.34 13.04 -24.68
N PHE C 160 -13.32 12.16 -23.67
CA PHE C 160 -12.57 10.89 -23.70
C PHE C 160 -13.50 9.70 -23.93
N ASP C 161 -13.07 8.73 -24.72
CA ASP C 161 -13.68 7.40 -24.67
C ASP C 161 -13.34 6.83 -23.28
N ASN C 162 -14.30 6.16 -22.65
CA ASN C 162 -14.08 5.66 -21.29
C ASN C 162 -13.98 4.15 -21.35
N PRO C 163 -12.77 3.60 -21.41
CA PRO C 163 -12.78 2.16 -21.65
C PRO C 163 -13.23 1.33 -20.42
N VAL C 164 -13.50 1.92 -19.25
CA VAL C 164 -13.80 1.06 -18.07
C VAL C 164 -15.26 1.28 -17.61
N GLY C 165 -15.93 2.29 -18.11
CA GLY C 165 -17.30 2.52 -17.72
C GLY C 165 -17.37 3.01 -16.27
N VAL C 166 -16.35 3.76 -15.84
CA VAL C 166 -16.32 4.24 -14.46
C VAL C 166 -15.88 5.70 -14.42
N LEU C 167 -16.38 6.46 -13.46
CA LEU C 167 -15.89 7.79 -13.22
C LEU C 167 -16.09 8.13 -11.74
N THR C 168 -15.18 8.91 -11.14
CA THR C 168 -15.38 9.42 -9.78
C THR C 168 -15.23 10.94 -9.77
N ASN C 169 -14.37 11.47 -8.91
CA ASN C 169 -14.21 12.90 -8.80
C ASN C 169 -12.83 13.26 -9.37
N ASN C 170 -12.01 14.09 -8.67
CA ASN C 170 -10.70 14.57 -9.17
C ASN C 170 -9.68 13.42 -9.17
N PRO C 171 -8.61 13.55 -9.95
CA PRO C 171 -8.21 14.54 -10.93
C PRO C 171 -8.78 14.24 -12.33
N THR C 172 -8.09 14.61 -13.40
CA THR C 172 -8.62 14.48 -14.75
C THR C 172 -8.62 13.01 -15.16
N PHE C 173 -9.43 12.68 -16.14
CA PHE C 173 -9.74 11.31 -16.48
C PHE C 173 -8.49 10.61 -17.05
N ASP C 174 -7.64 11.37 -17.71
CA ASP C 174 -6.44 10.80 -18.26
C ASP C 174 -5.56 10.30 -17.07
N TYR C 175 -5.52 11.00 -15.93
CA TYR C 175 -4.69 10.49 -14.82
C TYR C 175 -5.33 9.26 -14.18
N GLN C 176 -6.66 9.30 -14.02
CA GLN C 176 -7.42 8.19 -13.47
C GLN C 176 -7.14 6.90 -14.25
N LEU C 177 -7.19 6.98 -15.59
CA LEU C 177 -6.91 5.82 -16.48
C LEU C 177 -5.45 5.37 -16.36
N PHE C 178 -4.55 6.34 -16.34
CA PHE C 178 -3.13 6.01 -16.27
C PHE C 178 -2.78 5.20 -15.01
N ASN C 179 -3.37 5.62 -13.89
CA ASN C 179 -3.13 5.05 -12.57
C ASN C 179 -3.48 3.54 -12.55
N LEU C 180 -4.45 3.08 -13.33
CA LEU C 180 -4.83 1.67 -13.35
C LEU C 180 -3.64 0.79 -13.74
N ASN C 181 -2.72 1.33 -14.53
CA ASN C 181 -1.50 0.60 -14.90
C ASN C 181 -0.77 0.06 -13.67
N ASN C 182 -0.89 0.77 -12.55
CA ASN C 182 -0.18 0.43 -11.31
C ASN C 182 -0.75 -0.87 -10.71
N TYR C 183 -1.98 -1.26 -11.09
CA TYR C 183 -2.68 -2.37 -10.45
C TYR C 183 -2.80 -3.57 -11.42
N ARG C 184 -1.94 -3.64 -12.41
CA ARG C 184 -2.03 -4.69 -13.44
C ARG C 184 -1.96 -6.09 -12.83
N VAL C 185 -1.33 -6.24 -11.65
CA VAL C 185 -1.10 -7.61 -11.11
C VAL C 185 -2.31 -8.10 -10.28
N LEU C 186 -3.22 -7.22 -9.85
CA LEU C 186 -4.35 -7.69 -9.04
C LEU C 186 -5.13 -8.75 -9.84
N SER C 187 -5.65 -9.73 -9.13
CA SER C 187 -6.31 -10.86 -9.72
C SER C 187 -7.50 -11.29 -8.84
N THR C 188 -8.45 -11.97 -9.44
CA THR C 188 -9.54 -12.57 -8.70
C THR C 188 -9.10 -13.92 -8.12
N ARG C 189 -7.96 -14.43 -8.61
CA ARG C 189 -7.43 -15.76 -8.21
C ARG C 189 -6.20 -15.57 -7.31
N THR C 190 -5.89 -16.61 -6.53
CA THR C 190 -4.72 -16.60 -5.63
C THR C 190 -3.43 -16.53 -6.46
N PRO C 191 -2.54 -15.58 -6.19
CA PRO C 191 -1.33 -15.61 -7.01
C PRO C 191 -0.35 -16.71 -6.61
N LYS C 192 0.53 -17.05 -7.51
CA LYS C 192 1.63 -17.95 -7.20
C LYS C 192 2.59 -17.24 -6.24
N ASN C 193 3.50 -18.01 -5.65
CA ASN C 193 4.61 -17.42 -4.89
C ASN C 193 5.70 -17.03 -5.90
N ASN C 194 5.70 -15.74 -6.29
CA ASN C 194 6.79 -15.15 -7.09
C ASN C 194 7.87 -14.58 -6.16
N PHE C 195 7.52 -14.24 -4.93
CA PHE C 195 8.43 -13.58 -3.98
C PHE C 195 9.80 -14.27 -3.98
N SER C 196 9.81 -15.56 -3.68
CA SER C 196 11.02 -16.40 -3.77
C SER C 196 10.63 -17.89 -3.81
N ASP C 197 11.27 -18.63 -4.71
CA ASP C 197 11.14 -20.09 -4.74
C ASP C 197 11.91 -20.79 -3.62
N GLN C 198 12.69 -20.05 -2.84
CA GLN C 198 13.53 -20.65 -1.86
C GLN C 198 12.73 -20.88 -0.58
N ILE C 199 11.58 -20.24 -0.42
CA ILE C 199 10.82 -20.46 0.82
C ILE C 199 9.36 -20.77 0.47
N GLU C 200 8.65 -21.26 1.47
CA GLU C 200 7.25 -21.60 1.30
C GLU C 200 6.42 -20.49 1.95
N LEU C 201 5.47 -19.96 1.20
CA LEU C 201 4.58 -18.96 1.74
C LEU C 201 3.17 -19.56 1.72
N ASP C 202 2.41 -19.45 2.81
CA ASP C 202 1.11 -20.12 2.85
C ASP C 202 -0.03 -19.25 2.39
N ILE C 203 -0.98 -19.88 1.72
CA ILE C 203 -2.22 -19.23 1.35
C ILE C 203 -3.18 -19.40 2.53
N TYR C 204 -3.11 -18.46 3.47
CA TYR C 204 -3.85 -18.55 4.72
C TYR C 204 -5.25 -17.97 4.58
N SER C 205 -5.53 -17.39 3.44
CA SER C 205 -6.85 -16.76 3.21
C SER C 205 -7.23 -16.75 1.72
N ARG C 206 -8.53 -16.63 1.49
CA ARG C 206 -9.12 -16.52 0.14
C ARG C 206 -9.08 -15.04 -0.26
N GLY C 207 -9.13 -14.77 -1.55
CA GLY C 207 -9.08 -13.42 -2.13
C GLY C 207 -7.71 -12.75 -2.04
N MET C 208 -6.62 -13.46 -1.86
CA MET C 208 -5.32 -12.82 -1.71
C MET C 208 -4.87 -12.18 -3.04
N GLY C 209 -5.43 -12.57 -4.16
CA GLY C 209 -5.05 -11.96 -5.46
C GLY C 209 -5.38 -10.46 -5.51
N GLY C 210 -6.35 -10.07 -4.69
CA GLY C 210 -6.74 -8.67 -4.61
C GLY C 210 -5.85 -7.81 -3.73
N ILE C 211 -4.90 -8.38 -3.00
CA ILE C 211 -4.18 -7.56 -2.00
C ILE C 211 -3.46 -6.43 -2.76
N GLY C 212 -3.70 -5.20 -2.29
CA GLY C 212 -3.18 -3.96 -2.94
C GLY C 212 -4.31 -3.03 -3.38
N LEU C 213 -5.49 -3.62 -3.59
CA LEU C 213 -6.62 -2.84 -3.99
C LEU C 213 -6.89 -1.80 -2.89
N PRO C 214 -7.00 -0.51 -3.23
CA PRO C 214 -7.13 0.45 -2.13
C PRO C 214 -8.59 0.48 -1.65
N GLY C 215 -8.79 0.70 -0.36
CA GLY C 215 -10.14 0.57 0.21
C GLY C 215 -10.62 1.82 0.91
N ASP C 216 -9.86 2.90 0.83
CA ASP C 216 -10.31 4.17 1.37
C ASP C 216 -11.38 4.83 0.46
N LEU C 217 -11.89 5.98 0.92
CA LEU C 217 -13.01 6.73 0.34
C LEU C 217 -12.59 7.84 -0.61
N SER C 218 -11.27 7.99 -0.87
CA SER C 218 -10.79 9.08 -1.73
C SER C 218 -11.15 8.78 -3.19
N SER C 219 -11.07 9.82 -4.01
CA SER C 219 -11.56 9.78 -5.39
C SER C 219 -10.80 8.71 -6.22
N VAL C 220 -9.47 8.73 -6.18
CA VAL C 220 -8.68 7.79 -7.01
C VAL C 220 -8.89 6.36 -6.48
N SER C 221 -8.88 6.19 -5.16
CA SER C 221 -8.97 4.82 -4.63
C SER C 221 -10.30 4.19 -5.06
N ARG C 222 -11.39 4.96 -4.99
CA ARG C 222 -12.73 4.45 -5.37
C ARG C 222 -12.76 4.19 -6.88
N PHE C 223 -12.09 5.02 -7.66
CA PHE C 223 -12.06 4.75 -9.06
C PHE C 223 -11.42 3.37 -9.31
N VAL C 224 -10.31 3.11 -8.61
CA VAL C 224 -9.57 1.88 -8.83
C VAL C 224 -10.44 0.70 -8.34
N LYS C 225 -11.07 0.81 -7.17
CA LYS C 225 -11.81 -0.34 -6.60
C LYS C 225 -13.08 -0.60 -7.42
N ALA C 226 -13.83 0.46 -7.75
CA ALA C 226 -15.04 0.34 -8.60
C ALA C 226 -14.68 -0.30 -9.95
N THR C 227 -13.52 0.05 -10.50
CA THR C 227 -13.11 -0.47 -11.80
C THR C 227 -12.83 -1.98 -11.68
N PHE C 228 -11.99 -2.38 -10.73
CA PHE C 228 -11.72 -3.82 -10.51
C PHE C 228 -13.02 -4.58 -10.23
N THR C 229 -13.88 -4.02 -9.39
CA THR C 229 -15.13 -4.69 -8.98
C THR C 229 -16.13 -4.77 -10.15
N LYS C 230 -16.27 -3.71 -10.95
CA LYS C 230 -17.13 -3.74 -12.18
C LYS C 230 -16.54 -4.70 -13.21
N LEU C 231 -15.28 -4.50 -13.60
CA LEU C 231 -14.71 -5.30 -14.70
C LEU C 231 -14.69 -6.80 -14.36
N ASN C 232 -14.61 -7.18 -13.08
CA ASN C 232 -14.49 -8.60 -12.72
C ASN C 232 -15.83 -9.16 -12.22
N SER C 233 -16.91 -8.40 -12.31
CA SER C 233 -18.21 -8.85 -11.77
C SER C 233 -18.78 -9.92 -12.70
N VAL C 234 -19.37 -10.92 -12.08
CA VAL C 234 -20.07 -11.93 -12.90
C VAL C 234 -21.54 -11.57 -12.95
N SER C 235 -21.93 -11.39 -14.18
CA SER C 235 -23.26 -11.04 -14.71
C SER C 235 -24.25 -12.21 -14.74
N ARG C 236 -25.42 -12.00 -14.15
CA ARG C 236 -26.54 -12.97 -14.24
C ARG C 236 -27.47 -12.36 -15.30
N SER C 237 -28.01 -13.06 -16.29
CA SER C 237 -28.75 -12.22 -17.27
C SER C 237 -30.11 -11.68 -16.80
N SER C 238 -30.79 -12.29 -15.84
CA SER C 238 -32.14 -11.79 -15.48
C SER C 238 -32.07 -10.42 -14.78
N GLU C 239 -33.17 -9.70 -14.80
CA GLU C 239 -33.18 -8.30 -14.39
C GLU C 239 -32.76 -8.19 -12.91
N TYR C 240 -33.32 -9.01 -12.02
CA TYR C 240 -33.11 -8.77 -10.57
C TYR C 240 -31.67 -9.13 -10.19
N GLU C 241 -31.11 -10.15 -10.82
CA GLU C 241 -29.74 -10.56 -10.52
C GLU C 241 -28.74 -9.55 -11.08
N SER C 242 -29.10 -8.96 -12.23
CA SER C 242 -28.28 -7.96 -12.87
C SER C 242 -28.21 -6.69 -12.00
N ILE C 243 -29.38 -6.14 -11.61
CA ILE C 243 -29.37 -4.88 -10.79
C ILE C 243 -28.82 -5.16 -9.40
N SER C 244 -29.02 -6.40 -8.93
CA SER C 244 -28.44 -6.81 -7.68
C SER C 244 -26.90 -6.73 -7.77
N GLN C 245 -26.28 -7.34 -8.79
CA GLN C 245 -24.83 -7.21 -8.95
C GLN C 245 -24.41 -5.73 -9.05
N PHE C 246 -25.17 -4.94 -9.81
CA PHE C 246 -24.87 -3.51 -10.01
C PHE C 246 -24.81 -2.75 -8.67
N PHE C 247 -25.81 -2.99 -7.83
CA PHE C 247 -25.85 -2.32 -6.57
C PHE C 247 -24.72 -2.82 -5.66
N HIS C 248 -24.23 -4.05 -5.84
CA HIS C 248 -23.08 -4.51 -5.06
C HIS C 248 -21.81 -3.81 -5.55
N ILE C 249 -21.70 -3.48 -6.83
CA ILE C 249 -20.52 -2.75 -7.31
C ILE C 249 -20.49 -1.36 -6.63
N LEU C 250 -21.65 -0.71 -6.61
CA LEU C 250 -21.76 0.62 -6.05
C LEU C 250 -21.61 0.56 -4.52
N SER C 251 -22.14 -0.48 -3.86
CA SER C 251 -21.84 -0.64 -2.41
C SER C 251 -20.33 -0.75 -2.17
N SER C 252 -19.59 -1.34 -3.10
CA SER C 252 -18.16 -1.58 -2.88
C SER C 252 -17.42 -0.26 -2.59
N VAL C 253 -17.94 0.87 -3.06
CA VAL C 253 -17.19 2.13 -2.93
C VAL C 253 -18.11 3.22 -2.37
N GLU C 254 -19.16 2.80 -1.66
CA GLU C 254 -20.00 3.75 -0.95
C GLU C 254 -19.20 4.33 0.23
N GLN C 255 -19.67 5.48 0.71
CA GLN C 255 -19.05 6.25 1.79
C GLN C 255 -19.98 6.22 3.02
N GLN C 256 -19.45 5.67 4.11
CA GLN C 256 -20.22 5.43 5.30
C GLN C 256 -20.10 6.66 6.18
N LYS C 257 -21.22 6.96 6.84
CA LYS C 257 -21.33 8.06 7.75
C LYS C 257 -20.34 7.92 8.91
N GLY C 258 -19.56 8.98 9.12
CA GLY C 258 -18.55 9.08 10.17
C GLY C 258 -17.13 8.91 9.63
N LEU C 259 -16.98 8.37 8.43
CA LEU C 259 -15.65 7.97 7.94
C LEU C 259 -14.97 9.06 7.12
N CYS C 260 -15.75 10.01 6.58
CA CYS C 260 -15.23 11.07 5.73
C CYS C 260 -15.70 12.42 6.30
N ASP C 261 -14.84 12.99 7.12
CA ASP C 261 -15.09 14.25 7.77
C ASP C 261 -14.58 15.37 6.85
N VAL C 262 -15.49 16.22 6.36
CA VAL C 262 -15.09 17.22 5.35
C VAL C 262 -14.83 18.56 6.05
N GLY C 263 -14.76 18.53 7.38
CA GLY C 263 -14.48 19.69 8.21
C GLY C 263 -15.51 19.79 9.31
N ASP C 264 -15.06 19.96 10.54
CA ASP C 264 -15.95 20.18 11.71
C ASP C 264 -16.95 19.06 11.98
N GLU C 265 -16.51 17.82 11.81
CA GLU C 265 -17.36 16.63 12.02
C GLU C 265 -18.66 16.75 11.21
N LYS C 266 -18.52 17.24 9.98
CA LYS C 266 -19.56 17.14 8.98
C LYS C 266 -19.17 15.99 8.04
N TYR C 267 -20.08 15.06 7.83
CA TYR C 267 -19.72 13.79 7.21
C TYR C 267 -20.38 13.61 5.83
N ALA C 268 -19.53 13.35 4.84
CA ALA C 268 -19.94 12.93 3.50
C ALA C 268 -20.32 11.45 3.48
N TYR C 269 -21.46 11.14 2.87
CA TYR C 269 -21.99 9.78 2.85
C TYR C 269 -22.73 9.60 1.53
N THR C 270 -22.89 8.34 1.10
CA THR C 270 -23.65 8.01 -0.09
C THR C 270 -25.13 8.20 0.21
N ILE C 271 -25.65 9.37 -0.16
CA ILE C 271 -27.06 9.72 0.09
C ILE C 271 -27.97 8.77 -0.71
N TYR C 272 -27.63 8.47 -1.97
CA TYR C 272 -28.38 7.50 -2.75
C TYR C 272 -27.45 6.73 -3.70
N SER C 273 -27.93 5.57 -4.12
CA SER C 273 -27.32 4.80 -5.19
C SER C 273 -28.37 4.50 -6.25
N SER C 274 -28.08 4.76 -7.51
CA SER C 274 -29.08 4.57 -8.56
C SER C 274 -28.59 3.52 -9.55
N CYS C 275 -29.52 2.82 -10.17
CA CYS C 275 -29.25 1.83 -11.25
C CYS C 275 -30.37 1.96 -12.28
N CYS C 276 -30.04 2.43 -13.48
CA CYS C 276 -31.02 2.69 -14.51
C CYS C 276 -30.85 1.64 -15.61
N ASN C 277 -31.96 1.01 -15.98
CA ASN C 277 -32.02 0.06 -17.10
C ASN C 277 -32.29 0.89 -18.36
N LEU C 278 -31.29 1.00 -19.22
CA LEU C 278 -31.40 1.94 -20.32
C LEU C 278 -32.48 1.47 -21.30
N GLU C 279 -32.56 0.15 -21.51
CA GLU C 279 -33.49 -0.40 -22.49
C GLU C 279 -34.93 -0.19 -22.04
N LYS C 280 -35.18 -0.27 -20.72
CA LYS C 280 -36.55 -0.33 -20.17
C LYS C 280 -36.97 1.02 -19.58
N GLY C 281 -36.03 1.93 -19.43
CA GLY C 281 -36.39 3.23 -18.87
C GLY C 281 -36.81 3.15 -17.42
N ILE C 282 -36.15 2.29 -16.64
CA ILE C 282 -36.45 2.17 -15.20
C ILE C 282 -35.32 2.78 -14.35
N TYR C 283 -35.69 3.71 -13.48
CA TYR C 283 -34.80 4.29 -12.51
C TYR C 283 -34.99 3.57 -11.18
N TYR C 284 -34.10 2.61 -10.89
CA TYR C 284 -34.04 1.91 -9.58
C TYR C 284 -33.09 2.66 -8.64
N TYR C 285 -33.40 2.73 -7.34
CA TYR C 285 -32.48 3.39 -6.40
C TYR C 285 -32.64 2.87 -4.96
N ARG C 286 -31.57 3.05 -4.19
CA ARG C 286 -31.52 2.90 -2.73
C ARG C 286 -31.07 4.22 -2.10
N THR C 287 -31.36 4.39 -0.81
CA THR C 287 -30.85 5.52 -0.05
C THR C 287 -30.05 5.01 1.14
N TYR C 288 -29.34 5.92 1.81
CA TYR C 288 -28.50 5.52 2.93
C TYR C 288 -29.35 4.89 4.04
N ASP C 289 -30.57 5.34 4.18
CA ASP C 289 -31.45 4.85 5.20
C ASP C 289 -32.56 3.98 4.69
N ASN C 290 -32.49 3.55 3.44
CA ASN C 290 -33.45 2.57 2.95
C ASN C 290 -32.74 1.59 2.01
N SER C 291 -32.58 0.38 2.51
CA SER C 291 -31.87 -0.65 1.81
C SER C 291 -32.69 -1.22 0.63
N GLN C 292 -34.00 -1.24 0.77
CA GLN C 292 -34.85 -1.79 -0.26
C GLN C 292 -34.72 -0.93 -1.52
N ILE C 293 -34.64 -1.60 -2.66
CA ILE C 293 -34.61 -0.97 -3.99
C ILE C 293 -36.01 -0.48 -4.37
N THR C 294 -36.08 0.78 -4.76
CA THR C 294 -37.32 1.39 -5.27
C THR C 294 -37.19 1.64 -6.77
N ALA C 295 -38.28 1.42 -7.51
CA ALA C 295 -38.20 1.49 -8.98
C ALA C 295 -39.25 2.47 -9.50
N VAL C 296 -38.81 3.35 -10.43
CA VAL C 296 -39.69 4.31 -11.12
C VAL C 296 -39.55 4.09 -12.63
N ASP C 297 -40.67 3.70 -13.24
CA ASP C 297 -40.66 3.32 -14.65
C ASP C 297 -41.19 4.50 -15.43
N MET C 298 -40.31 5.15 -16.20
CA MET C 298 -40.66 6.37 -16.93
CA MET C 298 -40.68 6.38 -16.90
C MET C 298 -41.80 6.07 -17.90
N ASN C 299 -41.80 4.86 -18.46
CA ASN C 299 -42.72 4.50 -19.53
C ASN C 299 -44.13 4.20 -19.00
N LYS C 300 -44.37 4.36 -17.70
CA LYS C 300 -45.71 4.17 -17.18
C LYS C 300 -46.43 5.52 -17.08
N GLU C 301 -45.72 6.61 -17.35
CA GLU C 301 -46.33 7.91 -17.40
C GLU C 301 -46.77 8.22 -18.83
N ASN C 302 -47.55 9.28 -18.93
CA ASN C 302 -47.90 9.85 -20.19
C ASN C 302 -46.80 10.84 -20.56
N LEU C 303 -45.92 10.40 -21.45
CA LEU C 303 -44.72 11.13 -21.80
C LEU C 303 -45.04 12.24 -22.81
N GLU C 304 -46.31 12.31 -23.23
CA GLU C 304 -46.79 13.38 -24.11
C GLU C 304 -47.23 14.59 -23.27
N LYS C 305 -47.27 14.47 -21.94
CA LYS C 305 -47.66 15.61 -21.08
C LYS C 305 -46.58 16.69 -21.13
N ASP C 306 -46.84 17.83 -20.50
CA ASP C 306 -45.90 18.97 -20.52
C ASP C 306 -45.49 19.46 -19.13
N SER C 307 -45.71 18.66 -18.10
CA SER C 307 -45.35 19.09 -16.74
C SER C 307 -44.54 17.98 -16.06
N LEU C 308 -43.68 18.38 -15.14
CA LEU C 308 -42.81 17.47 -14.44
C LEU C 308 -43.65 16.59 -13.50
N ILE C 309 -43.25 15.32 -13.44
CA ILE C 309 -43.84 14.30 -12.57
C ILE C 309 -42.80 13.94 -11.50
N VAL C 310 -43.12 14.21 -10.24
CA VAL C 310 -42.18 14.01 -9.14
C VAL C 310 -42.62 12.85 -8.24
N TYR C 311 -41.66 11.95 -7.97
CA TYR C 311 -41.79 10.86 -6.98
C TYR C 311 -40.86 11.14 -5.80
N PRO C 312 -41.44 11.55 -4.65
CA PRO C 312 -40.61 11.88 -3.53
C PRO C 312 -39.92 10.59 -3.07
N MET C 313 -38.79 10.74 -2.42
CA MET C 313 -37.98 9.62 -2.08
C MET C 313 -38.44 9.04 -0.74
N VAL C 314 -38.32 7.72 -0.69
CA VAL C 314 -38.61 6.89 0.48
C VAL C 314 -37.41 7.00 1.44
N GLU C 315 -37.57 7.53 2.67
CA GLU C 315 -36.37 7.79 3.51
C GLU C 315 -36.49 7.25 4.95
N THR C 316 -37.26 6.18 5.11
CA THR C 316 -37.36 5.29 6.30
C THR C 316 -36.86 3.94 5.84
N GLN C 317 -36.31 3.08 6.70
CA GLN C 317 -36.05 1.72 6.25
C GLN C 317 -37.42 1.09 5.97
N GLN C 318 -37.52 0.41 4.81
CA GLN C 318 -38.70 -0.37 4.49
C GLN C 318 -38.40 -1.84 4.81
N ILE C 319 -38.76 -2.22 6.03
CA ILE C 319 -38.47 -3.53 6.61
C ILE C 319 -39.61 -4.49 6.26
N ASN C 320 -39.26 -5.67 5.78
CA ASN C 320 -40.19 -6.77 5.59
C ASN C 320 -40.23 -7.56 6.91
N TYR C 321 -41.33 -7.44 7.66
CA TYR C 321 -41.51 -8.18 8.92
C TYR C 321 -42.09 -9.56 8.60
N ALA C 322 -41.30 -10.60 8.78
CA ALA C 322 -41.65 -11.93 8.26
C ALA C 322 -42.48 -12.75 9.26
N ASN C 323 -42.72 -12.33 10.51
CA ASN C 323 -43.40 -13.23 11.49
C ASN C 323 -44.30 -12.45 12.46
N CYS D 1 -15.89 -14.43 5.77
CA CYS D 1 -16.82 -14.09 6.88
C CYS D 1 -16.27 -12.93 7.69
N THR D 2 -17.17 -12.07 8.16
CA THR D 2 -16.87 -10.96 9.05
C THR D 2 -17.99 -10.83 10.08
N ALA D 3 -17.69 -10.74 11.37
CA ALA D 3 -18.72 -10.57 12.42
C ALA D 3 -18.40 -9.35 13.29
N ILE D 4 -19.44 -8.63 13.69
CA ILE D 4 -19.24 -7.38 14.39
C ILE D 4 -20.29 -7.22 15.48
N THR D 5 -19.90 -6.50 16.53
CA THR D 5 -20.86 -5.92 17.45
C THR D 5 -20.89 -4.42 17.21
N TYR D 6 -21.95 -3.75 17.65
CA TYR D 6 -22.10 -2.31 17.46
C TYR D 6 -23.08 -1.75 18.49
N VAL D 7 -22.78 -0.60 19.06
CA VAL D 7 -23.70 -0.01 20.02
C VAL D 7 -24.14 1.36 19.50
N SER D 8 -25.45 1.57 19.57
CA SER D 8 -26.10 2.84 19.32
C SER D 8 -26.79 3.26 20.63
N LYS D 9 -28.06 2.97 20.80
CA LYS D 9 -28.62 2.89 22.14
C LYS D 9 -28.71 1.41 22.52
N ASP D 10 -29.40 0.66 21.68
CA ASP D 10 -29.37 -0.79 21.74
C ASP D 10 -28.02 -1.34 21.25
N HIS D 11 -27.82 -2.65 21.50
CA HIS D 11 -26.61 -3.40 21.13
C HIS D 11 -26.96 -4.45 20.08
N TYR D 12 -26.08 -4.56 19.08
CA TYR D 12 -26.34 -5.27 17.85
C TYR D 12 -25.18 -6.22 17.59
N PHE D 13 -25.51 -7.36 17.03
CA PHE D 13 -24.58 -8.39 16.73
C PHE D 13 -24.95 -9.00 15.37
N GLY D 14 -23.98 -9.24 14.50
CA GLY D 14 -24.28 -9.89 13.24
C GLY D 14 -23.04 -10.15 12.38
N ARG D 15 -23.27 -10.73 11.21
CA ARG D 15 -22.13 -11.14 10.40
C ARG D 15 -22.50 -11.16 8.93
N ASN D 16 -21.47 -11.13 8.12
CA ASN D 16 -21.52 -11.54 6.74
C ASN D 16 -21.14 -13.01 6.64
N PHE D 17 -21.95 -13.77 5.91
CA PHE D 17 -21.67 -15.16 5.59
C PHE D 17 -21.22 -15.24 4.14
N ASP D 18 -19.93 -15.59 3.98
CA ASP D 18 -19.21 -15.48 2.75
C ASP D 18 -18.75 -16.87 2.34
N TYR D 19 -19.35 -17.44 1.31
CA TYR D 19 -19.00 -18.79 0.91
C TYR D 19 -19.43 -19.03 -0.55
N GLU D 20 -19.02 -20.16 -1.14
CA GLU D 20 -19.26 -20.40 -2.55
C GLU D 20 -20.54 -21.23 -2.74
N ILE D 21 -21.08 -21.83 -1.67
CA ILE D 21 -22.29 -22.63 -1.80
C ILE D 21 -23.20 -22.44 -0.57
N SER D 22 -24.49 -22.46 -0.86
CA SER D 22 -25.55 -22.25 0.10
C SER D 22 -26.01 -23.62 0.62
N TYR D 23 -26.16 -23.81 1.93
CA TYR D 23 -26.67 -25.07 2.47
C TYR D 23 -28.10 -24.88 2.98
N ASN D 24 -28.96 -24.28 2.17
CA ASN D 24 -30.41 -24.20 2.46
C ASN D 24 -30.60 -23.41 3.77
N GLU D 25 -30.03 -22.20 3.76
CA GLU D 25 -30.02 -21.34 4.91
C GLU D 25 -31.47 -21.01 5.31
N VAL D 26 -31.78 -21.10 6.60
CA VAL D 26 -33.10 -20.75 7.10
C VAL D 26 -32.94 -19.97 8.41
N VAL D 27 -33.91 -19.10 8.69
CA VAL D 27 -34.00 -18.48 10.01
C VAL D 27 -34.70 -19.47 10.94
N THR D 28 -34.01 -19.92 11.99
CA THR D 28 -34.59 -20.91 12.94
C THR D 28 -34.70 -20.31 14.35
N ILE D 29 -35.91 -20.33 14.93
CA ILE D 29 -36.08 -20.07 16.38
C ILE D 29 -36.05 -21.44 17.08
N THR D 30 -35.08 -21.59 17.98
CA THR D 30 -35.06 -22.76 18.86
C THR D 30 -35.77 -22.38 20.16
N PRO D 31 -37.00 -22.90 20.38
CA PRO D 31 -37.71 -22.50 21.60
C PRO D 31 -37.13 -23.21 22.83
N ARG D 32 -37.62 -22.83 24.01
CA ARG D 32 -37.02 -23.22 25.32
C ARG D 32 -37.09 -24.72 25.59
N ASN D 33 -38.13 -25.41 25.14
CA ASN D 33 -38.36 -26.79 25.53
C ASN D 33 -37.95 -27.73 24.37
N TYR D 34 -37.33 -27.18 23.32
CA TYR D 34 -36.63 -28.04 22.34
C TYR D 34 -35.44 -28.70 23.04
N LYS D 35 -35.54 -30.00 23.26
CA LYS D 35 -34.56 -30.72 24.06
C LYS D 35 -33.22 -30.76 23.31
N PHE D 36 -32.14 -30.34 23.96
CA PHE D 36 -30.80 -30.56 23.39
C PHE D 36 -30.19 -31.83 24.00
N SER D 37 -29.87 -32.80 23.16
CA SER D 37 -29.13 -34.03 23.54
C SER D 37 -27.68 -33.91 23.09
N PHE D 38 -26.73 -33.71 24.00
CA PHE D 38 -25.33 -33.57 23.61
C PHE D 38 -24.68 -34.96 23.68
N ARG D 39 -23.73 -35.19 22.77
CA ARG D 39 -23.09 -36.49 22.63
C ARG D 39 -22.21 -36.82 23.85
N GLU D 40 -21.57 -35.85 24.51
CA GLU D 40 -20.60 -36.18 25.58
C GLU D 40 -20.80 -35.34 26.84
N VAL D 41 -21.79 -34.46 26.88
CA VAL D 41 -22.10 -33.76 28.09
C VAL D 41 -23.60 -33.94 28.34
N GLY D 42 -24.08 -33.33 29.40
CA GLY D 42 -25.42 -33.60 29.85
C GLY D 42 -26.42 -32.83 29.01
N ASN D 43 -27.61 -33.40 28.90
CA ASN D 43 -28.69 -32.86 28.12
C ASN D 43 -29.20 -31.54 28.71
N LEU D 44 -29.76 -30.70 27.86
CA LEU D 44 -30.49 -29.47 28.26
C LEU D 44 -31.92 -29.53 27.71
N ASP D 45 -32.85 -29.96 28.57
CA ASP D 45 -34.26 -30.11 28.19
C ASP D 45 -35.00 -28.79 28.26
N HIS D 46 -34.51 -27.87 29.09
CA HIS D 46 -35.08 -26.54 29.27
C HIS D 46 -33.94 -25.53 29.22
N HIS D 47 -34.05 -24.56 28.33
CA HIS D 47 -32.95 -23.68 28.07
C HIS D 47 -33.48 -22.37 27.52
N PHE D 48 -32.56 -21.45 27.25
CA PHE D 48 -32.93 -20.19 26.67
C PHE D 48 -33.32 -20.40 25.20
N ALA D 49 -34.27 -19.59 24.77
CA ALA D 49 -34.67 -19.54 23.38
C ALA D 49 -33.55 -18.88 22.55
N ILE D 50 -33.45 -19.31 21.31
CA ILE D 50 -32.40 -18.91 20.40
C ILE D 50 -33.05 -18.61 19.05
N ILE D 51 -32.57 -17.57 18.38
CA ILE D 51 -32.93 -17.29 16.96
C ILE D 51 -31.64 -17.08 16.18
N GLY D 52 -31.48 -17.79 15.07
CA GLY D 52 -30.32 -17.60 14.18
C GLY D 52 -30.56 -18.10 12.77
N ILE D 53 -29.54 -17.95 11.93
CA ILE D 53 -29.58 -18.59 10.64
C ILE D 53 -28.82 -19.91 10.76
N ALA D 54 -29.39 -20.94 10.13
CA ALA D 54 -28.87 -22.27 10.23
C ALA D 54 -28.92 -22.93 8.85
N ALA D 55 -28.12 -24.00 8.71
CA ALA D 55 -28.21 -24.88 7.54
C ALA D 55 -29.44 -25.80 7.68
N GLY D 56 -30.49 -25.54 6.88
CA GLY D 56 -31.75 -26.35 6.96
C GLY D 56 -31.63 -27.73 6.30
N ILE D 57 -30.83 -28.59 6.91
CA ILE D 57 -30.57 -29.92 6.37
C ILE D 57 -30.75 -30.98 7.47
N ALA D 58 -31.32 -30.62 8.60
CA ALA D 58 -31.66 -31.54 9.66
C ALA D 58 -32.68 -30.88 10.58
N ASP D 59 -33.39 -31.71 11.36
CA ASP D 59 -34.32 -31.26 12.40
C ASP D 59 -33.54 -31.02 13.71
N TYR D 60 -32.38 -30.39 13.52
CA TYR D 60 -31.48 -29.94 14.56
C TYR D 60 -30.97 -28.55 14.15
N PRO D 61 -30.92 -27.56 15.07
CA PRO D 61 -30.52 -26.20 14.66
C PRO D 61 -29.01 -26.04 14.43
N LEU D 62 -28.61 -26.20 13.16
CA LEU D 62 -27.21 -26.15 12.74
C LEU D 62 -26.85 -24.68 12.45
N TYR D 63 -26.66 -23.90 13.50
CA TYR D 63 -26.59 -22.44 13.38
C TYR D 63 -25.23 -22.02 12.82
N TYR D 64 -25.24 -20.97 12.02
CA TYR D 64 -23.99 -20.30 11.68
C TYR D 64 -23.72 -19.18 12.68
N ASP D 65 -24.82 -18.57 13.13
CA ASP D 65 -24.77 -17.54 14.15
C ASP D 65 -26.15 -17.38 14.77
N ALA D 66 -26.21 -16.86 15.99
CA ALA D 66 -27.49 -16.69 16.63
C ALA D 66 -27.33 -15.75 17.83
N ILE D 67 -28.47 -15.32 18.35
CA ILE D 67 -28.58 -14.63 19.65
C ILE D 67 -29.65 -15.36 20.46
N ASN D 68 -29.65 -15.15 21.78
CA ASN D 68 -30.69 -15.71 22.65
C ASN D 68 -31.53 -14.58 23.27
N GLU D 69 -32.54 -15.02 23.99
CA GLU D 69 -33.54 -14.15 24.59
C GLU D 69 -32.94 -13.30 25.71
N LYS D 70 -31.71 -13.59 26.15
CA LYS D 70 -31.06 -12.82 27.21
C LYS D 70 -30.01 -11.88 26.62
N GLY D 71 -29.86 -11.85 25.30
CA GLY D 71 -29.08 -10.80 24.65
C GLY D 71 -27.61 -11.15 24.50
N LEU D 72 -27.33 -12.45 24.37
CA LEU D 72 -26.00 -13.01 24.13
C LEU D 72 -25.96 -13.57 22.71
N GLY D 73 -24.91 -13.21 21.97
CA GLY D 73 -24.74 -13.66 20.60
C GLY D 73 -23.49 -14.51 20.40
N MET D 74 -23.56 -15.36 19.39
CA MET D 74 -22.44 -16.20 19.07
C MET D 74 -22.43 -16.45 17.55
N ALA D 75 -21.23 -16.47 16.97
CA ALA D 75 -21.12 -16.71 15.55
C ALA D 75 -19.90 -17.57 15.28
N GLY D 76 -20.05 -18.52 14.35
CA GLY D 76 -18.94 -19.33 13.87
C GLY D 76 -18.47 -18.83 12.52
N LEU D 77 -17.17 -18.65 12.37
CA LEU D 77 -16.56 -18.08 11.16
C LEU D 77 -15.41 -18.98 10.71
N ASN D 78 -15.21 -19.08 9.40
CA ASN D 78 -14.23 -20.01 8.83
C ASN D 78 -12.85 -19.76 9.45
N PHE D 79 -12.14 -20.83 9.78
CA PHE D 79 -10.83 -20.75 10.43
C PHE D 79 -9.94 -21.88 9.86
N SER D 80 -9.95 -21.99 8.52
CA SER D 80 -9.50 -23.22 7.87
C SER D 80 -7.98 -23.35 7.93
N GLY D 81 -7.50 -24.46 8.49
CA GLY D 81 -6.08 -24.72 8.63
C GLY D 81 -5.57 -24.24 9.97
N TYR D 82 -6.41 -23.55 10.72
CA TYR D 82 -6.00 -23.07 12.02
C TYR D 82 -6.81 -23.82 13.08
N ALA D 83 -8.09 -24.05 12.84
CA ALA D 83 -8.94 -24.77 13.82
C ALA D 83 -8.36 -26.18 14.05
N ASP D 84 -8.37 -26.60 15.30
CA ASP D 84 -8.04 -27.99 15.66
C ASP D 84 -9.01 -28.45 16.74
N TYR D 85 -9.68 -29.56 16.47
CA TYR D 85 -10.61 -30.14 17.41
C TYR D 85 -9.96 -31.38 18.04
N LYS D 86 -10.42 -31.81 19.19
CA LYS D 86 -9.59 -32.66 20.04
C LYS D 86 -10.24 -34.03 20.23
N LYS D 87 -9.42 -34.93 20.74
CA LYS D 87 -9.90 -36.17 21.35
C LYS D 87 -10.66 -35.85 22.64
N ILE D 88 -11.59 -36.73 22.96
CA ILE D 88 -12.34 -36.62 24.18
C ILE D 88 -11.34 -36.49 25.33
N GLU D 89 -11.64 -35.65 26.29
CA GLU D 89 -10.68 -35.40 27.35
C GLU D 89 -11.38 -35.51 28.72
N GLU D 90 -10.77 -36.29 29.59
CA GLU D 90 -11.27 -36.61 30.90
C GLU D 90 -11.28 -35.36 31.79
N GLY D 91 -12.38 -35.13 32.48
CA GLY D 91 -12.49 -34.02 33.41
C GLY D 91 -12.90 -32.72 32.73
N LYS D 92 -13.05 -32.76 31.40
CA LYS D 92 -13.49 -31.62 30.60
C LYS D 92 -14.93 -31.82 30.14
N GLU D 93 -15.59 -30.71 29.83
CA GLU D 93 -16.86 -30.70 29.15
C GLU D 93 -16.61 -30.74 27.64
N ASN D 94 -16.79 -31.95 27.11
CA ASN D 94 -16.44 -32.32 25.76
C ASN D 94 -17.60 -31.99 24.80
N VAL D 95 -17.51 -30.83 24.15
CA VAL D 95 -18.58 -30.31 23.29
C VAL D 95 -18.10 -30.32 21.84
N SER D 96 -18.90 -30.89 20.92
CA SER D 96 -18.62 -30.80 19.49
C SER D 96 -18.84 -29.36 19.01
N PRO D 97 -18.01 -28.90 18.06
CA PRO D 97 -18.25 -27.60 17.43
C PRO D 97 -19.70 -27.44 16.90
N PHE D 98 -20.34 -28.51 16.42
CA PHE D 98 -21.72 -28.39 15.87
C PHE D 98 -22.73 -28.19 17.01
N GLU D 99 -22.35 -28.52 18.25
CA GLU D 99 -23.19 -28.37 19.46
C GLU D 99 -22.88 -27.08 20.22
N PHE D 100 -21.85 -26.37 19.79
CA PHE D 100 -21.20 -25.35 20.60
C PHE D 100 -22.13 -24.14 20.81
N ILE D 101 -22.76 -23.66 19.75
CA ILE D 101 -23.65 -22.52 19.87
C ILE D 101 -24.89 -22.87 20.73
N PRO D 102 -25.49 -24.04 20.51
CA PRO D 102 -26.53 -24.47 21.46
C PRO D 102 -26.03 -24.58 22.91
N TRP D 103 -24.85 -25.14 23.14
CA TRP D 103 -24.27 -25.36 24.49
C TRP D 103 -24.19 -24.02 25.23
N VAL D 104 -23.75 -22.96 24.54
CA VAL D 104 -23.47 -21.69 25.18
C VAL D 104 -24.77 -20.88 25.25
N LEU D 105 -25.41 -20.68 24.11
CA LEU D 105 -26.59 -19.80 24.06
C LEU D 105 -27.75 -20.42 24.86
N GLY D 106 -27.76 -21.72 25.04
CA GLY D 106 -28.81 -22.38 25.83
C GLY D 106 -28.71 -22.07 27.32
N GLN D 107 -27.50 -21.87 27.84
CA GLN D 107 -27.37 -21.78 29.32
C GLN D 107 -26.73 -20.47 29.80
N CYS D 108 -26.20 -19.59 28.94
CA CYS D 108 -25.54 -18.34 29.40
C CYS D 108 -26.31 -17.08 28.98
N SER D 109 -26.34 -16.13 29.91
CA SER D 109 -27.08 -14.87 29.81
C SER D 109 -26.14 -13.72 29.39
N THR D 110 -24.84 -13.92 29.59
CA THR D 110 -23.84 -12.87 29.49
C THR D 110 -22.52 -13.48 28.99
N VAL D 111 -21.62 -12.64 28.51
CA VAL D 111 -20.30 -13.12 28.12
C VAL D 111 -19.55 -13.64 29.36
N ASP D 112 -19.71 -12.98 30.50
CA ASP D 112 -19.04 -13.41 31.72
C ASP D 112 -19.45 -14.85 32.10
N GLU D 113 -20.75 -15.15 31.98
CA GLU D 113 -21.27 -16.52 32.17
C GLU D 113 -20.66 -17.47 31.13
N ALA D 114 -20.52 -17.03 29.89
CA ALA D 114 -19.91 -17.86 28.88
C ALA D 114 -18.42 -18.09 29.21
N LYS D 115 -17.72 -17.09 29.74
CA LYS D 115 -16.30 -17.24 30.08
C LYS D 115 -16.11 -18.37 31.11
N LYS D 116 -16.95 -18.39 32.16
CA LYS D 116 -16.90 -19.44 33.17
C LYS D 116 -17.10 -20.82 32.54
N LEU D 117 -18.14 -20.94 31.72
CA LEU D 117 -18.44 -22.19 31.04
C LEU D 117 -17.26 -22.61 30.16
N LEU D 118 -16.62 -21.64 29.50
CA LEU D 118 -15.53 -21.94 28.57
C LEU D 118 -14.27 -22.45 29.30
N LYS D 119 -14.07 -22.15 30.58
CA LYS D 119 -12.90 -22.66 31.33
C LYS D 119 -12.82 -24.18 31.29
N ASN D 120 -13.92 -24.88 31.09
CA ASN D 120 -13.95 -26.33 31.29
C ASN D 120 -14.14 -27.05 29.94
N LEU D 121 -14.09 -26.26 28.86
CA LEU D 121 -14.46 -26.72 27.54
C LEU D 121 -13.32 -27.49 26.89
N ASN D 122 -13.68 -28.55 26.20
CA ASN D 122 -12.81 -29.19 25.22
C ASN D 122 -13.63 -29.41 23.95
N LEU D 123 -13.30 -28.70 22.87
CA LEU D 123 -14.05 -28.86 21.63
C LEU D 123 -13.60 -30.19 20.99
N VAL D 124 -14.54 -31.12 20.81
CA VAL D 124 -14.20 -32.50 20.35
C VAL D 124 -14.54 -32.68 18.88
N ASN D 125 -13.79 -33.57 18.23
CA ASN D 125 -13.91 -33.82 16.81
C ASN D 125 -15.03 -34.83 16.52
N ILE D 126 -16.27 -34.47 16.84
CA ILE D 126 -17.44 -35.33 16.58
C ILE D 126 -18.35 -34.66 15.55
N ASN D 127 -18.54 -35.31 14.41
CA ASN D 127 -19.41 -34.80 13.35
C ASN D 127 -20.88 -34.98 13.72
N PHE D 128 -21.71 -34.04 13.25
CA PHE D 128 -23.16 -34.18 13.39
C PHE D 128 -23.58 -35.54 12.82
N SER D 129 -23.12 -35.84 11.62
CA SER D 129 -23.28 -37.16 11.05
C SER D 129 -22.18 -37.44 10.03
N ASP D 130 -22.03 -38.73 9.71
CA ASP D 130 -21.15 -39.21 8.63
C ASP D 130 -21.44 -38.46 7.31
N GLU D 131 -22.65 -37.94 7.13
CA GLU D 131 -23.01 -37.14 5.95
C GLU D 131 -22.70 -35.64 6.12
N LEU D 132 -22.26 -35.16 7.28
CA LEU D 132 -21.93 -33.72 7.44
C LEU D 132 -20.68 -33.57 8.33
N PRO D 133 -19.51 -33.61 7.72
CA PRO D 133 -18.31 -33.46 8.53
C PRO D 133 -18.24 -32.05 9.14
N LEU D 134 -17.48 -31.91 10.22
CA LEU D 134 -17.28 -30.64 10.92
C LEU D 134 -16.56 -29.62 10.04
N SER D 135 -16.96 -28.36 10.16
CA SER D 135 -16.23 -27.26 9.53
C SER D 135 -15.16 -26.73 10.49
N PRO D 136 -13.99 -26.33 9.95
CA PRO D 136 -13.02 -25.59 10.75
C PRO D 136 -13.48 -24.15 11.04
N LEU D 137 -13.68 -23.82 12.33
CA LEU D 137 -14.25 -22.52 12.72
C LEU D 137 -13.47 -21.92 13.90
N HIS D 138 -13.68 -20.60 14.07
CA HIS D 138 -13.46 -19.92 15.34
C HIS D 138 -14.68 -19.02 15.63
N TRP D 139 -14.82 -18.52 16.86
CA TRP D 139 -16.11 -17.96 17.26
C TRP D 139 -15.93 -16.58 17.90
N LEU D 140 -16.86 -15.69 17.56
CA LEU D 140 -17.06 -14.43 18.28
C LEU D 140 -18.29 -14.57 19.17
N LEU D 141 -18.23 -14.14 20.41
CA LEU D 141 -19.39 -14.05 21.31
C LEU D 141 -19.52 -12.59 21.77
N ALA D 142 -20.74 -12.13 22.05
CA ALA D 142 -20.93 -10.75 22.44
C ALA D 142 -22.23 -10.56 23.23
N ASP D 143 -22.18 -9.66 24.22
CA ASP D 143 -23.41 -9.14 24.83
C ASP D 143 -23.24 -7.63 24.86
N LYS D 144 -24.13 -6.92 25.56
CA LYS D 144 -24.06 -5.47 25.66
C LYS D 144 -22.81 -4.96 26.39
N GLU D 145 -22.00 -5.81 27.04
CA GLU D 145 -20.81 -5.33 27.80
C GLU D 145 -19.53 -5.47 26.98
N GLN D 146 -19.39 -6.58 26.25
CA GLN D 146 -18.08 -6.96 25.74
C GLN D 146 -18.25 -8.05 24.68
N SER D 147 -17.15 -8.33 24.03
CA SER D 147 -17.10 -9.44 23.11
C SER D 147 -15.83 -10.23 23.40
N ILE D 148 -15.84 -11.48 23.00
CA ILE D 148 -14.69 -12.35 23.18
C ILE D 148 -14.54 -13.20 21.91
N VAL D 149 -13.36 -13.75 21.73
CA VAL D 149 -13.06 -14.62 20.61
C VAL D 149 -12.59 -15.98 21.14
N VAL D 150 -13.08 -17.08 20.55
CA VAL D 150 -12.64 -18.41 20.98
C VAL D 150 -11.93 -19.12 19.83
N GLU D 151 -10.70 -19.54 20.08
CA GLU D 151 -9.92 -20.27 19.09
C GLU D 151 -9.34 -21.54 19.73
N SER D 152 -9.75 -22.67 19.16
CA SER D 152 -9.16 -23.98 19.39
C SER D 152 -8.19 -24.28 18.25
N THR D 153 -6.88 -24.13 18.53
CA THR D 153 -5.82 -24.41 17.58
C THR D 153 -5.01 -25.60 18.10
N LYS D 154 -3.97 -25.94 17.34
CA LYS D 154 -3.11 -27.08 17.71
C LYS D 154 -2.44 -26.81 19.07
N GLU D 155 -2.08 -25.57 19.37
CA GLU D 155 -1.44 -25.27 20.66
C GLU D 155 -2.47 -25.35 21.80
N GLY D 156 -3.74 -25.09 21.52
CA GLY D 156 -4.80 -25.37 22.48
C GLY D 156 -5.95 -24.38 22.36
N LEU D 157 -6.62 -24.14 23.50
CA LEU D 157 -7.86 -23.38 23.56
C LEU D 157 -7.60 -22.02 24.23
N ARG D 158 -7.88 -20.95 23.50
CA ARG D 158 -7.64 -19.60 23.97
C ARG D 158 -8.93 -18.81 23.85
N VAL D 159 -9.20 -18.02 24.86
CA VAL D 159 -10.33 -17.13 24.90
C VAL D 159 -9.76 -15.72 25.03
N PHE D 160 -10.00 -14.86 24.05
CA PHE D 160 -9.47 -13.50 24.06
C PHE D 160 -10.56 -12.48 24.38
N ASP D 161 -10.22 -11.42 25.12
CA ASP D 161 -11.09 -10.25 25.14
CA ASP D 161 -11.05 -10.22 25.15
C ASP D 161 -10.91 -9.56 23.79
N ASN D 162 -12.03 -9.01 23.26
CA ASN D 162 -12.03 -8.45 21.89
C ASN D 162 -12.27 -6.95 22.00
N PRO D 163 -11.20 -6.17 21.93
CA PRO D 163 -11.41 -4.76 22.18
C PRO D 163 -12.08 -3.99 21.02
N VAL D 164 -12.16 -4.54 19.81
CA VAL D 164 -12.72 -3.84 18.63
C VAL D 164 -14.12 -4.40 18.27
N GLY D 165 -14.55 -5.53 18.84
CA GLY D 165 -15.84 -6.13 18.46
C GLY D 165 -15.91 -6.58 17.01
N VAL D 166 -14.82 -7.09 16.48
CA VAL D 166 -14.75 -7.56 15.13
C VAL D 166 -14.00 -8.89 15.09
N LEU D 167 -14.34 -9.76 14.12
CA LEU D 167 -13.58 -10.97 13.82
C LEU D 167 -13.75 -11.35 12.33
N THR D 168 -12.72 -11.93 11.71
CA THR D 168 -12.84 -12.42 10.33
C THR D 168 -12.43 -13.88 10.32
N ASN D 169 -11.42 -14.24 9.52
CA ASN D 169 -11.04 -15.63 9.35
C ASN D 169 -9.61 -15.78 9.90
N ASN D 170 -8.71 -16.44 9.12
CA ASN D 170 -7.33 -16.66 9.57
C ASN D 170 -6.59 -15.31 9.53
N PRO D 171 -5.50 -15.21 10.30
CA PRO D 171 -4.86 -16.16 11.25
C PRO D 171 -5.41 -15.97 12.68
N THR D 172 -4.61 -16.28 13.71
CA THR D 172 -5.08 -16.19 15.08
C THR D 172 -5.35 -14.72 15.44
N PHE D 173 -6.22 -14.51 16.44
CA PHE D 173 -6.73 -13.20 16.85
C PHE D 173 -5.58 -12.31 17.36
N ASP D 174 -4.57 -12.89 17.98
CA ASP D 174 -3.40 -12.09 18.36
C ASP D 174 -2.70 -11.42 17.19
N TYR D 175 -2.53 -12.08 16.05
CA TYR D 175 -1.96 -11.42 14.87
C TYR D 175 -2.90 -10.30 14.42
N GLN D 176 -4.19 -10.64 14.35
CA GLN D 176 -5.19 -9.72 13.82
C GLN D 176 -5.14 -8.41 14.59
N LEU D 177 -5.10 -8.49 15.93
CA LEU D 177 -5.01 -7.26 16.77
C LEU D 177 -3.65 -6.59 16.58
N PHE D 178 -2.58 -7.36 16.61
CA PHE D 178 -1.27 -6.73 16.49
C PHE D 178 -1.19 -5.92 15.19
N ASN D 179 -1.66 -6.49 14.08
CA ASN D 179 -1.60 -5.87 12.71
C ASN D 179 -2.27 -4.49 12.70
N LEU D 180 -3.28 -4.26 13.55
CA LEU D 180 -3.93 -2.93 13.65
C LEU D 180 -2.89 -1.84 13.98
N ASN D 181 -1.83 -2.24 14.69
CA ASN D 181 -0.74 -1.33 15.06
C ASN D 181 -0.22 -0.59 13.84
N ASN D 182 -0.25 -1.27 12.69
CA ASN D 182 0.27 -0.71 11.46
C ASN D 182 -0.62 0.45 10.93
N TYR D 183 -1.84 0.66 11.43
CA TYR D 183 -2.78 1.56 10.78
C TYR D 183 -3.08 2.77 11.68
N ARG D 184 -2.19 3.01 12.66
CA ARG D 184 -2.43 4.03 13.67
C ARG D 184 -2.66 5.41 13.01
N VAL D 185 -2.06 5.66 11.85
CA VAL D 185 -2.16 7.00 11.25
C VAL D 185 -3.53 7.20 10.57
N LEU D 186 -4.25 6.15 10.20
CA LEU D 186 -5.49 6.33 9.41
C LEU D 186 -6.44 7.27 10.17
N SER D 187 -7.12 8.12 9.43
CA SER D 187 -7.98 9.14 10.03
C SER D 187 -9.25 9.36 9.19
N THR D 188 -10.27 9.88 9.85
CA THR D 188 -11.49 10.29 9.18
C THR D 188 -11.35 11.73 8.67
N ARG D 189 -10.28 12.42 9.07
CA ARG D 189 -10.04 13.83 8.73
C ARG D 189 -8.90 13.95 7.72
N THR D 190 -8.93 15.02 6.95
CA THR D 190 -7.86 15.31 6.01
C THR D 190 -6.54 15.46 6.80
N PRO D 191 -5.50 14.71 6.42
CA PRO D 191 -4.23 14.87 7.14
C PRO D 191 -3.50 16.18 6.80
N LYS D 192 -2.71 16.67 7.76
CA LYS D 192 -1.73 17.75 7.51
C LYS D 192 -0.71 17.27 6.46
N ASN D 193 -0.05 18.23 5.81
CA ASN D 193 1.08 17.91 4.92
C ASN D 193 2.30 17.67 5.80
N ASN D 194 2.56 16.41 6.17
CA ASN D 194 3.71 16.12 7.03
C ASN D 194 4.94 15.74 6.18
N PHE D 195 4.68 15.27 4.94
CA PHE D 195 5.67 14.84 3.95
C PHE D 195 6.86 15.81 3.95
N SER D 196 6.55 17.09 3.82
CA SER D 196 7.55 18.15 3.73
C SER D 196 6.88 19.51 3.74
N ASP D 197 7.38 20.43 4.56
CA ASP D 197 6.81 21.77 4.61
C ASP D 197 7.48 22.68 3.57
N GLN D 198 8.37 22.11 2.76
CA GLN D 198 9.05 22.83 1.67
C GLN D 198 8.18 22.82 0.41
N ILE D 199 7.07 22.09 0.40
CA ILE D 199 6.27 22.01 -0.81
C ILE D 199 4.80 22.03 -0.42
N GLU D 200 3.99 22.53 -1.34
CA GLU D 200 2.56 22.58 -1.16
C GLU D 200 1.98 21.34 -1.87
N LEU D 201 1.28 20.51 -1.12
CA LEU D 201 0.58 19.36 -1.69
C LEU D 201 -0.92 19.62 -1.59
N ASP D 202 -1.68 19.38 -2.66
CA ASP D 202 -3.08 19.82 -2.69
C ASP D 202 -3.98 18.68 -2.22
N ILE D 203 -4.99 19.11 -1.46
CA ILE D 203 -6.04 18.24 -0.99
C ILE D 203 -7.03 18.09 -2.15
N TYR D 204 -6.78 17.16 -3.06
CA TYR D 204 -7.57 17.09 -4.29
C TYR D 204 -8.83 16.22 -4.16
N SER D 205 -8.98 15.52 -3.03
CA SER D 205 -10.12 14.64 -2.74
C SER D 205 -10.53 14.79 -1.28
N ARG D 206 -11.79 14.57 -0.99
CA ARG D 206 -12.25 14.29 0.38
C ARG D 206 -11.82 12.86 0.72
N GLY D 207 -11.81 12.49 1.98
CA GLY D 207 -11.54 11.10 2.34
C GLY D 207 -10.05 10.74 2.36
N MET D 208 -9.11 11.68 2.21
CA MET D 208 -7.69 11.28 2.03
C MET D 208 -7.12 10.67 3.34
N GLY D 209 -7.80 10.90 4.48
CA GLY D 209 -7.33 10.46 5.77
C GLY D 209 -7.23 8.95 5.86
N GLY D 210 -8.05 8.26 5.08
CA GLY D 210 -8.10 6.80 5.08
C GLY D 210 -7.09 6.16 4.16
N ILE D 211 -6.36 6.92 3.36
CA ILE D 211 -5.47 6.30 2.35
C ILE D 211 -4.53 5.34 3.09
N GLY D 212 -4.39 4.14 2.54
CA GLY D 212 -3.67 3.02 3.24
C GLY D 212 -4.62 1.90 3.70
N LEU D 213 -5.90 2.21 3.83
CA LEU D 213 -6.87 1.24 4.26
C LEU D 213 -7.01 0.20 3.14
N PRO D 214 -6.86 -1.09 3.46
CA PRO D 214 -6.89 -2.15 2.45
C PRO D 214 -8.32 -2.46 1.99
N GLY D 215 -8.47 -2.72 0.69
CA GLY D 215 -9.75 -2.84 0.05
C GLY D 215 -9.98 -4.21 -0.56
N ASP D 216 -9.07 -5.14 -0.36
CA ASP D 216 -9.20 -6.44 -0.98
C ASP D 216 -10.13 -7.28 -0.12
N LEU D 217 -10.46 -8.48 -0.59
CA LEU D 217 -11.43 -9.34 0.09
CA LEU D 217 -11.43 -9.40 0.03
C LEU D 217 -10.73 -10.38 0.99
N SER D 218 -9.43 -10.20 1.25
CA SER D 218 -8.72 -11.12 2.16
C SER D 218 -9.15 -10.88 3.63
N SER D 219 -8.90 -11.91 4.46
CA SER D 219 -9.30 -11.98 5.86
C SER D 219 -8.68 -10.86 6.71
N VAL D 220 -7.39 -10.61 6.59
CA VAL D 220 -6.76 -9.54 7.37
C VAL D 220 -7.22 -8.16 6.85
N SER D 221 -7.24 -7.96 5.54
CA SER D 221 -7.71 -6.70 4.99
C SER D 221 -9.12 -6.37 5.50
N ARG D 222 -10.03 -7.34 5.34
CA ARG D 222 -11.41 -7.18 5.77
C ARG D 222 -11.47 -6.90 7.27
N PHE D 223 -10.63 -7.57 8.08
CA PHE D 223 -10.57 -7.27 9.52
C PHE D 223 -10.23 -5.78 9.74
N VAL D 224 -9.26 -5.29 8.99
CA VAL D 224 -8.78 -3.92 9.20
C VAL D 224 -9.89 -2.96 8.75
N LYS D 225 -10.48 -3.20 7.58
CA LYS D 225 -11.48 -2.26 7.08
C LYS D 225 -12.76 -2.30 7.94
N ALA D 226 -13.19 -3.47 8.40
CA ALA D 226 -14.42 -3.53 9.21
C ALA D 226 -14.17 -2.83 10.54
N THR D 227 -12.96 -2.99 11.08
CA THR D 227 -12.63 -2.40 12.39
C THR D 227 -12.66 -0.87 12.29
N PHE D 228 -11.95 -0.34 11.30
CA PHE D 228 -11.90 1.13 11.07
C PHE D 228 -13.31 1.71 10.83
N THR D 229 -14.10 1.04 9.99
CA THR D 229 -15.44 1.55 9.65
C THR D 229 -16.39 1.45 10.85
N LYS D 230 -16.27 0.36 11.60
CA LYS D 230 -17.11 0.16 12.77
C LYS D 230 -16.77 1.19 13.85
N LEU D 231 -15.50 1.31 14.19
CA LEU D 231 -15.11 2.17 15.30
C LEU D 231 -15.34 3.63 14.93
N ASN D 232 -15.31 3.98 13.63
CA ASN D 232 -15.50 5.41 13.24
C ASN D 232 -16.94 5.70 12.76
N SER D 233 -17.84 4.71 12.83
CA SER D 233 -19.24 4.92 12.43
C SER D 233 -19.89 5.95 13.36
N VAL D 234 -20.79 6.76 12.85
CA VAL D 234 -21.75 7.47 13.67
C VAL D 234 -23.16 7.11 13.17
N SER D 235 -24.12 7.26 14.05
CA SER D 235 -25.54 7.27 13.66
C SER D 235 -26.35 7.72 14.86
N ARG D 236 -27.58 8.13 14.62
CA ARG D 236 -28.47 8.51 15.70
C ARG D 236 -29.06 7.22 16.30
N SER D 237 -29.76 7.35 17.43
CA SER D 237 -29.99 6.22 18.31
C SER D 237 -31.23 5.38 17.91
N SER D 238 -31.97 5.76 16.86
CA SER D 238 -33.19 5.06 16.45
C SER D 238 -32.88 3.67 15.88
N GLU D 239 -33.86 2.79 15.92
CA GLU D 239 -33.69 1.41 15.48
C GLU D 239 -33.24 1.38 14.01
N TYR D 240 -33.98 2.10 13.17
CA TYR D 240 -33.77 2.01 11.73
C TYR D 240 -32.43 2.65 11.35
N GLU D 241 -32.10 3.78 11.95
CA GLU D 241 -30.81 4.43 11.66
C GLU D 241 -29.66 3.58 12.24
N SER D 242 -29.87 2.92 13.36
CA SER D 242 -28.81 2.11 13.92
C SER D 242 -28.52 0.92 12.99
N ILE D 243 -29.55 0.16 12.66
CA ILE D 243 -29.35 -1.06 11.85
C ILE D 243 -28.84 -0.66 10.45
N SER D 244 -29.32 0.47 9.93
CA SER D 244 -28.82 1.02 8.68
C SER D 244 -27.30 1.15 8.72
N GLN D 245 -26.77 1.76 9.79
CA GLN D 245 -25.33 1.97 9.93
C GLN D 245 -24.62 0.62 10.00
N PHE D 246 -25.25 -0.32 10.70
CA PHE D 246 -24.70 -1.65 10.90
C PHE D 246 -24.57 -2.37 9.55
N PHE D 247 -25.57 -2.31 8.70
CA PHE D 247 -25.50 -2.97 7.41
C PHE D 247 -24.54 -2.21 6.49
N HIS D 248 -24.40 -0.90 6.68
CA HIS D 248 -23.37 -0.15 5.96
C HIS D 248 -21.97 -0.70 6.34
N ILE D 249 -21.76 -0.97 7.64
CA ILE D 249 -20.46 -1.50 8.08
C ILE D 249 -20.21 -2.85 7.38
N LEU D 250 -21.20 -3.75 7.41
CA LEU D 250 -21.02 -5.07 6.78
C LEU D 250 -20.83 -4.93 5.27
N SER D 251 -21.55 -4.03 4.65
CA SER D 251 -21.41 -3.77 3.21
C SER D 251 -19.96 -3.43 2.83
N SER D 252 -19.24 -2.71 3.71
CA SER D 252 -17.85 -2.28 3.44
C SER D 252 -16.91 -3.46 3.17
N VAL D 253 -17.25 -4.64 3.71
CA VAL D 253 -16.34 -5.76 3.60
C VAL D 253 -17.06 -6.98 3.03
N GLU D 254 -18.15 -6.77 2.29
CA GLU D 254 -18.81 -7.89 1.60
C GLU D 254 -17.98 -8.29 0.37
N GLN D 255 -18.26 -9.50 -0.11
CA GLN D 255 -17.54 -10.08 -1.22
C GLN D 255 -18.51 -10.24 -2.40
N GLN D 256 -18.16 -9.56 -3.49
CA GLN D 256 -18.98 -9.51 -4.67
C GLN D 256 -18.65 -10.73 -5.51
N LYS D 257 -19.71 -11.32 -6.07
CA LYS D 257 -19.60 -12.46 -6.94
C LYS D 257 -18.72 -12.13 -8.15
N GLY D 258 -17.68 -12.94 -8.34
CA GLY D 258 -16.72 -12.79 -9.43
C GLY D 258 -15.35 -12.36 -8.92
N LEU D 259 -15.32 -11.72 -7.74
CA LEU D 259 -14.13 -11.05 -7.25
C LEU D 259 -13.23 -12.01 -6.46
N CYS D 260 -13.80 -13.09 -5.90
CA CYS D 260 -12.99 -14.04 -5.11
C CYS D 260 -13.17 -15.45 -5.66
N ASP D 261 -12.26 -15.81 -6.56
CA ASP D 261 -12.22 -17.11 -7.22
C ASP D 261 -11.51 -18.09 -6.29
N VAL D 262 -12.25 -19.04 -5.72
CA VAL D 262 -11.65 -19.99 -4.76
C VAL D 262 -11.14 -21.24 -5.49
N GLY D 263 -11.30 -21.35 -6.80
CA GLY D 263 -11.10 -22.65 -7.43
C GLY D 263 -11.11 -22.56 -8.93
N ASP D 264 -12.05 -23.24 -9.57
CA ASP D 264 -12.16 -23.17 -11.04
C ASP D 264 -13.36 -22.34 -11.38
N GLU D 265 -13.14 -21.02 -11.34
CA GLU D 265 -14.21 -20.02 -11.49
C GLU D 265 -15.39 -20.44 -10.59
N LYS D 266 -15.08 -20.66 -9.31
CA LYS D 266 -16.03 -20.84 -8.24
C LYS D 266 -15.95 -19.62 -7.32
N TYR D 267 -17.06 -18.91 -7.14
CA TYR D 267 -17.02 -17.57 -6.55
C TYR D 267 -17.60 -17.60 -5.13
N ALA D 268 -16.77 -17.24 -4.17
CA ALA D 268 -17.19 -17.03 -2.81
C ALA D 268 -17.81 -15.64 -2.72
N TYR D 269 -19.00 -15.55 -2.16
CA TYR D 269 -19.75 -14.30 -2.12
C TYR D 269 -20.53 -14.23 -0.80
N THR D 270 -20.94 -13.01 -0.45
CA THR D 270 -21.71 -12.78 0.74
C THR D 270 -23.15 -13.24 0.52
N ILE D 271 -23.42 -14.49 0.87
CA ILE D 271 -24.77 -15.09 0.70
C ILE D 271 -25.77 -14.33 1.58
N TYR D 272 -25.44 -14.08 2.83
CA TYR D 272 -26.30 -13.19 3.65
C TYR D 272 -25.45 -12.27 4.54
N SER D 273 -26.16 -11.25 4.98
CA SER D 273 -25.70 -10.33 5.99
C SER D 273 -26.74 -10.23 7.10
N SER D 274 -26.32 -10.38 8.35
CA SER D 274 -27.25 -10.37 9.49
C SER D 274 -26.94 -9.18 10.42
N CYS D 275 -27.98 -8.74 11.13
CA CYS D 275 -27.92 -7.74 12.23
C CYS D 275 -28.99 -8.13 13.25
N CYS D 276 -28.59 -8.39 14.50
CA CYS D 276 -29.45 -8.82 15.56
C CYS D 276 -29.48 -7.77 16.66
N ASN D 277 -30.67 -7.36 17.06
CA ASN D 277 -30.87 -6.48 18.23
C ASN D 277 -30.90 -7.37 19.47
N LEU D 278 -29.87 -7.27 20.30
CA LEU D 278 -29.70 -8.17 21.45
C LEU D 278 -30.84 -7.98 22.46
N GLU D 279 -31.22 -6.72 22.69
CA GLU D 279 -32.27 -6.39 23.66
C GLU D 279 -33.62 -6.94 23.19
N LYS D 280 -33.91 -6.90 21.90
CA LYS D 280 -35.29 -7.11 21.39
C LYS D 280 -35.48 -8.51 20.79
N GLY D 281 -34.41 -9.28 20.61
CA GLY D 281 -34.57 -10.61 20.04
C GLY D 281 -35.04 -10.57 18.60
N ILE D 282 -34.64 -9.54 17.85
CA ILE D 282 -34.95 -9.45 16.43
C ILE D 282 -33.70 -9.79 15.59
N TYR D 283 -33.86 -10.78 14.70
CA TYR D 283 -32.86 -11.14 13.71
C TYR D 283 -33.21 -10.43 12.39
N TYR D 284 -32.38 -9.46 11.99
CA TYR D 284 -32.55 -8.78 10.70
C TYR D 284 -31.58 -9.41 9.69
N TYR D 285 -31.98 -9.57 8.42
CA TYR D 285 -31.01 -10.11 7.43
C TYR D 285 -31.24 -9.46 6.06
N ARG D 286 -30.16 -9.31 5.31
CA ARG D 286 -30.24 -9.16 3.85
C ARG D 286 -29.59 -10.38 3.19
N THR D 287 -29.81 -10.53 1.87
CA THR D 287 -29.16 -11.59 1.12
C THR D 287 -28.52 -10.97 -0.13
N TYR D 288 -27.73 -11.78 -0.83
CA TYR D 288 -27.01 -11.24 -1.96
C TYR D 288 -28.00 -10.60 -2.93
N ASP D 289 -29.08 -11.34 -3.20
CA ASP D 289 -30.09 -10.96 -4.19
C ASP D 289 -31.41 -10.43 -3.62
N ASN D 290 -31.40 -10.03 -2.34
CA ASN D 290 -32.50 -9.27 -1.76
C ASN D 290 -31.94 -8.20 -0.82
N SER D 291 -31.93 -6.99 -1.32
CA SER D 291 -31.37 -5.83 -0.68
C SER D 291 -32.30 -5.33 0.43
N GLN D 292 -33.59 -5.72 0.37
CA GLN D 292 -34.49 -5.37 1.47
C GLN D 292 -34.07 -6.14 2.74
N ILE D 293 -34.17 -5.42 3.86
CA ILE D 293 -33.95 -6.00 5.18
C ILE D 293 -35.22 -6.74 5.57
N THR D 294 -35.07 -8.00 5.97
CA THR D 294 -36.18 -8.78 6.51
C THR D 294 -35.96 -8.91 8.02
N ALA D 295 -37.04 -8.92 8.82
CA ALA D 295 -36.95 -9.03 10.28
C ALA D 295 -37.76 -10.23 10.75
N VAL D 296 -37.15 -11.03 11.61
CA VAL D 296 -37.82 -12.10 12.34
C VAL D 296 -37.63 -11.81 13.83
N ASP D 297 -38.75 -11.70 14.53
CA ASP D 297 -38.75 -11.34 15.93
C ASP D 297 -39.04 -12.58 16.79
N MET D 298 -37.99 -13.09 17.45
CA MET D 298 -38.05 -14.27 18.34
C MET D 298 -39.29 -14.21 19.25
N ASN D 299 -39.63 -13.01 19.73
CA ASN D 299 -40.61 -12.82 20.80
C ASN D 299 -42.06 -12.92 20.29
N LYS D 300 -42.31 -12.76 19.00
CA LYS D 300 -43.65 -12.99 18.48
C LYS D 300 -43.99 -14.50 18.46
N GLU D 301 -43.08 -15.37 18.85
CA GLU D 301 -43.39 -16.81 18.87
C GLU D 301 -43.72 -17.26 20.29
N ASN D 302 -44.28 -18.48 20.33
CA ASN D 302 -44.49 -19.31 21.52
C ASN D 302 -43.20 -20.08 21.85
N LEU D 303 -42.44 -19.48 22.73
CA LEU D 303 -41.13 -19.95 23.10
C LEU D 303 -41.22 -21.13 24.08
N GLU D 304 -42.44 -21.59 24.40
CA GLU D 304 -42.56 -22.76 25.27
C GLU D 304 -42.81 -23.97 24.37
N LYS D 305 -42.69 -23.79 23.08
CA LYS D 305 -42.82 -24.92 22.18
C LYS D 305 -41.62 -25.85 22.37
N ASP D 306 -41.68 -27.03 21.76
CA ASP D 306 -40.58 -28.01 21.89
C ASP D 306 -40.04 -28.43 20.53
N SER D 307 -40.40 -27.67 19.49
CA SER D 307 -39.98 -27.98 18.15
C SER D 307 -39.50 -26.72 17.44
N LEU D 308 -38.59 -26.91 16.49
CA LEU D 308 -37.95 -25.80 15.78
C LEU D 308 -39.01 -25.04 15.00
N ILE D 309 -38.93 -23.72 15.05
CA ILE D 309 -39.75 -22.80 14.29
C ILE D 309 -38.88 -22.26 13.14
N VAL D 310 -39.17 -22.73 11.91
CA VAL D 310 -38.31 -22.46 10.75
C VAL D 310 -39.00 -21.51 9.74
N TYR D 311 -38.38 -20.35 9.48
CA TYR D 311 -38.78 -19.43 8.38
C TYR D 311 -37.82 -19.53 7.17
N PRO D 312 -38.39 -19.63 5.97
CA PRO D 312 -37.58 -19.53 4.78
C PRO D 312 -36.91 -18.14 4.69
N MET D 313 -35.78 -18.06 4.02
CA MET D 313 -35.14 -16.78 3.83
C MET D 313 -35.63 -16.23 2.50
N VAL D 314 -36.01 -14.95 2.50
CA VAL D 314 -36.44 -14.33 1.26
C VAL D 314 -35.18 -14.01 0.45
N GLU D 315 -35.05 -14.65 -0.70
CA GLU D 315 -33.78 -14.68 -1.43
C GLU D 315 -33.89 -14.07 -2.84
N THR D 316 -35.05 -13.56 -3.21
CA THR D 316 -35.26 -12.87 -4.49
C THR D 316 -35.56 -11.40 -4.19
N GLN D 317 -35.18 -10.51 -5.10
CA GLN D 317 -35.29 -9.05 -4.85
C GLN D 317 -36.75 -8.67 -4.56
N GLN D 318 -36.97 -7.98 -3.45
CA GLN D 318 -38.28 -7.43 -3.12
C GLN D 318 -38.23 -5.94 -3.41
N ILE D 319 -38.80 -5.55 -4.55
CA ILE D 319 -38.67 -4.19 -5.09
C ILE D 319 -39.95 -3.41 -4.78
N ASN D 320 -39.80 -2.16 -4.35
CA ASN D 320 -40.93 -1.28 -4.26
C ASN D 320 -41.11 -0.58 -5.61
N TYR D 321 -42.16 -0.95 -6.34
CA TYR D 321 -42.48 -0.30 -7.61
C TYR D 321 -43.34 0.93 -7.29
N ALA D 322 -42.79 2.12 -7.49
CA ALA D 322 -43.38 3.35 -6.99
C ALA D 322 -44.50 3.84 -7.92
N ASN D 323 -44.49 3.41 -9.17
CA ASN D 323 -45.59 3.73 -10.05
C ASN D 323 -46.09 2.43 -10.70
#